data_2D8S
#
_entry.id   2D8S
#
loop_
_entity.id
_entity.type
_entity.pdbx_description
1 polymer 'cellular modulator of immune recognition'
2 non-polymer 'ZINC ION'
#
_entity_poly.entity_id   1
_entity_poly.type   'polypeptide(L)'
_entity_poly.pdbx_seq_one_letter_code
;GSSGSSGTSITPSSQDICRICHCEGDDESPLITPCHCTGSLHFVHQACLQQWIKSSDTRCCELCKYEFIMETKLSGPSSG
;
_entity_poly.pdbx_strand_id   A
#
# COMPACT_ATOMS: atom_id res chain seq x y z
N GLY A 1 1.55 -31.04 -22.31
CA GLY A 1 1.47 -30.60 -20.93
C GLY A 1 0.65 -29.32 -20.77
N SER A 2 -0.66 -29.49 -20.67
CA SER A 2 -1.57 -28.35 -20.52
C SER A 2 -1.60 -27.86 -19.07
N SER A 3 -0.43 -27.80 -18.45
CA SER A 3 -0.32 -27.37 -17.06
C SER A 3 0.94 -26.54 -16.84
N GLY A 4 0.79 -25.38 -16.20
CA GLY A 4 1.93 -24.52 -15.95
C GLY A 4 2.53 -24.76 -14.57
N SER A 5 3.63 -24.06 -14.28
CA SER A 5 4.31 -24.20 -13.01
C SER A 5 3.94 -23.04 -12.07
N SER A 6 3.62 -23.40 -10.82
CA SER A 6 3.25 -22.40 -9.83
C SER A 6 3.06 -23.04 -8.46
N GLY A 7 3.51 -22.34 -7.41
CA GLY A 7 3.38 -22.86 -6.06
C GLY A 7 3.26 -21.76 -5.03
N THR A 8 3.66 -22.05 -3.81
CA THR A 8 3.59 -21.08 -2.72
C THR A 8 4.94 -20.40 -2.50
N SER A 9 4.99 -19.10 -2.77
CA SER A 9 6.22 -18.33 -2.61
C SER A 9 5.90 -16.87 -2.30
N ILE A 10 6.91 -16.14 -1.85
CA ILE A 10 6.75 -14.73 -1.52
C ILE A 10 8.00 -13.93 -1.86
N THR A 11 7.81 -12.78 -2.50
CA THR A 11 8.93 -11.93 -2.88
C THR A 11 9.72 -11.47 -1.66
N PRO A 12 11.05 -11.62 -1.74
CA PRO A 12 11.95 -11.23 -0.64
C PRO A 12 12.03 -9.72 -0.46
N SER A 13 12.78 -9.28 0.54
CA SER A 13 12.93 -7.86 0.82
C SER A 13 14.06 -7.25 -0.01
N SER A 14 14.06 -7.56 -1.31
CA SER A 14 15.08 -7.06 -2.21
C SER A 14 14.73 -5.65 -2.69
N GLN A 15 13.46 -5.45 -3.02
CA GLN A 15 12.99 -4.15 -3.50
C GLN A 15 11.62 -3.82 -2.92
N ASP A 16 11.43 -2.55 -2.55
CA ASP A 16 10.16 -2.11 -1.99
C ASP A 16 9.16 -1.77 -3.08
N ILE A 17 8.07 -2.53 -3.12
CA ILE A 17 7.03 -2.32 -4.13
C ILE A 17 5.64 -2.56 -3.55
N CYS A 18 4.62 -2.04 -4.22
CA CYS A 18 3.25 -2.20 -3.78
C CYS A 18 3.02 -3.60 -3.20
N ARG A 19 2.08 -3.70 -2.27
CA ARG A 19 1.77 -4.98 -1.64
C ARG A 19 0.42 -5.52 -2.12
N ILE A 20 -0.34 -4.66 -2.80
CA ILE A 20 -1.65 -5.04 -3.31
C ILE A 20 -1.57 -5.46 -4.77
N CYS A 21 -0.94 -4.62 -5.59
CA CYS A 21 -0.79 -4.90 -7.01
C CYS A 21 0.60 -5.48 -7.31
N HIS A 22 1.55 -5.18 -6.45
CA HIS A 22 2.92 -5.67 -6.61
C HIS A 22 3.55 -5.08 -7.87
N CYS A 23 3.55 -3.76 -7.96
CA CYS A 23 4.12 -3.08 -9.12
C CYS A 23 5.05 -1.95 -8.67
N GLU A 24 5.88 -1.47 -9.60
CA GLU A 24 6.82 -0.40 -9.31
C GLU A 24 6.08 0.89 -8.93
N GLY A 25 6.66 1.64 -8.00
CA GLY A 25 6.04 2.88 -7.57
C GLY A 25 6.08 3.95 -8.64
N ASP A 26 4.92 4.48 -9.00
CA ASP A 26 4.82 5.51 -10.03
C ASP A 26 4.78 6.90 -9.39
N ASP A 27 5.03 7.92 -10.21
CA ASP A 27 5.04 9.30 -9.72
C ASP A 27 3.70 9.64 -9.07
N GLU A 28 2.61 9.14 -9.65
CA GLU A 28 1.27 9.40 -9.13
C GLU A 28 0.88 8.33 -8.11
N SER A 29 1.37 7.11 -8.30
CA SER A 29 1.06 6.02 -7.40
C SER A 29 2.33 5.49 -6.73
N PRO A 30 3.11 6.41 -6.16
CA PRO A 30 4.37 6.07 -5.47
C PRO A 30 4.13 5.32 -4.16
N LEU A 31 5.07 4.45 -3.80
CA LEU A 31 4.96 3.67 -2.58
C LEU A 31 5.00 4.58 -1.35
N ILE A 32 3.84 4.80 -0.74
CA ILE A 32 3.75 5.65 0.45
C ILE A 32 3.26 4.85 1.65
N THR A 33 3.68 5.26 2.84
CA THR A 33 3.29 4.59 4.07
C THR A 33 1.92 5.08 4.55
N PRO A 34 0.92 4.19 4.50
CA PRO A 34 -0.45 4.51 4.93
C PRO A 34 -0.56 4.70 6.44
N CYS A 35 0.47 4.27 7.16
CA CYS A 35 0.49 4.39 8.61
C CYS A 35 1.92 4.32 9.15
N HIS A 36 2.05 4.32 10.46
CA HIS A 36 3.36 4.25 11.11
C HIS A 36 4.09 2.96 10.72
N CYS A 37 3.36 1.85 10.77
CA CYS A 37 3.93 0.55 10.44
C CYS A 37 4.95 0.68 9.30
N THR A 38 6.15 0.16 9.53
CA THR A 38 7.20 0.22 8.53
C THR A 38 7.99 -1.09 8.47
N GLY A 39 8.88 -1.20 7.49
CA GLY A 39 9.67 -2.41 7.35
C GLY A 39 9.10 -3.36 6.31
N SER A 40 8.11 -4.15 6.72
CA SER A 40 7.49 -5.11 5.82
C SER A 40 6.94 -4.41 4.58
N LEU A 41 6.23 -5.17 3.74
CA LEU A 41 5.65 -4.62 2.52
C LEU A 41 4.43 -3.77 2.83
N HIS A 42 4.57 -2.87 3.80
CA HIS A 42 3.47 -1.99 4.18
C HIS A 42 3.45 -0.73 3.32
N PHE A 43 3.99 -0.83 2.11
CA PHE A 43 4.04 0.29 1.19
C PHE A 43 3.09 0.08 0.02
N VAL A 44 1.89 0.62 0.13
CA VAL A 44 0.89 0.49 -0.93
C VAL A 44 0.78 1.77 -1.75
N HIS A 45 0.21 1.65 -2.94
CA HIS A 45 0.05 2.81 -3.83
C HIS A 45 -1.10 3.70 -3.34
N GLN A 46 -0.88 5.00 -3.40
CA GLN A 46 -1.89 5.97 -2.97
C GLN A 46 -3.27 5.57 -3.47
N ALA A 47 -3.35 5.19 -4.74
CA ALA A 47 -4.60 4.79 -5.35
C ALA A 47 -5.04 3.40 -4.85
N CYS A 48 -4.22 2.41 -5.11
CA CYS A 48 -4.51 1.04 -4.69
C CYS A 48 -5.13 1.02 -3.30
N LEU A 49 -4.51 1.73 -2.37
CA LEU A 49 -5.00 1.81 -0.99
C LEU A 49 -6.52 1.82 -0.97
N GLN A 50 -7.13 2.60 -1.87
CA GLN A 50 -8.58 2.71 -1.94
C GLN A 50 -9.20 1.33 -2.19
N GLN A 51 -9.00 0.81 -3.40
CA GLN A 51 -9.55 -0.50 -3.76
C GLN A 51 -9.57 -1.44 -2.56
N TRP A 52 -8.46 -1.46 -1.82
CA TRP A 52 -8.35 -2.32 -0.64
C TRP A 52 -9.34 -1.90 0.43
N ILE A 53 -9.41 -0.60 0.70
CA ILE A 53 -10.32 -0.06 1.70
C ILE A 53 -11.76 -0.47 1.41
N LYS A 54 -12.11 -0.49 0.12
CA LYS A 54 -13.46 -0.85 -0.29
C LYS A 54 -13.73 -2.32 -0.02
N SER A 55 -12.85 -3.19 -0.50
CA SER A 55 -12.99 -4.63 -0.31
C SER A 55 -12.90 -4.99 1.18
N SER A 56 -11.72 -4.78 1.75
CA SER A 56 -11.50 -5.09 3.16
C SER A 56 -12.51 -4.36 4.04
N ASP A 57 -13.09 -3.29 3.51
CA ASP A 57 -14.08 -2.51 4.24
C ASP A 57 -13.46 -1.88 5.48
N THR A 58 -12.16 -1.62 5.41
CA THR A 58 -11.43 -1.01 6.52
C THR A 58 -10.75 0.28 6.10
N ARG A 59 -10.84 1.31 6.94
CA ARG A 59 -10.22 2.59 6.65
C ARG A 59 -8.89 2.74 7.40
N CYS A 60 -8.89 2.32 8.66
CA CYS A 60 -7.69 2.42 9.49
C CYS A 60 -6.88 1.12 9.42
N CYS A 61 -5.75 1.10 10.11
CA CYS A 61 -4.88 -0.09 10.13
C CYS A 61 -5.55 -1.23 10.90
N GLU A 62 -4.98 -2.42 10.77
CA GLU A 62 -5.52 -3.60 11.45
C GLU A 62 -4.92 -3.75 12.84
N LEU A 63 -3.67 -3.33 12.99
CA LEU A 63 -2.98 -3.42 14.27
C LEU A 63 -2.94 -2.05 14.95
N CYS A 64 -2.18 -1.13 14.38
CA CYS A 64 -2.06 0.21 14.93
C CYS A 64 -3.39 0.96 14.84
N LYS A 65 -4.32 0.41 14.08
CA LYS A 65 -5.65 1.02 13.91
C LYS A 65 -5.51 2.51 13.60
N TYR A 66 -4.65 2.84 12.64
CA TYR A 66 -4.43 4.22 12.25
C TYR A 66 -5.14 4.54 10.93
N GLU A 67 -5.83 5.67 10.89
CA GLU A 67 -6.54 6.09 9.69
C GLU A 67 -5.57 6.35 8.54
N PHE A 68 -5.81 5.67 7.42
CA PHE A 68 -4.96 5.84 6.24
C PHE A 68 -5.16 7.19 5.60
N ILE A 69 -4.25 7.58 4.71
CA ILE A 69 -4.33 8.85 4.02
C ILE A 69 -4.94 8.70 2.63
N MET A 70 -6.13 9.28 2.46
CA MET A 70 -6.83 9.20 1.18
C MET A 70 -7.32 10.58 0.75
N GLU A 71 -6.68 11.13 -0.28
CA GLU A 71 -7.06 12.46 -0.79
C GLU A 71 -8.57 12.57 -0.92
N THR A 72 -9.18 13.32 -0.01
CA THR A 72 -10.63 13.52 -0.03
C THR A 72 -10.99 14.95 -0.41
N LYS A 73 -12.02 15.10 -1.24
CA LYS A 73 -12.47 16.41 -1.69
C LYS A 73 -13.95 16.61 -1.40
N LEU A 74 -14.74 15.59 -1.69
CA LEU A 74 -16.18 15.66 -1.46
C LEU A 74 -16.65 14.47 -0.62
N SER A 75 -17.61 14.72 0.27
CA SER A 75 -18.15 13.67 1.14
C SER A 75 -18.44 12.42 0.33
N GLY A 76 -19.07 12.59 -0.83
CA GLY A 76 -19.42 11.46 -1.67
C GLY A 76 -20.40 10.52 -1.00
N PRO A 77 -20.48 9.29 -1.51
CA PRO A 77 -21.37 8.26 -0.97
C PRO A 77 -20.94 7.77 0.41
N SER A 78 -21.90 7.27 1.18
CA SER A 78 -21.61 6.77 2.52
C SER A 78 -22.64 5.73 2.93
N SER A 79 -22.37 5.04 4.05
CA SER A 79 -23.27 4.01 4.55
C SER A 79 -24.43 4.64 5.33
N GLY A 80 -25.65 4.37 4.86
CA GLY A 80 -26.82 4.91 5.53
C GLY A 80 -28.11 4.47 4.88
N GLY A 1 -3.45 -30.60 -25.13
CA GLY A 1 -3.04 -29.74 -24.03
C GLY A 1 -1.57 -29.38 -24.10
N SER A 2 -1.29 -28.09 -24.22
CA SER A 2 0.08 -27.60 -24.30
C SER A 2 0.63 -27.26 -22.92
N SER A 3 1.72 -27.90 -22.54
CA SER A 3 2.34 -27.67 -21.23
C SER A 3 2.63 -26.18 -21.03
N GLY A 4 3.47 -25.63 -21.91
CA GLY A 4 3.83 -24.23 -21.80
C GLY A 4 4.62 -23.92 -20.55
N SER A 5 5.76 -23.27 -20.73
CA SER A 5 6.62 -22.92 -19.60
C SER A 5 6.60 -21.41 -19.35
N SER A 6 5.86 -21.00 -18.33
CA SER A 6 5.75 -19.59 -17.98
C SER A 6 6.34 -19.31 -16.60
N GLY A 7 5.96 -20.13 -15.62
CA GLY A 7 6.47 -19.96 -14.27
C GLY A 7 7.98 -20.08 -14.20
N THR A 8 8.63 -19.06 -13.65
CA THR A 8 10.08 -19.05 -13.53
C THR A 8 10.52 -19.43 -12.12
N SER A 9 11.81 -19.69 -11.95
CA SER A 9 12.35 -20.07 -10.65
C SER A 9 12.52 -18.85 -9.75
N ILE A 10 12.31 -19.04 -8.46
CA ILE A 10 12.45 -17.96 -7.49
C ILE A 10 13.58 -17.01 -7.89
N THR A 11 13.41 -15.73 -7.54
CA THR A 11 14.41 -14.72 -7.86
C THR A 11 14.65 -13.79 -6.68
N PRO A 12 15.92 -13.43 -6.45
CA PRO A 12 16.30 -12.53 -5.36
C PRO A 12 15.83 -11.10 -5.58
N SER A 13 15.02 -10.90 -6.63
CA SER A 13 14.50 -9.59 -6.95
C SER A 13 13.93 -8.90 -5.72
N SER A 14 14.72 -8.02 -5.10
CA SER A 14 14.28 -7.31 -3.91
C SER A 14 14.31 -5.80 -4.14
N GLN A 15 13.14 -5.22 -4.38
CA GLN A 15 13.03 -3.79 -4.62
C GLN A 15 11.75 -3.23 -4.00
N ASP A 16 11.88 -2.13 -3.27
CA ASP A 16 10.73 -1.49 -2.63
C ASP A 16 9.64 -1.21 -3.65
N ILE A 17 8.61 -2.05 -3.66
CA ILE A 17 7.49 -1.89 -4.58
C ILE A 17 6.17 -2.19 -3.89
N CYS A 18 5.07 -1.81 -4.54
CA CYS A 18 3.74 -2.04 -3.99
C CYS A 18 3.63 -3.45 -3.42
N ARG A 19 2.56 -3.68 -2.67
CA ARG A 19 2.33 -4.99 -2.05
C ARG A 19 1.03 -5.61 -2.55
N ILE A 20 0.08 -4.76 -2.90
CA ILE A 20 -1.22 -5.22 -3.39
C ILE A 20 -1.14 -5.60 -4.86
N CYS A 21 -0.33 -4.86 -5.62
CA CYS A 21 -0.16 -5.11 -7.05
C CYS A 21 1.28 -5.53 -7.35
N HIS A 22 2.20 -5.15 -6.48
CA HIS A 22 3.60 -5.50 -6.66
C HIS A 22 4.15 -4.90 -7.95
N CYS A 23 4.00 -3.59 -8.09
CA CYS A 23 4.47 -2.88 -9.29
C CYS A 23 5.32 -1.67 -8.91
N GLU A 24 6.12 -1.20 -9.85
CA GLU A 24 6.97 -0.04 -9.62
C GLU A 24 6.16 1.16 -9.15
N GLY A 25 6.71 1.93 -8.22
CA GLY A 25 6.02 3.09 -7.71
C GLY A 25 5.76 4.13 -8.77
N ASP A 26 4.50 4.51 -8.92
CA ASP A 26 4.11 5.51 -9.92
C ASP A 26 4.24 6.92 -9.35
N ASP A 27 4.32 7.90 -10.25
CA ASP A 27 4.45 9.30 -9.84
C ASP A 27 3.25 9.73 -9.00
N GLU A 28 2.05 9.36 -9.45
CA GLU A 28 0.83 9.70 -8.74
C GLU A 28 0.49 8.65 -7.69
N SER A 29 0.86 7.41 -7.95
CA SER A 29 0.60 6.31 -7.03
C SER A 29 1.90 5.70 -6.53
N PRO A 30 2.79 6.55 -5.98
CA PRO A 30 4.08 6.12 -5.45
C PRO A 30 3.94 5.29 -4.18
N LEU A 31 5.07 4.78 -3.68
CA LEU A 31 5.06 3.96 -2.47
C LEU A 31 5.14 4.85 -1.22
N ILE A 32 3.98 5.07 -0.60
CA ILE A 32 3.91 5.89 0.60
C ILE A 32 3.53 5.06 1.82
N THR A 33 3.87 5.56 3.01
CA THR A 33 3.56 4.87 4.25
C THR A 33 2.14 5.19 4.73
N PRO A 34 1.26 4.19 4.71
CA PRO A 34 -0.13 4.35 5.13
C PRO A 34 -0.26 4.56 6.64
N CYS A 35 0.59 3.87 7.40
CA CYS A 35 0.59 3.99 8.85
C CYS A 35 1.95 3.62 9.44
N HIS A 36 2.03 3.59 10.77
CA HIS A 36 3.27 3.26 11.45
C HIS A 36 3.44 1.75 11.58
N CYS A 37 3.17 1.03 10.49
CA CYS A 37 3.27 -0.43 10.49
C CYS A 37 4.14 -0.90 9.32
N THR A 38 5.23 -0.19 9.07
CA THR A 38 6.14 -0.53 7.98
C THR A 38 6.95 -1.77 8.31
N GLY A 39 7.01 -2.72 7.38
CA GLY A 39 7.75 -3.95 7.60
C GLY A 39 8.65 -4.29 6.42
N SER A 40 8.06 -4.69 5.32
CA SER A 40 8.82 -5.05 4.13
C SER A 40 8.25 -4.36 2.89
N LEU A 41 7.08 -4.80 2.46
CA LEU A 41 6.43 -4.22 1.28
C LEU A 41 5.26 -3.34 1.68
N HIS A 42 5.14 -3.08 2.99
CA HIS A 42 4.06 -2.25 3.51
C HIS A 42 3.79 -1.06 2.59
N PHE A 43 4.85 -0.56 1.95
CA PHE A 43 4.74 0.57 1.04
C PHE A 43 3.75 0.27 -0.09
N VAL A 44 2.50 0.69 0.09
CA VAL A 44 1.47 0.47 -0.91
C VAL A 44 1.26 1.71 -1.77
N HIS A 45 0.47 1.57 -2.83
CA HIS A 45 0.18 2.68 -3.73
C HIS A 45 -1.01 3.49 -3.23
N GLN A 46 -0.85 4.82 -3.23
CA GLN A 46 -1.92 5.70 -2.77
C GLN A 46 -3.27 5.26 -3.31
N ALA A 47 -3.28 4.81 -4.57
CA ALA A 47 -4.51 4.35 -5.21
C ALA A 47 -4.90 2.97 -4.71
N CYS A 48 -4.06 1.98 -4.98
CA CYS A 48 -4.32 0.61 -4.56
C CYS A 48 -4.94 0.58 -3.18
N LEU A 49 -4.39 1.37 -2.26
CA LEU A 49 -4.89 1.42 -0.90
C LEU A 49 -6.41 1.45 -0.88
N GLN A 50 -7.00 2.25 -1.76
CA GLN A 50 -8.45 2.37 -1.85
C GLN A 50 -9.09 1.01 -2.08
N GLN A 51 -8.63 0.30 -3.11
CA GLN A 51 -9.16 -1.01 -3.43
C GLN A 51 -9.19 -1.91 -2.20
N TRP A 52 -8.16 -1.79 -1.37
CA TRP A 52 -8.06 -2.60 -0.16
C TRP A 52 -9.07 -2.13 0.88
N ILE A 53 -9.19 -0.82 1.03
CA ILE A 53 -10.13 -0.25 2.00
C ILE A 53 -11.53 -0.82 1.82
N LYS A 54 -12.05 -0.70 0.59
CA LYS A 54 -13.39 -1.20 0.29
C LYS A 54 -13.58 -2.62 0.83
N SER A 55 -12.76 -3.55 0.33
CA SER A 55 -12.83 -4.94 0.77
C SER A 55 -12.69 -5.04 2.28
N SER A 56 -11.53 -4.65 2.79
CA SER A 56 -11.27 -4.70 4.22
C SER A 56 -12.40 -4.07 5.01
N ASP A 57 -13.15 -3.18 4.35
CA ASP A 57 -14.26 -2.50 5.00
C ASP A 57 -13.79 -1.61 6.14
N THR A 58 -12.70 -0.88 5.90
CA THR A 58 -12.13 0.01 6.91
C THR A 58 -11.08 0.92 6.30
N ARG A 59 -11.16 2.21 6.62
CA ARG A 59 -10.22 3.19 6.11
C ARG A 59 -8.97 3.25 6.99
N CYS A 60 -9.14 2.96 8.26
CA CYS A 60 -8.03 2.98 9.21
C CYS A 60 -7.33 1.63 9.25
N CYS A 61 -6.25 1.54 10.03
CA CYS A 61 -5.48 0.32 10.15
C CYS A 61 -6.28 -0.75 10.92
N GLU A 62 -5.79 -1.98 10.89
CA GLU A 62 -6.45 -3.08 11.57
C GLU A 62 -5.85 -3.30 12.96
N LEU A 63 -4.58 -2.91 13.11
CA LEU A 63 -3.88 -3.07 14.38
C LEU A 63 -3.78 -1.73 15.11
N CYS A 64 -3.10 -0.78 14.48
CA CYS A 64 -2.94 0.55 15.08
C CYS A 64 -4.19 1.39 14.89
N LYS A 65 -5.13 0.88 14.10
CA LYS A 65 -6.38 1.58 13.85
C LYS A 65 -6.13 3.06 13.53
N TYR A 66 -5.20 3.31 12.62
CA TYR A 66 -4.86 4.66 12.22
C TYR A 66 -5.27 4.94 10.78
N GLU A 67 -5.97 6.06 10.57
CA GLU A 67 -6.43 6.44 9.24
C GLU A 67 -5.29 6.34 8.23
N PHE A 68 -5.66 6.12 6.97
CA PHE A 68 -4.67 6.01 5.90
C PHE A 68 -4.63 7.28 5.06
N ILE A 69 -3.64 7.37 4.19
CA ILE A 69 -3.49 8.54 3.31
C ILE A 69 -4.39 8.44 2.09
N MET A 70 -5.38 9.32 2.02
CA MET A 70 -6.31 9.33 0.90
C MET A 70 -6.46 10.73 0.32
N GLU A 71 -6.55 10.83 -0.99
CA GLU A 71 -6.69 12.11 -1.66
C GLU A 71 -7.88 12.10 -2.62
N THR A 72 -9.02 11.64 -2.13
CA THR A 72 -10.24 11.58 -2.94
C THR A 72 -11.48 11.55 -2.06
N LYS A 73 -12.64 11.72 -2.68
CA LYS A 73 -13.91 11.73 -1.96
C LYS A 73 -14.99 10.98 -2.75
N LEU A 74 -15.85 10.27 -2.03
CA LEU A 74 -16.92 9.50 -2.66
C LEU A 74 -18.07 9.29 -1.67
N SER A 75 -19.29 9.41 -2.18
CA SER A 75 -20.48 9.23 -1.35
C SER A 75 -21.44 8.23 -1.99
N GLY A 76 -21.39 6.98 -1.53
CA GLY A 76 -22.26 5.96 -2.08
C GLY A 76 -22.66 4.93 -1.03
N PRO A 77 -22.90 3.69 -1.49
CA PRO A 77 -23.30 2.59 -0.61
C PRO A 77 -22.16 2.13 0.29
N SER A 78 -22.05 2.76 1.47
CA SER A 78 -21.00 2.42 2.42
C SER A 78 -21.32 1.11 3.14
N SER A 79 -22.46 1.09 3.83
CA SER A 79 -22.89 -0.10 4.57
C SER A 79 -23.77 -0.99 3.70
N GLY A 80 -23.61 -2.30 3.88
CA GLY A 80 -24.40 -3.24 3.10
C GLY A 80 -23.54 -4.23 2.35
N GLY A 1 22.29 11.45 -19.66
CA GLY A 1 22.57 10.36 -18.75
C GLY A 1 23.27 9.20 -19.43
N SER A 2 24.55 9.01 -19.11
CA SER A 2 25.34 7.94 -19.70
C SER A 2 24.69 6.59 -19.44
N SER A 3 25.24 5.54 -20.03
CA SER A 3 24.73 4.19 -19.86
C SER A 3 24.99 3.67 -18.45
N GLY A 4 24.34 2.56 -18.10
CA GLY A 4 24.52 1.99 -16.78
C GLY A 4 24.30 0.49 -16.77
N SER A 5 23.28 0.05 -16.05
CA SER A 5 22.97 -1.37 -15.94
C SER A 5 21.70 -1.70 -16.72
N SER A 6 21.51 -2.99 -17.01
CA SER A 6 20.33 -3.44 -17.75
C SER A 6 19.93 -4.85 -17.31
N GLY A 7 18.62 -5.05 -17.14
CA GLY A 7 18.12 -6.35 -16.71
C GLY A 7 17.08 -6.90 -17.67
N THR A 8 17.37 -8.06 -18.26
CA THR A 8 16.45 -8.69 -19.19
C THR A 8 15.58 -9.73 -18.50
N SER A 9 15.13 -9.40 -17.28
CA SER A 9 14.30 -10.31 -16.50
C SER A 9 13.82 -9.64 -15.22
N ILE A 10 12.52 -9.64 -15.01
CA ILE A 10 11.93 -9.04 -13.82
C ILE A 10 11.97 -10.00 -12.64
N THR A 11 12.48 -9.51 -11.50
CA THR A 11 12.57 -10.34 -10.31
C THR A 11 12.74 -9.47 -9.07
N PRO A 12 11.82 -9.65 -8.09
CA PRO A 12 11.85 -8.90 -6.84
C PRO A 12 13.03 -9.28 -5.94
N SER A 13 14.07 -8.45 -5.93
CA SER A 13 15.25 -8.71 -5.13
C SER A 13 15.27 -7.82 -3.89
N SER A 14 14.17 -7.81 -3.16
CA SER A 14 14.05 -7.00 -1.96
C SER A 14 13.91 -5.52 -2.30
N GLN A 15 13.13 -5.24 -3.34
CA GLN A 15 12.91 -3.87 -3.78
C GLN A 15 11.57 -3.34 -3.28
N ASP A 16 11.60 -2.21 -2.60
CA ASP A 16 10.38 -1.61 -2.07
C ASP A 16 9.36 -1.37 -3.18
N ILE A 17 8.32 -2.19 -3.20
CA ILE A 17 7.27 -2.08 -4.22
C ILE A 17 5.89 -2.34 -3.62
N CYS A 18 4.86 -1.86 -4.30
CA CYS A 18 3.49 -2.04 -3.84
C CYS A 18 3.27 -3.46 -3.31
N ARG A 19 2.19 -3.64 -2.56
CA ARG A 19 1.88 -4.95 -1.99
C ARG A 19 0.56 -5.47 -2.54
N ILE A 20 -0.36 -4.55 -2.85
CA ILE A 20 -1.66 -4.93 -3.38
C ILE A 20 -1.57 -5.32 -4.85
N CYS A 21 -0.70 -4.63 -5.59
CA CYS A 21 -0.51 -4.92 -7.00
C CYS A 21 0.88 -5.45 -7.27
N HIS A 22 1.82 -5.09 -6.40
CA HIS A 22 3.22 -5.53 -6.54
C HIS A 22 3.84 -4.97 -7.81
N CYS A 23 3.78 -3.66 -7.97
CA CYS A 23 4.34 -3.00 -9.15
C CYS A 23 5.22 -1.83 -8.75
N GLU A 24 6.05 -1.38 -9.68
CA GLU A 24 6.96 -0.26 -9.42
C GLU A 24 6.17 0.99 -9.04
N GLY A 25 6.73 1.77 -8.11
CA GLY A 25 6.06 2.98 -7.67
C GLY A 25 5.87 3.98 -8.79
N ASP A 26 4.65 4.45 -8.95
CA ASP A 26 4.32 5.42 -10.00
C ASP A 26 4.39 6.85 -9.46
N ASP A 27 4.52 7.81 -10.36
CA ASP A 27 4.60 9.21 -9.98
C ASP A 27 3.36 9.63 -9.19
N GLU A 28 2.20 9.20 -9.66
CA GLU A 28 0.93 9.52 -9.00
C GLU A 28 0.59 8.47 -7.95
N SER A 29 1.02 7.24 -8.19
CA SER A 29 0.75 6.14 -7.27
C SER A 29 2.05 5.57 -6.71
N PRO A 30 2.88 6.44 -6.13
CA PRO A 30 4.17 6.05 -5.55
C PRO A 30 4.00 5.22 -4.28
N LEU A 31 5.11 4.81 -3.69
CA LEU A 31 5.09 4.02 -2.47
C LEU A 31 5.17 4.91 -1.24
N ILE A 32 4.02 5.15 -0.61
CA ILE A 32 3.97 5.99 0.58
C ILE A 32 3.57 5.17 1.81
N THR A 33 3.87 5.70 2.99
CA THR A 33 3.54 5.03 4.23
C THR A 33 2.12 5.37 4.70
N PRO A 34 1.23 4.37 4.65
CA PRO A 34 -0.17 4.55 5.06
C PRO A 34 -0.31 4.74 6.57
N CYS A 35 0.65 4.21 7.32
CA CYS A 35 0.63 4.33 8.77
C CYS A 35 2.02 4.10 9.36
N HIS A 36 2.10 4.08 10.69
CA HIS A 36 3.38 3.87 11.36
C HIS A 36 3.75 2.39 11.39
N CYS A 37 3.51 1.71 10.27
CA CYS A 37 3.82 0.29 10.16
C CYS A 37 4.76 0.03 8.99
N THR A 38 6.05 0.12 9.25
CA THR A 38 7.06 -0.11 8.21
C THR A 38 7.01 -1.55 7.71
N GLY A 39 6.61 -2.47 8.59
CA GLY A 39 6.54 -3.87 8.22
C GLY A 39 7.55 -4.25 7.16
N SER A 40 7.07 -4.84 6.07
CA SER A 40 7.95 -5.26 4.98
C SER A 40 7.57 -4.56 3.68
N LEU A 41 6.43 -4.95 3.12
CA LEU A 41 5.95 -4.36 1.88
C LEU A 41 4.76 -3.43 2.13
N HIS A 42 4.64 -2.97 3.37
CA HIS A 42 3.54 -2.07 3.74
C HIS A 42 3.40 -0.94 2.73
N PHE A 43 4.51 -0.56 2.11
CA PHE A 43 4.51 0.51 1.12
C PHE A 43 3.55 0.20 -0.02
N VAL A 44 2.36 0.78 0.05
CA VAL A 44 1.34 0.57 -0.97
C VAL A 44 1.16 1.81 -1.84
N HIS A 45 0.34 1.70 -2.87
CA HIS A 45 0.09 2.81 -3.78
C HIS A 45 -1.12 3.64 -3.30
N GLN A 46 -0.90 4.94 -3.15
CA GLN A 46 -1.96 5.84 -2.70
C GLN A 46 -3.30 5.44 -3.32
N ALA A 47 -3.28 5.06 -4.59
CA ALA A 47 -4.49 4.65 -5.29
C ALA A 47 -4.94 3.26 -4.84
N CYS A 48 -4.10 2.26 -5.10
CA CYS A 48 -4.41 0.89 -4.72
C CYS A 48 -5.07 0.85 -3.34
N LEU A 49 -4.46 1.53 -2.38
CA LEU A 49 -4.99 1.56 -1.01
C LEU A 49 -6.51 1.56 -1.02
N GLN A 50 -7.10 2.31 -1.95
CA GLN A 50 -8.55 2.38 -2.06
C GLN A 50 -9.16 0.99 -2.22
N GLN A 51 -8.73 0.29 -3.25
CA GLN A 51 -9.23 -1.06 -3.52
C GLN A 51 -9.27 -1.89 -2.24
N TRP A 52 -8.23 -1.77 -1.43
CA TRP A 52 -8.14 -2.50 -0.18
C TRP A 52 -9.13 -1.97 0.84
N ILE A 53 -9.23 -0.64 0.94
CA ILE A 53 -10.14 -0.01 1.89
C ILE A 53 -11.56 -0.51 1.68
N LYS A 54 -11.92 -0.78 0.42
CA LYS A 54 -13.26 -1.27 0.10
C LYS A 54 -13.33 -2.79 0.24
N SER A 55 -12.25 -3.46 -0.16
CA SER A 55 -12.19 -4.91 -0.09
C SER A 55 -12.58 -5.41 1.30
N SER A 56 -11.98 -4.81 2.33
CA SER A 56 -12.26 -5.20 3.70
C SER A 56 -12.94 -4.06 4.46
N ASP A 57 -13.64 -3.20 3.71
CA ASP A 57 -14.34 -2.07 4.31
C ASP A 57 -13.58 -1.53 5.51
N THR A 58 -12.25 -1.42 5.37
CA THR A 58 -11.41 -0.92 6.46
C THR A 58 -10.55 0.24 5.99
N ARG A 59 -10.77 1.40 6.57
CA ARG A 59 -10.01 2.60 6.21
C ARG A 59 -8.77 2.73 7.08
N CYS A 60 -8.91 2.43 8.36
CA CYS A 60 -7.79 2.51 9.30
C CYS A 60 -7.00 1.21 9.33
N CYS A 61 -5.88 1.22 10.04
CA CYS A 61 -5.04 0.05 10.15
C CYS A 61 -5.73 -1.06 10.94
N GLU A 62 -5.14 -2.25 10.92
CA GLU A 62 -5.70 -3.39 11.63
C GLU A 62 -5.10 -3.52 13.03
N LEU A 63 -3.87 -3.05 13.17
CA LEU A 63 -3.16 -3.11 14.45
C LEU A 63 -3.11 -1.75 15.11
N CYS A 64 -2.51 -0.79 14.42
CA CYS A 64 -2.39 0.57 14.94
C CYS A 64 -3.66 1.36 14.68
N LYS A 65 -4.62 0.74 13.99
CA LYS A 65 -5.89 1.39 13.67
C LYS A 65 -5.67 2.85 13.26
N TYR A 66 -4.59 3.09 12.52
CA TYR A 66 -4.28 4.44 12.06
C TYR A 66 -5.01 4.76 10.77
N GLU A 67 -5.69 5.90 10.75
CA GLU A 67 -6.43 6.32 9.56
C GLU A 67 -5.49 6.54 8.38
N PHE A 68 -5.57 5.65 7.40
CA PHE A 68 -4.74 5.74 6.22
C PHE A 68 -4.98 7.06 5.47
N ILE A 69 -3.89 7.68 5.02
CA ILE A 69 -3.98 8.93 4.30
C ILE A 69 -4.44 8.72 2.85
N MET A 70 -5.74 8.82 2.63
CA MET A 70 -6.30 8.63 1.30
C MET A 70 -5.71 9.64 0.32
N GLU A 71 -5.27 10.79 0.84
CA GLU A 71 -4.69 11.83 0.01
C GLU A 71 -4.06 12.92 0.87
N THR A 72 -3.39 13.87 0.22
CA THR A 72 -2.74 14.96 0.92
C THR A 72 -3.74 15.79 1.72
N LYS A 73 -4.73 16.34 1.03
CA LYS A 73 -5.76 17.15 1.67
C LYS A 73 -6.92 16.27 2.13
N LEU A 74 -7.41 16.54 3.34
CA LEU A 74 -8.53 15.78 3.90
C LEU A 74 -9.85 16.48 3.61
N SER A 75 -10.71 15.82 2.83
CA SER A 75 -12.01 16.37 2.47
C SER A 75 -13.12 15.69 3.27
N GLY A 76 -14.33 16.25 3.19
CA GLY A 76 -15.45 15.69 3.91
C GLY A 76 -15.87 14.34 3.35
N PRO A 77 -16.32 13.45 4.26
CA PRO A 77 -16.75 12.10 3.88
C PRO A 77 -18.05 12.10 3.09
N SER A 78 -18.57 10.92 2.79
CA SER A 78 -19.81 10.79 2.04
C SER A 78 -20.70 9.71 2.64
N SER A 79 -21.88 10.12 3.12
CA SER A 79 -22.82 9.19 3.72
C SER A 79 -23.74 8.59 2.67
N GLY A 80 -23.63 7.29 2.45
CA GLY A 80 -24.46 6.61 1.47
C GLY A 80 -24.96 5.27 1.95
N GLY A 1 31.07 -19.31 27.32
CA GLY A 1 31.34 -18.14 26.52
C GLY A 1 31.34 -16.86 27.33
N SER A 2 31.44 -15.72 26.65
CA SER A 2 31.46 -14.43 27.33
C SER A 2 30.09 -13.75 27.23
N SER A 3 29.84 -12.83 28.14
CA SER A 3 28.57 -12.09 28.16
C SER A 3 28.11 -11.78 26.74
N GLY A 4 26.92 -12.25 26.38
CA GLY A 4 26.38 -12.00 25.06
C GLY A 4 26.26 -10.52 24.74
N SER A 5 25.10 -9.94 25.07
CA SER A 5 24.87 -8.53 24.81
C SER A 5 25.02 -8.21 23.33
N SER A 6 24.49 -9.09 22.48
CA SER A 6 24.57 -8.91 21.04
C SER A 6 23.70 -9.92 20.31
N GLY A 7 23.45 -9.67 19.03
CA GLY A 7 22.63 -10.57 18.24
C GLY A 7 23.14 -10.73 16.82
N THR A 8 22.36 -11.42 15.99
CA THR A 8 22.74 -11.65 14.60
C THR A 8 21.57 -11.37 13.67
N SER A 9 21.76 -10.45 12.73
CA SER A 9 20.71 -10.11 11.78
C SER A 9 21.32 -9.55 10.49
N ILE A 10 20.88 -10.09 9.35
CA ILE A 10 21.38 -9.64 8.06
C ILE A 10 20.38 -8.71 7.38
N THR A 11 20.81 -8.10 6.27
CA THR A 11 19.96 -7.19 5.53
C THR A 11 19.85 -7.60 4.06
N PRO A 12 18.76 -8.30 3.71
CA PRO A 12 18.52 -8.78 2.35
C PRO A 12 18.20 -7.63 1.40
N SER A 13 17.94 -7.97 0.13
CA SER A 13 17.61 -6.97 -0.88
C SER A 13 16.30 -7.30 -1.57
N SER A 14 15.39 -6.33 -1.61
CA SER A 14 14.09 -6.51 -2.24
C SER A 14 13.61 -5.22 -2.89
N GLN A 15 13.60 -5.20 -4.22
CA GLN A 15 13.16 -4.04 -4.97
C GLN A 15 11.90 -3.44 -4.36
N ASP A 16 12.05 -2.30 -3.68
CA ASP A 16 10.92 -1.63 -3.05
C ASP A 16 9.77 -1.45 -4.04
N ILE A 17 8.71 -2.22 -3.84
CA ILE A 17 7.54 -2.14 -4.71
C ILE A 17 6.26 -2.33 -3.92
N CYS A 18 5.12 -2.00 -4.54
CA CYS A 18 3.82 -2.14 -3.90
C CYS A 18 3.73 -3.46 -3.15
N ARG A 19 2.72 -3.56 -2.28
CA ARG A 19 2.52 -4.77 -1.50
C ARG A 19 1.16 -5.41 -1.82
N ILE A 20 0.24 -4.60 -2.32
CA ILE A 20 -1.10 -5.09 -2.68
C ILE A 20 -1.08 -5.74 -4.05
N CYS A 21 -0.53 -5.04 -5.04
CA CYS A 21 -0.47 -5.54 -6.40
C CYS A 21 0.95 -5.98 -6.75
N HIS A 22 1.93 -5.33 -6.13
CA HIS A 22 3.34 -5.65 -6.37
C HIS A 22 3.79 -5.13 -7.73
N CYS A 23 3.53 -3.84 -7.99
CA CYS A 23 3.90 -3.22 -9.25
C CYS A 23 4.78 -1.99 -9.01
N GLU A 24 5.54 -1.61 -10.03
CA GLU A 24 6.43 -0.45 -9.93
C GLU A 24 5.66 0.76 -9.44
N GLY A 25 6.38 1.68 -8.78
CA GLY A 25 5.76 2.88 -8.27
C GLY A 25 5.52 3.92 -9.35
N ASP A 26 4.38 4.60 -9.28
CA ASP A 26 4.04 5.62 -10.26
C ASP A 26 4.36 7.01 -9.73
N ASP A 27 4.04 8.03 -10.52
CA ASP A 27 4.31 9.41 -10.13
C ASP A 27 3.23 9.92 -9.17
N GLU A 28 1.98 9.64 -9.50
CA GLU A 28 0.86 10.07 -8.67
C GLU A 28 0.52 9.03 -7.62
N SER A 29 0.84 7.77 -7.92
CA SER A 29 0.56 6.66 -7.01
C SER A 29 1.86 5.95 -6.62
N PRO A 30 2.85 6.72 -6.15
CA PRO A 30 4.14 6.18 -5.74
C PRO A 30 4.05 5.35 -4.47
N LEU A 31 5.19 4.85 -4.00
CA LEU A 31 5.24 4.04 -2.79
C LEU A 31 5.30 4.91 -1.55
N ILE A 32 4.15 5.08 -0.90
CA ILE A 32 4.07 5.89 0.31
C ILE A 32 3.73 5.04 1.53
N THR A 33 3.78 5.66 2.71
CA THR A 33 3.48 4.96 3.95
C THR A 33 2.07 5.30 4.45
N PRO A 34 1.18 4.31 4.43
CA PRO A 34 -0.21 4.49 4.88
C PRO A 34 -0.30 4.68 6.38
N CYS A 35 0.56 3.99 7.13
CA CYS A 35 0.58 4.08 8.58
C CYS A 35 1.99 3.94 9.12
N HIS A 36 2.11 3.90 10.44
CA HIS A 36 3.41 3.75 11.10
C HIS A 36 3.98 2.36 10.84
N CYS A 37 3.13 1.35 10.88
CA CYS A 37 3.55 -0.03 10.66
C CYS A 37 4.73 -0.09 9.69
N THR A 38 5.90 -0.45 10.21
CA THR A 38 7.10 -0.54 9.40
C THR A 38 7.63 -1.97 9.37
N GLY A 39 7.01 -2.81 8.56
CA GLY A 39 7.43 -4.19 8.45
C GLY A 39 8.35 -4.43 7.28
N SER A 40 7.81 -4.97 6.20
CA SER A 40 8.61 -5.24 5.00
C SER A 40 8.04 -4.51 3.79
N LEU A 41 6.85 -4.92 3.37
CA LEU A 41 6.19 -4.30 2.21
C LEU A 41 5.12 -3.33 2.67
N HIS A 42 5.49 -2.40 3.54
CA HIS A 42 4.54 -1.41 4.05
C HIS A 42 4.49 -0.20 3.13
N PHE A 43 4.59 -0.45 1.83
CA PHE A 43 4.55 0.62 0.83
C PHE A 43 3.52 0.32 -0.24
N VAL A 44 2.30 0.81 -0.05
CA VAL A 44 1.22 0.59 -1.01
C VAL A 44 0.98 1.83 -1.85
N HIS A 45 0.48 1.63 -3.07
CA HIS A 45 0.20 2.73 -3.98
C HIS A 45 -0.94 3.60 -3.44
N GLN A 46 -0.73 4.92 -3.50
CA GLN A 46 -1.74 5.85 -3.02
C GLN A 46 -3.14 5.41 -3.42
N ALA A 47 -3.26 4.86 -4.63
CA ALA A 47 -4.54 4.39 -5.12
C ALA A 47 -4.89 3.02 -4.57
N CYS A 48 -3.99 2.05 -4.80
CA CYS A 48 -4.20 0.69 -4.32
C CYS A 48 -4.77 0.69 -2.90
N LEU A 49 -4.32 1.65 -2.09
CA LEU A 49 -4.79 1.76 -0.71
C LEU A 49 -6.31 1.73 -0.65
N GLN A 50 -6.95 2.46 -1.57
CA GLN A 50 -8.40 2.51 -1.62
C GLN A 50 -9.00 1.14 -1.88
N GLN A 51 -8.54 0.49 -2.95
CA GLN A 51 -9.03 -0.84 -3.30
C GLN A 51 -9.12 -1.73 -2.07
N TRP A 52 -8.10 -1.69 -1.23
CA TRP A 52 -8.07 -2.49 -0.02
C TRP A 52 -9.07 -1.98 1.01
N ILE A 53 -9.09 -0.66 1.19
CA ILE A 53 -10.00 -0.03 2.14
C ILE A 53 -11.44 -0.51 1.92
N LYS A 54 -11.84 -0.60 0.66
CA LYS A 54 -13.18 -1.04 0.32
C LYS A 54 -13.31 -2.55 0.47
N SER A 55 -12.27 -3.28 0.08
CA SER A 55 -12.27 -4.74 0.18
C SER A 55 -12.78 -5.19 1.54
N SER A 56 -12.16 -4.67 2.60
CA SER A 56 -12.55 -5.02 3.96
C SER A 56 -13.24 -3.85 4.65
N ASP A 57 -13.86 -2.99 3.86
CA ASP A 57 -14.55 -1.83 4.38
C ASP A 57 -13.86 -1.29 5.63
N THR A 58 -12.56 -1.06 5.52
CA THR A 58 -11.76 -0.55 6.63
C THR A 58 -10.90 0.63 6.19
N ARG A 59 -11.22 1.81 6.71
CA ARG A 59 -10.47 3.02 6.37
C ARG A 59 -9.13 3.05 7.11
N CYS A 60 -9.17 2.75 8.40
CA CYS A 60 -7.95 2.75 9.22
C CYS A 60 -7.25 1.39 9.14
N CYS A 61 -6.05 1.33 9.69
CA CYS A 61 -5.27 0.09 9.69
C CYS A 61 -6.04 -1.04 10.39
N GLU A 62 -5.54 -2.26 10.23
CA GLU A 62 -6.19 -3.42 10.85
C GLU A 62 -5.54 -3.75 12.18
N LEU A 63 -4.30 -3.30 12.37
CA LEU A 63 -3.56 -3.55 13.59
C LEU A 63 -3.42 -2.28 14.42
N CYS A 64 -2.84 -1.25 13.82
CA CYS A 64 -2.64 0.03 14.49
C CYS A 64 -3.90 0.89 14.39
N LYS A 65 -4.87 0.43 13.61
CA LYS A 65 -6.12 1.15 13.44
C LYS A 65 -5.86 2.63 13.13
N TYR A 66 -4.83 2.89 12.35
CA TYR A 66 -4.47 4.26 11.99
C TYR A 66 -5.11 4.66 10.67
N GLU A 67 -5.85 5.76 10.69
CA GLU A 67 -6.52 6.26 9.49
C GLU A 67 -5.52 6.49 8.36
N PHE A 68 -5.73 5.80 7.24
CA PHE A 68 -4.84 5.92 6.09
C PHE A 68 -5.08 7.25 5.36
N ILE A 69 -4.16 7.59 4.47
CA ILE A 69 -4.28 8.83 3.70
C ILE A 69 -5.31 8.70 2.59
N MET A 70 -6.23 9.65 2.52
CA MET A 70 -7.27 9.65 1.50
C MET A 70 -7.75 11.06 1.21
N GLU A 71 -7.86 11.38 -0.07
CA GLU A 71 -8.30 12.71 -0.49
C GLU A 71 -9.79 12.90 -0.19
N THR A 72 -10.11 13.99 0.50
CA THR A 72 -11.49 14.29 0.86
C THR A 72 -12.44 13.94 -0.27
N LYS A 73 -12.13 14.43 -1.47
CA LYS A 73 -12.96 14.16 -2.64
C LYS A 73 -12.13 13.53 -3.76
N LEU A 74 -12.81 12.94 -4.74
CA LEU A 74 -12.14 12.31 -5.87
C LEU A 74 -12.34 13.11 -7.14
N SER A 75 -13.59 13.26 -7.56
CA SER A 75 -13.92 14.00 -8.77
C SER A 75 -13.58 15.49 -8.60
N GLY A 76 -12.85 16.02 -9.56
CA GLY A 76 -12.47 17.42 -9.51
C GLY A 76 -13.67 18.34 -9.32
N PRO A 77 -13.48 19.41 -8.53
CA PRO A 77 -14.54 20.38 -8.26
C PRO A 77 -14.89 21.23 -9.48
N SER A 78 -14.30 20.88 -10.62
CA SER A 78 -14.53 21.61 -11.87
C SER A 78 -15.94 22.20 -11.88
N SER A 79 -16.94 21.33 -11.83
CA SER A 79 -18.33 21.78 -11.84
C SER A 79 -18.94 21.71 -10.44
N GLY A 80 -20.15 22.23 -10.30
CA GLY A 80 -20.82 22.21 -9.02
C GLY A 80 -22.22 21.63 -9.09
N GLY A 1 -10.44 -21.68 -6.07
CA GLY A 1 -9.21 -21.59 -5.31
C GLY A 1 -8.60 -22.95 -5.03
N SER A 2 -7.27 -23.00 -4.98
CA SER A 2 -6.56 -24.25 -4.72
C SER A 2 -5.72 -24.14 -3.47
N SER A 3 -6.36 -24.34 -2.31
CA SER A 3 -5.67 -24.26 -1.03
C SER A 3 -4.74 -25.46 -0.84
N GLY A 4 -3.44 -25.18 -0.75
CA GLY A 4 -2.48 -26.25 -0.57
C GLY A 4 -1.66 -26.08 0.70
N SER A 5 -1.20 -27.20 1.25
CA SER A 5 -0.40 -27.17 2.48
C SER A 5 0.75 -26.19 2.36
N SER A 6 1.53 -26.33 1.29
CA SER A 6 2.68 -25.46 1.06
C SER A 6 2.31 -24.00 1.32
N GLY A 7 3.17 -23.31 2.07
CA GLY A 7 2.92 -21.91 2.38
C GLY A 7 4.19 -21.16 2.74
N THR A 8 5.05 -20.96 1.74
CA THR A 8 6.31 -20.25 1.96
C THR A 8 6.80 -19.60 0.67
N SER A 9 7.75 -18.68 0.81
CA SER A 9 8.31 -17.98 -0.35
C SER A 9 9.66 -17.36 -0.01
N ILE A 10 10.63 -17.55 -0.90
CA ILE A 10 11.97 -17.01 -0.70
C ILE A 10 11.99 -15.50 -0.91
N THR A 11 13.11 -14.87 -0.56
CA THR A 11 13.25 -13.43 -0.72
C THR A 11 14.44 -13.09 -1.60
N PRO A 12 14.23 -13.16 -2.93
CA PRO A 12 15.28 -12.86 -3.92
C PRO A 12 15.64 -11.38 -3.94
N SER A 13 16.62 -11.03 -4.77
CA SER A 13 17.07 -9.65 -4.89
C SER A 13 15.98 -8.78 -5.51
N SER A 14 15.21 -8.10 -4.65
CA SER A 14 14.13 -7.23 -5.12
C SER A 14 14.27 -5.83 -4.52
N GLN A 15 13.36 -4.95 -4.92
CA GLN A 15 13.38 -3.57 -4.43
C GLN A 15 12.04 -3.20 -3.81
N ASP A 16 11.98 -2.03 -3.18
CA ASP A 16 10.76 -1.56 -2.54
C ASP A 16 9.68 -1.30 -3.58
N ILE A 17 8.67 -2.16 -3.62
CA ILE A 17 7.57 -2.01 -4.56
C ILE A 17 6.23 -2.33 -3.91
N CYS A 18 5.16 -1.82 -4.50
CA CYS A 18 3.81 -2.06 -3.97
C CYS A 18 3.66 -3.48 -3.46
N ARG A 19 2.68 -3.69 -2.60
CA ARG A 19 2.44 -5.02 -2.02
C ARG A 19 1.10 -5.58 -2.51
N ILE A 20 0.19 -4.69 -2.89
CA ILE A 20 -1.12 -5.09 -3.38
C ILE A 20 -1.05 -5.54 -4.82
N CYS A 21 -0.30 -4.80 -5.64
CA CYS A 21 -0.15 -5.12 -7.05
C CYS A 21 1.26 -5.60 -7.35
N HIS A 22 2.22 -5.18 -6.53
CA HIS A 22 3.61 -5.56 -6.71
C HIS A 22 4.19 -4.93 -7.96
N CYS A 23 4.04 -3.61 -8.09
CA CYS A 23 4.54 -2.89 -9.24
C CYS A 23 5.34 -1.66 -8.82
N GLU A 24 6.13 -1.13 -9.73
CA GLU A 24 6.95 0.05 -9.45
C GLU A 24 6.08 1.23 -9.05
N GLY A 25 6.59 2.07 -8.16
CA GLY A 25 5.86 3.23 -7.71
C GLY A 25 5.73 4.29 -8.78
N ASP A 26 4.49 4.69 -9.07
CA ASP A 26 4.23 5.71 -10.09
C ASP A 26 4.24 7.10 -9.48
N ASP A 27 4.31 8.11 -10.34
CA ASP A 27 4.32 9.50 -9.89
C ASP A 27 3.05 9.83 -9.10
N GLU A 28 1.93 9.31 -9.56
CA GLU A 28 0.65 9.55 -8.89
C GLU A 28 0.37 8.49 -7.84
N SER A 29 0.90 7.28 -8.06
CA SER A 29 0.71 6.17 -7.13
C SER A 29 2.04 5.71 -6.56
N PRO A 30 2.81 6.66 -6.02
CA PRO A 30 4.12 6.38 -5.43
C PRO A 30 4.01 5.58 -4.13
N LEU A 31 5.05 4.80 -3.84
CA LEU A 31 5.07 3.99 -2.62
C LEU A 31 5.12 4.87 -1.38
N ILE A 32 3.97 5.07 -0.75
CA ILE A 32 3.89 5.90 0.46
C ILE A 32 3.47 5.06 1.66
N THR A 33 3.85 5.54 2.86
CA THR A 33 3.52 4.84 4.09
C THR A 33 2.10 5.17 4.55
N PRO A 34 1.22 4.16 4.54
CA PRO A 34 -0.17 4.32 4.96
C PRO A 34 -0.31 4.56 6.46
N CYS A 35 0.59 3.96 7.23
CA CYS A 35 0.58 4.10 8.68
C CYS A 35 1.99 3.93 9.26
N HIS A 36 2.07 3.93 10.58
CA HIS A 36 3.36 3.78 11.26
C HIS A 36 3.97 2.42 10.95
N CYS A 37 3.16 1.38 11.00
CA CYS A 37 3.63 0.02 10.72
C CYS A 37 4.74 0.04 9.68
N THR A 38 5.88 -0.55 10.04
CA THR A 38 7.03 -0.60 9.14
C THR A 38 6.94 -1.82 8.22
N GLY A 39 6.52 -2.95 8.78
CA GLY A 39 6.40 -4.16 7.99
C GLY A 39 7.51 -4.30 6.98
N SER A 40 7.18 -4.87 5.82
CA SER A 40 8.17 -5.07 4.75
C SER A 40 7.76 -4.31 3.49
N LEU A 41 6.74 -4.81 2.81
CA LEU A 41 6.26 -4.18 1.59
C LEU A 41 5.09 -3.25 1.88
N HIS A 42 4.88 -2.94 3.16
CA HIS A 42 3.80 -2.07 3.57
C HIS A 42 3.58 -0.94 2.57
N PHE A 43 4.68 -0.49 1.97
CA PHE A 43 4.62 0.59 0.99
C PHE A 43 3.66 0.25 -0.14
N VAL A 44 2.41 0.69 0.01
CA VAL A 44 1.39 0.43 -0.99
C VAL A 44 1.16 1.65 -1.88
N HIS A 45 0.37 1.47 -2.94
CA HIS A 45 0.07 2.55 -3.86
C HIS A 45 -1.16 3.33 -3.40
N GLN A 46 -0.99 4.63 -3.21
CA GLN A 46 -2.09 5.49 -2.77
C GLN A 46 -3.41 5.03 -3.38
N ALA A 47 -3.38 4.68 -4.67
CA ALA A 47 -4.57 4.23 -5.36
C ALA A 47 -4.97 2.82 -4.90
N CYS A 48 -4.07 1.87 -5.09
CA CYS A 48 -4.32 0.49 -4.70
C CYS A 48 -5.01 0.42 -3.33
N LEU A 49 -4.47 1.17 -2.37
CA LEU A 49 -5.02 1.20 -1.03
C LEU A 49 -6.55 1.23 -1.07
N GLN A 50 -7.09 2.10 -1.92
CA GLN A 50 -8.54 2.22 -2.07
C GLN A 50 -9.18 0.86 -2.33
N GLN A 51 -8.61 0.11 -3.26
CA GLN A 51 -9.13 -1.21 -3.61
C GLN A 51 -9.15 -2.12 -2.40
N TRP A 52 -8.26 -1.85 -1.44
CA TRP A 52 -8.18 -2.65 -0.23
C TRP A 52 -9.15 -2.16 0.83
N ILE A 53 -9.37 -0.84 0.85
CA ILE A 53 -10.28 -0.23 1.81
C ILE A 53 -11.73 -0.55 1.46
N LYS A 54 -12.05 -0.51 0.17
CA LYS A 54 -13.40 -0.79 -0.29
C LYS A 54 -13.84 -2.20 0.11
N SER A 55 -12.91 -3.15 0.01
CA SER A 55 -13.20 -4.53 0.37
C SER A 55 -13.16 -4.72 1.88
N SER A 56 -11.98 -4.51 2.47
CA SER A 56 -11.80 -4.66 3.90
C SER A 56 -12.74 -3.74 4.67
N ASP A 57 -13.06 -2.59 4.07
CA ASP A 57 -13.96 -1.63 4.69
C ASP A 57 -13.36 -1.10 6.00
N THR A 58 -12.06 -0.88 6.00
CA THR A 58 -11.37 -0.38 7.18
C THR A 58 -10.40 0.74 6.83
N ARG A 59 -10.93 1.96 6.72
CA ARG A 59 -10.12 3.11 6.37
C ARG A 59 -8.84 3.15 7.21
N CYS A 60 -8.97 2.80 8.49
CA CYS A 60 -7.83 2.80 9.40
C CYS A 60 -7.15 1.44 9.40
N CYS A 61 -6.03 1.34 10.11
CA CYS A 61 -5.28 0.09 10.20
C CYS A 61 -6.03 -0.94 11.02
N GLU A 62 -5.58 -2.19 10.96
CA GLU A 62 -6.21 -3.27 11.70
C GLU A 62 -5.63 -3.39 13.11
N LEU A 63 -4.33 -3.11 13.22
CA LEU A 63 -3.65 -3.19 14.51
C LEU A 63 -3.48 -1.79 15.12
N CYS A 64 -2.65 -0.98 14.50
CA CYS A 64 -2.40 0.38 14.98
C CYS A 64 -3.66 1.23 14.85
N LYS A 65 -4.62 0.75 14.07
CA LYS A 65 -5.87 1.47 13.87
C LYS A 65 -5.61 2.92 13.47
N TYR A 66 -4.66 3.12 12.56
CA TYR A 66 -4.31 4.46 12.10
C TYR A 66 -4.96 4.76 10.75
N GLU A 67 -5.67 5.88 10.67
CA GLU A 67 -6.33 6.28 9.44
C GLU A 67 -5.34 6.37 8.29
N PHE A 68 -5.66 5.69 7.18
CA PHE A 68 -4.80 5.70 6.01
C PHE A 68 -5.01 6.96 5.18
N ILE A 69 -3.96 7.37 4.47
CA ILE A 69 -4.03 8.57 3.64
C ILE A 69 -5.19 8.48 2.65
N MET A 70 -6.06 9.48 2.69
CA MET A 70 -7.21 9.52 1.78
C MET A 70 -7.87 10.91 1.81
N GLU A 71 -8.33 11.35 0.65
CA GLU A 71 -8.98 12.65 0.53
C GLU A 71 -10.44 12.50 0.13
N THR A 72 -11.30 12.32 1.13
CA THR A 72 -12.73 12.17 0.89
C THR A 72 -13.55 13.03 1.84
N LYS A 73 -14.81 13.26 1.48
CA LYS A 73 -15.70 14.07 2.31
C LYS A 73 -16.28 13.24 3.45
N LEU A 74 -15.76 13.45 4.65
CA LEU A 74 -16.22 12.72 5.83
C LEU A 74 -17.55 13.30 6.33
N SER A 75 -18.65 12.81 5.76
CA SER A 75 -19.98 13.26 6.15
C SER A 75 -20.40 12.64 7.47
N GLY A 76 -20.19 11.34 7.61
CA GLY A 76 -20.54 10.65 8.83
C GLY A 76 -21.09 9.26 8.57
N PRO A 77 -20.19 8.26 8.55
CA PRO A 77 -20.56 6.87 8.31
C PRO A 77 -21.34 6.27 9.48
N SER A 78 -22.18 5.28 9.18
CA SER A 78 -22.99 4.62 10.20
C SER A 78 -23.24 3.16 9.83
N SER A 79 -23.22 2.30 10.84
CA SER A 79 -23.44 0.88 10.63
C SER A 79 -24.57 0.64 9.63
N GLY A 80 -24.50 -0.49 8.93
CA GLY A 80 -25.53 -0.80 7.95
C GLY A 80 -25.26 -2.12 7.24
N GLY A 1 19.99 -24.29 15.82
CA GLY A 1 20.67 -23.16 16.41
C GLY A 1 21.99 -22.86 15.73
N SER A 2 22.90 -23.84 15.75
CA SER A 2 24.21 -23.68 15.14
C SER A 2 24.43 -24.72 14.05
N SER A 3 24.23 -24.30 12.79
CA SER A 3 24.41 -25.20 11.66
C SER A 3 25.74 -24.94 10.97
N GLY A 4 26.08 -25.80 10.01
CA GLY A 4 27.33 -25.65 9.28
C GLY A 4 27.65 -24.19 8.97
N SER A 5 26.77 -23.54 8.22
CA SER A 5 26.97 -22.15 7.85
C SER A 5 25.76 -21.31 8.22
N SER A 6 25.72 -20.83 9.46
CA SER A 6 24.62 -20.02 9.95
C SER A 6 24.57 -18.67 9.23
N GLY A 7 23.61 -18.52 8.32
CA GLY A 7 23.48 -17.28 7.58
C GLY A 7 22.07 -17.03 7.11
N THR A 8 21.47 -15.94 7.59
CA THR A 8 20.11 -15.59 7.22
C THR A 8 19.98 -14.10 6.91
N SER A 9 19.10 -13.77 5.97
CA SER A 9 18.90 -12.38 5.58
C SER A 9 17.73 -11.77 6.34
N ILE A 10 18.05 -10.94 7.34
CA ILE A 10 17.03 -10.29 8.15
C ILE A 10 16.39 -9.13 7.40
N THR A 11 17.23 -8.28 6.82
CA THR A 11 16.74 -7.12 6.07
C THR A 11 16.00 -7.56 4.82
N PRO A 12 15.05 -6.71 4.38
CA PRO A 12 14.23 -6.99 3.19
C PRO A 12 15.06 -6.91 1.90
N SER A 13 14.37 -7.06 0.77
CA SER A 13 15.04 -7.00 -0.53
C SER A 13 15.57 -5.60 -0.81
N SER A 14 16.24 -5.44 -1.94
CA SER A 14 16.80 -4.15 -2.33
C SER A 14 15.75 -3.29 -3.03
N GLN A 15 14.98 -3.91 -3.92
CA GLN A 15 13.94 -3.20 -4.65
C GLN A 15 12.59 -3.34 -3.96
N ASP A 16 11.95 -2.21 -3.69
CA ASP A 16 10.65 -2.21 -3.02
C ASP A 16 9.54 -1.87 -4.01
N ILE A 17 8.46 -2.64 -3.97
CA ILE A 17 7.32 -2.42 -4.86
C ILE A 17 6.00 -2.61 -4.12
N CYS A 18 4.91 -2.17 -4.75
CA CYS A 18 3.59 -2.28 -4.15
C CYS A 18 3.40 -3.66 -3.52
N ARG A 19 2.37 -3.79 -2.69
CA ARG A 19 2.07 -5.05 -2.03
C ARG A 19 0.73 -5.62 -2.48
N ILE A 20 -0.13 -4.73 -2.97
CA ILE A 20 -1.45 -5.14 -3.45
C ILE A 20 -1.41 -5.54 -4.92
N CYS A 21 -0.71 -4.74 -5.72
CA CYS A 21 -0.59 -5.02 -7.15
C CYS A 21 0.81 -5.51 -7.49
N HIS A 22 1.77 -5.17 -6.64
CA HIS A 22 3.16 -5.60 -6.85
C HIS A 22 3.71 -5.00 -8.15
N CYS A 23 3.64 -3.69 -8.26
CA CYS A 23 4.13 -3.00 -9.46
C CYS A 23 4.98 -1.80 -9.08
N GLU A 24 5.85 -1.38 -9.99
CA GLU A 24 6.72 -0.23 -9.75
C GLU A 24 5.93 0.96 -9.24
N GLY A 25 6.56 1.76 -8.38
CA GLY A 25 5.90 2.93 -7.84
C GLY A 25 5.83 4.07 -8.83
N ASP A 26 4.63 4.63 -8.99
CA ASP A 26 4.43 5.74 -9.92
C ASP A 26 4.64 7.08 -9.22
N ASP A 27 4.41 8.16 -9.95
CA ASP A 27 4.58 9.50 -9.40
C ASP A 27 3.44 9.85 -8.44
N GLU A 28 2.21 9.63 -8.90
CA GLU A 28 1.04 9.92 -8.09
C GLU A 28 0.72 8.74 -7.16
N SER A 29 1.12 7.54 -7.58
CA SER A 29 0.87 6.34 -6.79
C SER A 29 2.18 5.68 -6.39
N PRO A 30 3.08 6.46 -5.76
CA PRO A 30 4.38 5.96 -5.31
C PRO A 30 4.26 5.00 -4.15
N LEU A 31 5.38 4.39 -3.76
CA LEU A 31 5.40 3.44 -2.66
C LEU A 31 5.59 4.16 -1.33
N ILE A 32 4.49 4.67 -0.77
CA ILE A 32 4.53 5.37 0.50
C ILE A 32 3.89 4.54 1.61
N THR A 33 4.05 5.00 2.85
CA THR A 33 3.49 4.31 3.99
C THR A 33 2.12 4.87 4.37
N PRO A 34 1.09 4.02 4.30
CA PRO A 34 -0.28 4.40 4.63
C PRO A 34 -0.47 4.66 6.12
N CYS A 35 0.37 4.05 6.94
CA CYS A 35 0.30 4.21 8.38
C CYS A 35 1.68 4.14 9.01
N HIS A 36 1.74 4.17 10.34
CA HIS A 36 3.01 4.11 11.06
C HIS A 36 3.70 2.78 10.81
N CYS A 37 2.92 1.71 10.66
CA CYS A 37 3.46 0.39 10.41
C CYS A 37 4.58 0.43 9.38
N THR A 38 5.73 -0.14 9.73
CA THR A 38 6.87 -0.17 8.82
C THR A 38 7.64 -1.48 8.93
N GLY A 39 8.56 -1.70 8.00
CA GLY A 39 9.35 -2.92 8.02
C GLY A 39 8.66 -4.06 7.28
N SER A 40 8.01 -3.73 6.17
CA SER A 40 7.31 -4.72 5.37
C SER A 40 6.86 -4.13 4.03
N LEU A 41 6.11 -4.92 3.27
CA LEU A 41 5.62 -4.48 1.97
C LEU A 41 4.54 -3.40 2.13
N HIS A 42 4.27 -3.03 3.38
CA HIS A 42 3.27 -2.01 3.68
C HIS A 42 3.24 -0.96 2.58
N PHE A 43 4.40 -0.67 2.00
CA PHE A 43 4.49 0.33 0.94
C PHE A 43 3.49 0.03 -0.18
N VAL A 44 2.32 0.65 -0.08
CA VAL A 44 1.27 0.46 -1.08
C VAL A 44 1.11 1.69 -1.96
N HIS A 45 0.42 1.53 -3.08
CA HIS A 45 0.20 2.64 -4.01
C HIS A 45 -0.88 3.58 -3.48
N GLN A 46 -0.52 4.85 -3.35
CA GLN A 46 -1.47 5.86 -2.86
C GLN A 46 -2.87 5.59 -3.37
N ALA A 47 -2.96 4.95 -4.54
CA ALA A 47 -4.25 4.64 -5.14
C ALA A 47 -4.76 3.27 -4.66
N CYS A 48 -4.00 2.23 -4.95
CA CYS A 48 -4.39 0.87 -4.56
C CYS A 48 -5.03 0.89 -3.17
N LEU A 49 -4.42 1.62 -2.25
CA LEU A 49 -4.93 1.71 -0.88
C LEU A 49 -6.45 1.71 -0.87
N GLN A 50 -7.05 2.47 -1.78
CA GLN A 50 -8.50 2.55 -1.87
C GLN A 50 -9.12 1.17 -2.08
N GLN A 51 -8.70 0.51 -3.16
CA GLN A 51 -9.21 -0.82 -3.47
C GLN A 51 -9.21 -1.71 -2.23
N TRP A 52 -8.15 -1.60 -1.43
CA TRP A 52 -8.02 -2.41 -0.22
C TRP A 52 -9.03 -1.95 0.84
N ILE A 53 -9.13 -0.64 1.02
CA ILE A 53 -10.06 -0.08 2.01
C ILE A 53 -11.45 -0.68 1.86
N LYS A 54 -11.95 -0.71 0.63
CA LYS A 54 -13.27 -1.27 0.36
C LYS A 54 -13.36 -2.71 0.86
N SER A 55 -12.53 -3.58 0.29
CA SER A 55 -12.52 -4.98 0.68
C SER A 55 -12.33 -5.14 2.18
N SER A 56 -11.19 -4.67 2.67
CA SER A 56 -10.88 -4.76 4.10
C SER A 56 -12.04 -4.23 4.94
N ASP A 57 -12.87 -3.39 4.32
CA ASP A 57 -14.02 -2.82 5.02
C ASP A 57 -13.56 -2.01 6.23
N THR A 58 -12.51 -1.22 6.05
CA THR A 58 -11.98 -0.40 7.13
C THR A 58 -11.02 0.66 6.60
N ARG A 59 -11.33 1.92 6.87
CA ARG A 59 -10.50 3.03 6.42
C ARG A 59 -9.19 3.09 7.20
N CYS A 60 -9.24 2.71 8.47
CA CYS A 60 -8.06 2.71 9.33
C CYS A 60 -7.35 1.37 9.26
N CYS A 61 -6.18 1.29 9.89
CA CYS A 61 -5.39 0.07 9.91
C CYS A 61 -6.12 -1.03 10.68
N GLU A 62 -5.62 -2.26 10.55
CA GLU A 62 -6.21 -3.40 11.24
C GLU A 62 -5.65 -3.54 12.65
N LEU A 63 -4.37 -3.19 12.81
CA LEU A 63 -3.71 -3.28 14.11
C LEU A 63 -3.57 -1.91 14.74
N CYS A 64 -2.76 -1.05 14.12
CA CYS A 64 -2.53 0.29 14.62
C CYS A 64 -3.78 1.14 14.50
N LYS A 65 -4.76 0.63 13.75
CA LYS A 65 -6.02 1.35 13.56
C LYS A 65 -5.78 2.79 13.17
N TYR A 66 -4.77 3.02 12.32
CA TYR A 66 -4.44 4.36 11.88
C TYR A 66 -5.14 4.70 10.57
N GLU A 67 -5.78 5.87 10.53
CA GLU A 67 -6.50 6.30 9.34
C GLU A 67 -5.54 6.57 8.19
N PHE A 68 -5.69 5.80 7.11
CA PHE A 68 -4.83 5.94 5.94
C PHE A 68 -5.11 7.26 5.22
N ILE A 69 -4.20 7.64 4.33
CA ILE A 69 -4.34 8.88 3.58
C ILE A 69 -5.53 8.81 2.62
N MET A 70 -6.72 9.12 3.14
CA MET A 70 -7.93 9.09 2.32
C MET A 70 -8.27 10.48 1.80
N GLU A 71 -8.57 10.57 0.52
CA GLU A 71 -8.91 11.84 -0.11
C GLU A 71 -10.40 12.15 0.05
N THR A 72 -10.71 13.07 0.95
CA THR A 72 -12.09 13.46 1.21
C THR A 72 -12.29 14.95 0.97
N LYS A 73 -13.55 15.39 1.03
CA LYS A 73 -13.89 16.79 0.82
C LYS A 73 -15.18 17.15 1.53
N LEU A 74 -15.11 18.10 2.45
CA LEU A 74 -16.28 18.53 3.20
C LEU A 74 -17.35 19.08 2.27
N SER A 75 -18.59 19.15 2.77
CA SER A 75 -19.70 19.65 1.98
C SER A 75 -20.16 21.01 2.49
N GLY A 76 -20.34 21.12 3.80
CA GLY A 76 -20.77 22.37 4.39
C GLY A 76 -21.28 22.20 5.81
N PRO A 77 -21.90 23.25 6.35
CA PRO A 77 -22.44 23.24 7.71
C PRO A 77 -23.65 22.32 7.85
N SER A 78 -23.45 21.15 8.44
CA SER A 78 -24.52 20.19 8.62
C SER A 78 -24.39 19.48 9.97
N SER A 79 -25.50 18.88 10.43
CA SER A 79 -25.51 18.18 11.71
C SER A 79 -26.69 17.22 11.79
N GLY A 80 -26.73 16.43 12.86
CA GLY A 80 -27.82 15.48 13.03
C GLY A 80 -28.70 15.82 14.21
N GLY A 1 -8.17 -19.86 -23.86
CA GLY A 1 -9.00 -20.90 -23.27
C GLY A 1 -8.95 -20.90 -21.75
N SER A 2 -8.74 -22.06 -21.16
CA SER A 2 -8.68 -22.20 -19.72
C SER A 2 -8.18 -23.57 -19.31
N SER A 3 -7.49 -23.64 -18.17
CA SER A 3 -6.96 -24.90 -17.67
C SER A 3 -6.77 -24.85 -16.16
N GLY A 4 -6.48 -26.01 -15.57
CA GLY A 4 -6.28 -26.08 -14.13
C GLY A 4 -4.83 -26.00 -13.74
N SER A 5 -4.43 -24.84 -13.19
CA SER A 5 -3.04 -24.64 -12.78
C SER A 5 -2.98 -23.72 -11.56
N SER A 6 -1.93 -23.91 -10.75
CA SER A 6 -1.76 -23.11 -9.54
C SER A 6 -0.32 -23.22 -9.03
N GLY A 7 0.07 -22.25 -8.20
CA GLY A 7 1.42 -22.25 -7.66
C GLY A 7 2.33 -21.28 -8.37
N THR A 8 1.94 -20.00 -8.38
CA THR A 8 2.73 -18.97 -9.03
C THR A 8 3.59 -18.22 -8.03
N SER A 9 4.76 -17.76 -8.48
CA SER A 9 5.68 -17.03 -7.61
C SER A 9 4.99 -15.84 -6.96
N ILE A 10 5.63 -15.25 -5.97
CA ILE A 10 5.08 -14.10 -5.26
C ILE A 10 6.04 -12.92 -5.30
N THR A 11 7.30 -13.17 -4.96
CA THR A 11 8.32 -12.12 -4.97
C THR A 11 9.67 -12.68 -5.39
N PRO A 12 10.08 -12.35 -6.62
CA PRO A 12 11.36 -12.80 -7.18
C PRO A 12 12.55 -12.13 -6.51
N SER A 13 12.51 -10.81 -6.41
CA SER A 13 13.59 -10.05 -5.79
C SER A 13 13.07 -9.22 -4.62
N SER A 14 13.92 -8.98 -3.64
CA SER A 14 13.55 -8.19 -2.47
C SER A 14 13.65 -6.71 -2.76
N GLN A 15 12.61 -6.16 -3.37
CA GLN A 15 12.57 -4.74 -3.71
C GLN A 15 11.29 -4.08 -3.19
N ASP A 16 11.45 -3.01 -2.43
CA ASP A 16 10.31 -2.28 -1.88
C ASP A 16 9.32 -1.91 -2.97
N ILE A 17 8.27 -2.70 -3.11
CA ILE A 17 7.24 -2.43 -4.11
C ILE A 17 5.84 -2.63 -3.54
N CYS A 18 4.86 -2.05 -4.21
CA CYS A 18 3.47 -2.16 -3.77
C CYS A 18 3.17 -3.56 -3.25
N ARG A 19 2.16 -3.67 -2.39
CA ARG A 19 1.77 -4.95 -1.82
C ARG A 19 0.40 -5.38 -2.32
N ILE A 20 -0.36 -4.43 -2.85
CA ILE A 20 -1.70 -4.70 -3.37
C ILE A 20 -1.63 -5.17 -4.81
N CYS A 21 -0.80 -4.51 -5.61
CA CYS A 21 -0.65 -4.86 -7.02
C CYS A 21 0.73 -5.46 -7.28
N HIS A 22 1.68 -5.16 -6.41
CA HIS A 22 3.03 -5.67 -6.55
C HIS A 22 3.69 -5.15 -7.82
N CYS A 23 3.71 -3.82 -7.95
CA CYS A 23 4.32 -3.19 -9.12
C CYS A 23 5.16 -1.99 -8.72
N GLU A 24 6.12 -1.62 -9.56
CA GLU A 24 7.00 -0.50 -9.29
C GLU A 24 6.18 0.74 -8.90
N GLY A 25 6.75 1.56 -8.04
CA GLY A 25 6.08 2.77 -7.59
C GLY A 25 5.93 3.79 -8.71
N ASP A 26 4.71 4.27 -8.92
CA ASP A 26 4.45 5.26 -9.96
C ASP A 26 4.60 6.68 -9.41
N ASP A 27 4.77 7.63 -10.32
CA ASP A 27 4.93 9.04 -9.93
C ASP A 27 3.72 9.52 -9.14
N GLU A 28 2.53 9.16 -9.62
CA GLU A 28 1.30 9.56 -8.96
C GLU A 28 0.86 8.53 -7.92
N SER A 29 1.23 7.27 -8.15
CA SER A 29 0.88 6.20 -7.24
C SER A 29 2.13 5.54 -6.66
N PRO A 30 3.02 6.37 -6.08
CA PRO A 30 4.27 5.90 -5.48
C PRO A 30 4.04 5.10 -4.20
N LEU A 31 5.11 4.56 -3.64
CA LEU A 31 5.02 3.77 -2.41
C LEU A 31 5.06 4.67 -1.18
N ILE A 32 3.89 4.98 -0.64
CA ILE A 32 3.80 5.83 0.54
C ILE A 32 3.34 5.02 1.75
N THR A 33 3.80 5.44 2.93
CA THR A 33 3.45 4.77 4.18
C THR A 33 2.05 5.17 4.65
N PRO A 34 1.12 4.21 4.63
CA PRO A 34 -0.27 4.45 5.06
C PRO A 34 -0.38 4.68 6.56
N CYS A 35 0.57 4.12 7.31
CA CYS A 35 0.57 4.27 8.76
C CYS A 35 1.97 4.01 9.33
N HIS A 36 2.11 4.22 10.63
CA HIS A 36 3.40 4.03 11.29
C HIS A 36 4.03 2.70 10.87
N CYS A 37 3.22 1.65 10.87
CA CYS A 37 3.70 0.32 10.48
C CYS A 37 4.59 0.40 9.25
N THR A 38 5.90 0.28 9.46
CA THR A 38 6.86 0.34 8.36
C THR A 38 7.69 -0.94 8.28
N GLY A 39 8.46 -1.07 7.20
CA GLY A 39 9.29 -2.25 7.03
C GLY A 39 8.73 -3.21 6.00
N SER A 40 7.63 -3.88 6.35
CA SER A 40 7.00 -4.83 5.44
C SER A 40 6.62 -4.17 4.13
N LEU A 41 5.92 -4.91 3.28
CA LEU A 41 5.49 -4.40 1.99
C LEU A 41 4.36 -3.39 2.16
N HIS A 42 4.01 -3.11 3.40
CA HIS A 42 2.94 -2.16 3.71
C HIS A 42 2.90 -1.04 2.67
N PHE A 43 4.08 -0.66 2.17
CA PHE A 43 4.17 0.40 1.17
C PHE A 43 3.21 0.14 0.01
N VAL A 44 2.01 0.71 0.12
CA VAL A 44 1.00 0.54 -0.92
C VAL A 44 0.90 1.79 -1.79
N HIS A 45 0.22 1.66 -2.93
CA HIS A 45 0.05 2.77 -3.85
C HIS A 45 -1.11 3.66 -3.41
N GLN A 46 -0.86 4.97 -3.32
CA GLN A 46 -1.89 5.92 -2.91
C GLN A 46 -3.25 5.52 -3.48
N ALA A 47 -3.25 5.06 -4.72
CA ALA A 47 -4.49 4.65 -5.37
C ALA A 47 -4.93 3.27 -4.90
N CYS A 48 -4.11 2.27 -5.17
CA CYS A 48 -4.42 0.90 -4.78
C CYS A 48 -5.09 0.86 -3.41
N LEU A 49 -4.49 1.54 -2.43
CA LEU A 49 -5.02 1.59 -1.08
C LEU A 49 -6.55 1.65 -1.11
N GLN A 50 -7.10 2.50 -1.97
CA GLN A 50 -8.54 2.65 -2.09
C GLN A 50 -9.20 1.31 -2.36
N GLN A 51 -8.77 0.64 -3.43
CA GLN A 51 -9.33 -0.66 -3.81
C GLN A 51 -9.39 -1.59 -2.59
N TRP A 52 -8.34 -1.57 -1.79
CA TRP A 52 -8.28 -2.41 -0.60
C TRP A 52 -9.25 -1.92 0.46
N ILE A 53 -9.11 -0.65 0.86
CA ILE A 53 -9.98 -0.07 1.86
C ILE A 53 -11.42 -0.58 1.72
N LYS A 54 -11.85 -0.74 0.48
CA LYS A 54 -13.20 -1.23 0.21
C LYS A 54 -13.31 -2.73 0.48
N SER A 55 -12.46 -3.51 -0.18
CA SER A 55 -12.45 -4.96 -0.01
C SER A 55 -12.48 -5.33 1.46
N SER A 56 -11.61 -4.70 2.24
CA SER A 56 -11.53 -4.96 3.67
C SER A 56 -12.52 -4.10 4.44
N ASP A 57 -12.79 -2.91 3.93
CA ASP A 57 -13.74 -1.99 4.57
C ASP A 57 -13.14 -1.43 5.86
N THR A 58 -11.84 -1.21 5.87
CA THR A 58 -11.15 -0.67 7.03
C THR A 58 -10.22 0.47 6.65
N ARG A 59 -10.79 1.68 6.58
CA ARG A 59 -10.01 2.86 6.22
C ARG A 59 -8.74 2.95 7.07
N CYS A 60 -8.84 2.51 8.32
CA CYS A 60 -7.70 2.55 9.23
C CYS A 60 -6.89 1.25 9.14
N CYS A 61 -5.85 1.16 9.97
CA CYS A 61 -5.00 -0.01 9.98
C CYS A 61 -5.70 -1.20 10.66
N GLU A 62 -5.11 -2.38 10.53
CA GLU A 62 -5.68 -3.58 11.13
C GLU A 62 -5.13 -3.80 12.54
N LEU A 63 -3.89 -3.40 12.75
CA LEU A 63 -3.25 -3.54 14.05
C LEU A 63 -3.29 -2.24 14.83
N CYS A 64 -2.52 -1.25 14.37
CA CYS A 64 -2.47 0.06 15.03
C CYS A 64 -3.80 0.78 14.88
N LYS A 65 -4.65 0.29 13.98
CA LYS A 65 -5.96 0.90 13.75
C LYS A 65 -5.82 2.40 13.51
N TYR A 66 -4.92 2.77 12.62
CA TYR A 66 -4.70 4.18 12.30
C TYR A 66 -5.30 4.54 10.95
N GLU A 67 -6.04 5.64 10.92
CA GLU A 67 -6.67 6.10 9.68
C GLU A 67 -5.62 6.36 8.60
N PHE A 68 -5.83 5.76 7.43
CA PHE A 68 -4.91 5.91 6.31
C PHE A 68 -5.10 7.28 5.65
N ILE A 69 -4.04 7.78 5.03
CA ILE A 69 -4.08 9.08 4.36
C ILE A 69 -4.94 9.00 3.09
N MET A 70 -5.79 10.00 2.90
CA MET A 70 -6.65 10.06 1.73
C MET A 70 -7.21 11.47 1.54
N GLU A 71 -6.87 12.08 0.40
CA GLU A 71 -7.34 13.42 0.09
C GLU A 71 -8.85 13.47 -0.02
N THR A 72 -9.42 14.67 -0.03
CA THR A 72 -10.85 14.85 -0.13
C THR A 72 -11.24 15.54 -1.44
N LYS A 73 -12.27 15.02 -2.09
CA LYS A 73 -12.74 15.59 -3.35
C LYS A 73 -14.23 15.34 -3.54
N LEU A 74 -14.88 16.22 -4.29
CA LEU A 74 -16.32 16.09 -4.55
C LEU A 74 -16.58 14.97 -5.55
N SER A 75 -16.97 13.81 -5.03
CA SER A 75 -17.26 12.66 -5.87
C SER A 75 -18.77 12.43 -5.99
N GLY A 76 -19.42 12.27 -4.85
CA GLY A 76 -20.86 12.06 -4.84
C GLY A 76 -21.23 10.60 -4.61
N PRO A 77 -21.44 10.24 -3.34
CA PRO A 77 -21.80 8.87 -2.96
C PRO A 77 -23.21 8.49 -3.41
N SER A 78 -24.13 9.45 -3.32
CA SER A 78 -25.51 9.22 -3.71
C SER A 78 -25.59 8.28 -4.91
N SER A 79 -24.80 8.57 -5.94
CA SER A 79 -24.76 7.75 -7.15
C SER A 79 -23.49 6.91 -7.21
N GLY A 80 -23.62 5.68 -7.69
CA GLY A 80 -22.47 4.80 -7.79
C GLY A 80 -21.51 5.23 -8.88
N GLY A 1 16.49 -25.23 -9.41
CA GLY A 1 15.42 -24.50 -8.77
C GLY A 1 14.85 -23.41 -9.65
N SER A 2 13.90 -23.78 -10.50
CA SER A 2 13.27 -22.83 -11.42
C SER A 2 11.86 -23.27 -11.78
N SER A 3 10.93 -22.32 -11.79
CA SER A 3 9.54 -22.62 -12.11
C SER A 3 9.33 -22.64 -13.63
N GLY A 4 9.69 -21.54 -14.28
CA GLY A 4 9.53 -21.45 -15.72
C GLY A 4 9.97 -20.11 -16.27
N SER A 5 9.23 -19.60 -17.25
CA SER A 5 9.55 -18.32 -17.87
C SER A 5 10.02 -17.32 -16.82
N SER A 6 9.18 -17.06 -15.82
CA SER A 6 9.50 -16.13 -14.76
C SER A 6 9.35 -16.78 -13.39
N GLY A 7 10.47 -17.12 -12.77
CA GLY A 7 10.44 -17.75 -11.46
C GLY A 7 11.15 -16.92 -10.41
N THR A 8 11.62 -17.59 -9.36
CA THR A 8 12.31 -16.91 -8.27
C THR A 8 13.75 -17.40 -8.16
N SER A 9 14.68 -16.45 -8.10
CA SER A 9 16.10 -16.78 -8.00
C SER A 9 16.61 -16.55 -6.58
N ILE A 10 17.39 -17.50 -6.07
CA ILE A 10 17.93 -17.41 -4.72
C ILE A 10 18.90 -16.23 -4.61
N THR A 11 18.38 -15.05 -4.36
CA THR A 11 19.19 -13.86 -4.22
C THR A 11 18.49 -12.79 -3.39
N PRO A 12 19.21 -12.24 -2.39
CA PRO A 12 18.67 -11.21 -1.50
C PRO A 12 18.46 -9.88 -2.23
N SER A 13 17.26 -9.70 -2.78
CA SER A 13 16.93 -8.47 -3.49
C SER A 13 16.16 -7.50 -2.60
N SER A 14 16.73 -6.33 -2.39
CA SER A 14 16.10 -5.31 -1.55
C SER A 14 15.48 -4.21 -2.40
N GLN A 15 14.25 -4.44 -2.84
CA GLN A 15 13.54 -3.46 -3.67
C GLN A 15 12.23 -3.05 -3.03
N ASP A 16 12.00 -1.75 -2.93
CA ASP A 16 10.77 -1.23 -2.33
C ASP A 16 9.70 -1.03 -3.39
N ILE A 17 8.69 -1.90 -3.38
CA ILE A 17 7.59 -1.82 -4.33
C ILE A 17 6.26 -2.15 -3.68
N CYS A 18 5.17 -1.74 -4.32
CA CYS A 18 3.84 -2.01 -3.80
C CYS A 18 3.74 -3.43 -3.23
N ARG A 19 2.72 -3.66 -2.41
CA ARG A 19 2.51 -4.96 -1.81
C ARG A 19 1.18 -5.57 -2.24
N ILE A 20 0.24 -4.70 -2.61
CA ILE A 20 -1.08 -5.15 -3.05
C ILE A 20 -1.05 -5.61 -4.50
N CYS A 21 -0.26 -4.89 -5.32
CA CYS A 21 -0.13 -5.22 -6.74
C CYS A 21 1.28 -5.66 -7.07
N HIS A 22 2.23 -5.22 -6.25
CA HIS A 22 3.64 -5.56 -6.46
C HIS A 22 4.15 -4.99 -7.77
N CYS A 23 4.00 -3.67 -7.94
CA CYS A 23 4.45 -3.00 -9.15
C CYS A 23 5.25 -1.74 -8.82
N GLU A 24 6.08 -1.31 -9.75
CA GLU A 24 6.89 -0.11 -9.55
C GLU A 24 6.03 1.07 -9.14
N GLY A 25 6.59 1.95 -8.32
CA GLY A 25 5.86 3.11 -7.86
C GLY A 25 5.60 4.12 -8.98
N ASP A 26 4.34 4.51 -9.13
CA ASP A 26 3.96 5.46 -10.16
C ASP A 26 4.06 6.89 -9.65
N ASP A 27 4.09 7.85 -10.57
CA ASP A 27 4.19 9.26 -10.21
C ASP A 27 3.00 9.68 -9.35
N GLU A 28 1.81 9.26 -9.74
CA GLU A 28 0.59 9.59 -9.01
C GLU A 28 0.30 8.55 -7.93
N SER A 29 0.76 7.32 -8.18
CA SER A 29 0.54 6.23 -7.23
C SER A 29 1.87 5.67 -6.74
N PRO A 30 2.74 6.55 -6.22
CA PRO A 30 4.05 6.17 -5.70
C PRO A 30 3.95 5.35 -4.41
N LEU A 31 5.09 4.93 -3.90
CA LEU A 31 5.14 4.14 -2.67
C LEU A 31 5.16 5.04 -1.45
N ILE A 32 4.03 5.15 -0.76
CA ILE A 32 3.93 5.97 0.43
C ILE A 32 3.51 5.15 1.64
N THR A 33 3.91 5.61 2.83
CA THR A 33 3.59 4.90 4.06
C THR A 33 2.16 5.21 4.51
N PRO A 34 1.29 4.18 4.48
CA PRO A 34 -0.10 4.32 4.87
C PRO A 34 -0.27 4.53 6.38
N CYS A 35 0.62 3.92 7.16
CA CYS A 35 0.59 4.04 8.60
C CYS A 35 1.96 3.79 9.21
N HIS A 36 2.02 3.79 10.53
CA HIS A 36 3.28 3.56 11.24
C HIS A 36 3.87 2.20 10.87
N CYS A 37 3.03 1.17 10.92
CA CYS A 37 3.47 -0.19 10.59
C CYS A 37 4.56 -0.17 9.52
N THR A 38 5.80 -0.40 9.94
CA THR A 38 6.93 -0.42 9.02
C THR A 38 6.94 -1.68 8.17
N GLY A 39 6.49 -2.79 8.77
CA GLY A 39 6.46 -4.05 8.04
C GLY A 39 7.60 -4.18 7.05
N SER A 40 7.31 -4.72 5.88
CA SER A 40 8.31 -4.90 4.84
C SER A 40 7.95 -4.15 3.58
N LEU A 41 6.92 -4.64 2.88
CA LEU A 41 6.47 -4.02 1.64
C LEU A 41 5.29 -3.09 1.91
N HIS A 42 5.07 -2.76 3.18
CA HIS A 42 3.98 -1.88 3.57
C HIS A 42 3.78 -0.78 2.53
N PHE A 43 4.88 -0.30 1.96
CA PHE A 43 4.83 0.76 0.97
C PHE A 43 3.86 0.39 -0.15
N VAL A 44 2.61 0.83 -0.01
CA VAL A 44 1.59 0.56 -1.01
C VAL A 44 1.36 1.77 -1.90
N HIS A 45 0.55 1.58 -2.95
CA HIS A 45 0.25 2.66 -3.87
C HIS A 45 -0.94 3.48 -3.39
N GLN A 46 -0.79 4.80 -3.43
CA GLN A 46 -1.85 5.70 -2.99
C GLN A 46 -3.22 5.23 -3.49
N ALA A 47 -3.25 4.75 -4.73
CA ALA A 47 -4.49 4.27 -5.32
C ALA A 47 -4.87 2.90 -4.76
N CYS A 48 -4.03 1.91 -5.00
CA CYS A 48 -4.27 0.56 -4.52
C CYS A 48 -4.90 0.58 -3.12
N LEU A 49 -4.31 1.38 -2.24
CA LEU A 49 -4.81 1.50 -0.87
C LEU A 49 -6.33 1.61 -0.85
N GLN A 50 -6.87 2.44 -1.75
CA GLN A 50 -8.31 2.64 -1.82
C GLN A 50 -9.04 1.30 -1.99
N GLN A 51 -8.63 0.54 -3.01
CA GLN A 51 -9.24 -0.75 -3.28
C GLN A 51 -9.29 -1.61 -2.01
N TRP A 52 -8.19 -1.59 -1.25
CA TRP A 52 -8.10 -2.36 -0.02
C TRP A 52 -9.07 -1.82 1.04
N ILE A 53 -9.15 -0.49 1.13
CA ILE A 53 -10.02 0.15 2.10
C ILE A 53 -11.45 -0.41 2.01
N LYS A 54 -11.96 -0.49 0.79
CA LYS A 54 -13.31 -1.02 0.57
C LYS A 54 -13.37 -2.50 0.87
N SER A 55 -12.28 -3.22 0.56
CA SER A 55 -12.22 -4.65 0.80
C SER A 55 -12.51 -4.97 2.27
N SER A 56 -11.70 -4.44 3.17
CA SER A 56 -11.87 -4.68 4.59
C SER A 56 -12.88 -3.70 5.18
N ASP A 57 -13.74 -3.16 4.33
CA ASP A 57 -14.76 -2.22 4.76
C ASP A 57 -14.25 -1.36 5.92
N THR A 58 -13.04 -0.85 5.77
CA THR A 58 -12.43 -0.01 6.80
C THR A 58 -11.38 0.92 6.20
N ARG A 59 -11.29 2.13 6.75
CA ARG A 59 -10.33 3.12 6.28
C ARG A 59 -9.05 3.09 7.11
N CYS A 60 -9.22 2.83 8.40
CA CYS A 60 -8.07 2.77 9.31
C CYS A 60 -7.35 1.43 9.20
N CYS A 61 -6.18 1.34 9.82
CA CYS A 61 -5.40 0.12 9.80
C CYS A 61 -6.14 -1.02 10.48
N GLU A 62 -5.62 -2.23 10.33
CA GLU A 62 -6.24 -3.41 10.93
C GLU A 62 -5.65 -3.69 12.32
N LEU A 63 -4.37 -3.39 12.48
CA LEU A 63 -3.68 -3.60 13.75
C LEU A 63 -3.63 -2.31 14.56
N CYS A 64 -2.83 -1.36 14.09
CA CYS A 64 -2.70 -0.08 14.77
C CYS A 64 -4.00 0.73 14.70
N LYS A 65 -4.87 0.34 13.77
CA LYS A 65 -6.15 1.01 13.60
C LYS A 65 -5.95 2.51 13.39
N TYR A 66 -5.06 2.86 12.46
CA TYR A 66 -4.78 4.26 12.18
C TYR A 66 -5.18 4.61 10.74
N GLU A 67 -5.87 5.74 10.60
CA GLU A 67 -6.33 6.18 9.28
C GLU A 67 -5.21 6.06 8.25
N PHE A 68 -5.60 5.94 6.99
CA PHE A 68 -4.63 5.81 5.90
C PHE A 68 -4.56 7.10 5.08
N ILE A 69 -3.44 7.27 4.38
CA ILE A 69 -3.23 8.46 3.55
C ILE A 69 -4.21 8.48 2.38
N MET A 70 -5.13 9.45 2.40
CA MET A 70 -6.12 9.58 1.33
C MET A 70 -6.32 11.05 0.96
N GLU A 71 -6.53 11.31 -0.33
CA GLU A 71 -6.74 12.67 -0.80
C GLU A 71 -7.96 12.74 -1.72
N THR A 72 -9.13 12.85 -1.12
CA THR A 72 -10.38 12.93 -1.88
C THR A 72 -10.94 14.34 -1.86
N LYS A 73 -10.07 15.32 -1.96
CA LYS A 73 -10.48 16.73 -1.96
C LYS A 73 -11.57 16.97 -0.92
N LEU A 74 -11.42 16.36 0.25
CA LEU A 74 -12.39 16.51 1.32
C LEU A 74 -12.86 17.96 1.43
N SER A 75 -14.03 18.24 0.86
CA SER A 75 -14.60 19.58 0.89
C SER A 75 -16.07 19.56 0.51
N GLY A 76 -16.90 20.18 1.34
CA GLY A 76 -18.32 20.23 1.07
C GLY A 76 -18.88 18.88 0.63
N PRO A 77 -19.33 18.07 1.59
CA PRO A 77 -19.88 16.74 1.31
C PRO A 77 -21.22 16.81 0.60
N SER A 78 -21.66 18.04 0.27
CA SER A 78 -22.93 18.23 -0.41
C SER A 78 -22.81 17.91 -1.89
N SER A 79 -23.03 16.64 -2.22
CA SER A 79 -22.95 16.18 -3.61
C SER A 79 -23.55 14.79 -3.76
N GLY A 80 -24.56 14.68 -4.63
CA GLY A 80 -25.20 13.40 -4.86
C GLY A 80 -26.48 13.53 -5.66
N GLY A 1 -6.65 -18.02 -18.32
CA GLY A 1 -5.51 -18.02 -17.42
C GLY A 1 -5.78 -17.32 -16.12
N SER A 2 -5.00 -17.64 -15.10
CA SER A 2 -5.18 -17.03 -13.78
C SER A 2 -3.82 -16.73 -13.14
N SER A 3 -3.83 -15.84 -12.15
CA SER A 3 -2.61 -15.45 -11.45
C SER A 3 -2.93 -14.66 -10.18
N GLY A 4 -2.33 -15.08 -9.08
CA GLY A 4 -2.55 -14.40 -7.81
C GLY A 4 -1.90 -15.10 -6.65
N SER A 5 -0.67 -15.57 -6.85
CA SER A 5 0.07 -16.28 -5.82
C SER A 5 1.23 -15.43 -5.30
N SER A 6 1.78 -15.82 -4.16
CA SER A 6 2.89 -15.09 -3.56
C SER A 6 4.11 -16.00 -3.38
N GLY A 7 5.01 -15.97 -4.35
CA GLY A 7 6.19 -16.80 -4.28
C GLY A 7 7.19 -16.30 -3.25
N THR A 8 7.35 -17.06 -2.17
CA THR A 8 8.27 -16.69 -1.11
C THR A 8 9.55 -16.08 -1.67
N SER A 9 9.85 -14.85 -1.27
CA SER A 9 11.03 -14.15 -1.74
C SER A 9 12.13 -14.17 -0.67
N ILE A 10 13.20 -14.89 -0.97
CA ILE A 10 14.33 -15.00 -0.03
C ILE A 10 15.58 -14.37 -0.62
N THR A 11 15.42 -13.22 -1.26
CA THR A 11 16.55 -12.52 -1.87
C THR A 11 17.09 -11.45 -0.93
N PRO A 12 18.43 -11.36 -0.85
CA PRO A 12 19.10 -10.38 0.00
C PRO A 12 18.95 -8.95 -0.50
N SER A 13 18.19 -8.80 -1.58
CA SER A 13 17.96 -7.48 -2.16
C SER A 13 16.82 -6.76 -1.46
N SER A 14 16.97 -5.45 -1.29
CA SER A 14 15.96 -4.64 -0.62
C SER A 14 15.15 -3.83 -1.63
N GLN A 15 14.18 -4.46 -2.27
CA GLN A 15 13.34 -3.81 -3.26
C GLN A 15 11.97 -3.49 -2.69
N ASP A 16 11.68 -2.20 -2.52
CA ASP A 16 10.41 -1.77 -1.98
C ASP A 16 9.39 -1.52 -3.10
N ILE A 17 8.30 -2.27 -3.09
CA ILE A 17 7.28 -2.13 -4.11
C ILE A 17 5.90 -2.42 -3.54
N CYS A 18 4.86 -1.90 -4.18
CA CYS A 18 3.49 -2.10 -3.74
C CYS A 18 3.28 -3.53 -3.25
N ARG A 19 2.28 -3.72 -2.39
CA ARG A 19 1.97 -5.04 -1.85
C ARG A 19 0.62 -5.53 -2.34
N ILE A 20 -0.23 -4.59 -2.74
CA ILE A 20 -1.57 -4.93 -3.23
C ILE A 20 -1.53 -5.33 -4.71
N CYS A 21 -0.65 -4.68 -5.46
CA CYS A 21 -0.50 -4.97 -6.88
C CYS A 21 0.89 -5.50 -7.20
N HIS A 22 1.86 -5.15 -6.36
CA HIS A 22 3.23 -5.60 -6.54
C HIS A 22 3.83 -5.01 -7.80
N CYS A 23 3.80 -3.68 -7.91
CA CYS A 23 4.33 -2.99 -9.07
C CYS A 23 5.23 -1.83 -8.64
N GLU A 24 6.05 -1.35 -9.56
CA GLU A 24 6.95 -0.25 -9.29
C GLU A 24 6.18 1.02 -8.92
N GLY A 25 6.72 1.78 -7.98
CA GLY A 25 6.07 3.01 -7.55
C GLY A 25 6.07 4.07 -8.63
N ASP A 26 4.88 4.51 -9.04
CA ASP A 26 4.75 5.53 -10.07
C ASP A 26 4.70 6.93 -9.44
N ASP A 27 4.88 7.95 -10.27
CA ASP A 27 4.85 9.33 -9.80
C ASP A 27 3.51 9.66 -9.16
N GLU A 28 2.45 9.06 -9.69
CA GLU A 28 1.10 9.30 -9.17
C GLU A 28 0.74 8.26 -8.12
N SER A 29 1.24 7.05 -8.30
CA SER A 29 0.97 5.95 -7.37
C SER A 29 2.26 5.47 -6.71
N PRO A 30 3.01 6.41 -6.11
CA PRO A 30 4.27 6.11 -5.44
C PRO A 30 4.06 5.33 -4.15
N LEU A 31 5.08 4.58 -3.73
CA LEU A 31 5.01 3.78 -2.52
C LEU A 31 5.09 4.67 -1.28
N ILE A 32 3.94 4.93 -0.66
CA ILE A 32 3.88 5.76 0.53
C ILE A 32 3.40 4.96 1.74
N THR A 33 3.84 5.36 2.93
CA THR A 33 3.46 4.68 4.15
C THR A 33 2.05 5.09 4.59
N PRO A 34 1.12 4.15 4.53
CA PRO A 34 -0.28 4.38 4.91
C PRO A 34 -0.45 4.57 6.41
N CYS A 35 0.45 3.95 7.18
CA CYS A 35 0.40 4.05 8.64
C CYS A 35 1.79 3.79 9.24
N HIS A 36 1.92 4.03 10.53
CA HIS A 36 3.17 3.83 11.23
C HIS A 36 3.83 2.52 10.79
N CYS A 37 3.02 1.51 10.53
CA CYS A 37 3.51 0.21 10.09
C CYS A 37 4.46 0.37 8.90
N THR A 38 5.75 0.14 9.14
CA THR A 38 6.75 0.26 8.09
C THR A 38 7.61 -1.00 8.01
N GLY A 39 8.53 -1.01 7.06
CA GLY A 39 9.41 -2.16 6.89
C GLY A 39 8.93 -3.11 5.81
N SER A 40 7.97 -3.96 6.17
CA SER A 40 7.43 -4.93 5.22
C SER A 40 6.93 -4.24 3.95
N LEU A 41 6.30 -5.01 3.08
CA LEU A 41 5.78 -4.46 1.82
C LEU A 41 4.62 -3.51 2.08
N HIS A 42 4.28 -3.33 3.36
CA HIS A 42 3.19 -2.43 3.73
C HIS A 42 3.07 -1.27 2.76
N PHE A 43 4.21 -0.81 2.25
CA PHE A 43 4.24 0.30 1.30
C PHE A 43 3.29 0.05 0.14
N VAL A 44 2.11 0.63 0.20
CA VAL A 44 1.11 0.46 -0.86
C VAL A 44 0.99 1.73 -1.70
N HIS A 45 0.25 1.63 -2.79
CA HIS A 45 0.05 2.77 -3.69
C HIS A 45 -1.13 3.62 -3.23
N GLN A 46 -0.90 4.93 -3.09
CA GLN A 46 -1.95 5.84 -2.65
C GLN A 46 -3.30 5.45 -3.23
N ALA A 47 -3.30 5.02 -4.49
CA ALA A 47 -4.53 4.61 -5.16
C ALA A 47 -4.96 3.22 -4.71
N CYS A 48 -4.11 2.23 -4.98
CA CYS A 48 -4.41 0.86 -4.62
C CYS A 48 -5.05 0.79 -3.23
N LEU A 49 -4.44 1.46 -2.26
CA LEU A 49 -4.95 1.49 -0.90
C LEU A 49 -6.48 1.50 -0.90
N GLN A 50 -7.06 2.31 -1.79
CA GLN A 50 -8.51 2.41 -1.89
C GLN A 50 -9.14 1.06 -2.16
N GLN A 51 -8.72 0.42 -3.24
CA GLN A 51 -9.24 -0.89 -3.62
C GLN A 51 -9.20 -1.85 -2.44
N TRP A 52 -8.27 -1.61 -1.51
CA TRP A 52 -8.12 -2.45 -0.33
C TRP A 52 -9.09 -2.03 0.76
N ILE A 53 -9.25 -0.73 0.94
CA ILE A 53 -10.16 -0.19 1.96
C ILE A 53 -11.57 -0.69 1.74
N LYS A 54 -11.96 -0.86 0.48
CA LYS A 54 -13.29 -1.34 0.14
C LYS A 54 -13.42 -2.83 0.42
N SER A 55 -12.33 -3.57 0.22
CA SER A 55 -12.32 -5.01 0.45
C SER A 55 -12.29 -5.31 1.95
N SER A 56 -11.47 -4.58 2.68
CA SER A 56 -11.33 -4.77 4.12
C SER A 56 -12.45 -4.06 4.87
N ASP A 57 -13.04 -3.05 4.23
CA ASP A 57 -14.12 -2.29 4.83
C ASP A 57 -13.63 -1.52 6.04
N THR A 58 -12.45 -0.91 5.91
CA THR A 58 -11.86 -0.13 7.00
C THR A 58 -10.86 0.88 6.47
N ARG A 59 -11.09 2.15 6.77
CA ARG A 59 -10.21 3.23 6.32
C ARG A 59 -8.90 3.22 7.11
N CYS A 60 -8.99 2.82 8.39
CA CYS A 60 -7.82 2.78 9.25
C CYS A 60 -7.13 1.41 9.17
N CYS A 61 -5.96 1.31 9.77
CA CYS A 61 -5.19 0.07 9.77
C CYS A 61 -6.04 -1.09 10.32
N GLU A 62 -5.53 -2.30 10.16
CA GLU A 62 -6.23 -3.48 10.65
C GLU A 62 -5.75 -3.88 12.04
N LEU A 63 -4.65 -3.27 12.48
CA LEU A 63 -4.08 -3.54 13.79
C LEU A 63 -3.85 -2.25 14.57
N CYS A 64 -2.95 -1.42 14.07
CA CYS A 64 -2.63 -0.16 14.72
C CYS A 64 -3.83 0.79 14.66
N LYS A 65 -4.84 0.42 13.88
CA LYS A 65 -6.04 1.24 13.73
C LYS A 65 -5.68 2.66 13.33
N TYR A 66 -4.65 2.79 12.50
CA TYR A 66 -4.20 4.09 12.02
C TYR A 66 -4.97 4.52 10.77
N GLU A 67 -5.50 5.73 10.80
CA GLU A 67 -6.25 6.25 9.66
C GLU A 67 -5.34 6.51 8.47
N PHE A 68 -5.50 5.71 7.42
CA PHE A 68 -4.69 5.86 6.22
C PHE A 68 -4.85 7.25 5.62
N ILE A 69 -3.76 7.78 5.07
CA ILE A 69 -3.79 9.11 4.46
C ILE A 69 -4.58 9.10 3.16
N MET A 70 -5.69 9.83 3.15
CA MET A 70 -6.54 9.90 1.95
C MET A 70 -6.54 11.32 1.38
N GLU A 71 -6.71 11.41 0.06
CA GLU A 71 -6.71 12.70 -0.61
C GLU A 71 -8.15 13.21 -0.79
N THR A 72 -8.95 13.08 0.26
CA THR A 72 -10.34 13.51 0.22
C THR A 72 -10.57 14.72 1.12
N LYS A 73 -10.79 15.87 0.51
CA LYS A 73 -11.03 17.10 1.27
C LYS A 73 -11.55 18.21 0.35
N LEU A 74 -12.24 19.18 0.95
CA LEU A 74 -12.79 20.30 0.19
C LEU A 74 -13.54 19.80 -1.04
N SER A 75 -14.28 18.71 -0.87
CA SER A 75 -15.06 18.13 -1.97
C SER A 75 -14.25 18.14 -3.26
N GLY A 76 -12.97 17.77 -3.15
CA GLY A 76 -12.11 17.74 -4.32
C GLY A 76 -12.23 16.44 -5.09
N PRO A 77 -12.19 16.54 -6.43
CA PRO A 77 -12.30 15.37 -7.31
C PRO A 77 -11.06 14.48 -7.25
N SER A 78 -11.24 13.26 -6.76
CA SER A 78 -10.13 12.31 -6.65
C SER A 78 -10.11 11.36 -7.84
N SER A 79 -9.21 11.64 -8.79
CA SER A 79 -9.09 10.81 -9.98
C SER A 79 -7.96 9.79 -9.82
N GLY A 80 -8.26 8.53 -10.13
CA GLY A 80 -7.27 7.48 -10.01
C GLY A 80 -6.77 7.00 -11.36
N GLY A 1 -15.54 -22.33 -17.55
CA GLY A 1 -15.32 -22.46 -18.97
C GLY A 1 -13.86 -22.41 -19.34
N SER A 2 -13.49 -21.47 -20.20
CA SER A 2 -12.11 -21.31 -20.64
C SER A 2 -11.24 -20.82 -19.51
N SER A 3 -10.22 -21.59 -19.16
CA SER A 3 -9.30 -21.24 -18.08
C SER A 3 -7.90 -20.98 -18.62
N GLY A 4 -7.68 -19.76 -19.12
CA GLY A 4 -6.39 -19.40 -19.66
C GLY A 4 -5.78 -18.19 -18.97
N SER A 5 -5.92 -18.14 -17.64
CA SER A 5 -5.39 -17.03 -16.86
C SER A 5 -4.09 -17.43 -16.16
N SER A 6 -2.97 -17.28 -16.88
CA SER A 6 -1.67 -17.62 -16.32
C SER A 6 -0.90 -16.37 -15.92
N GLY A 7 -0.96 -16.04 -14.64
CA GLY A 7 -0.26 -14.86 -14.14
C GLY A 7 1.20 -14.85 -14.54
N THR A 8 1.72 -13.65 -14.80
CA THR A 8 3.13 -13.50 -15.19
C THR A 8 4.04 -13.51 -13.97
N SER A 9 5.20 -14.15 -14.11
CA SER A 9 6.16 -14.24 -13.03
C SER A 9 6.59 -12.84 -12.57
N ILE A 10 6.97 -12.73 -11.30
CA ILE A 10 7.39 -11.46 -10.73
C ILE A 10 8.91 -11.38 -10.64
N THR A 11 9.44 -10.18 -10.82
CA THR A 11 10.89 -9.96 -10.76
C THR A 11 11.47 -10.47 -9.45
N PRO A 12 12.28 -11.54 -9.54
CA PRO A 12 12.90 -12.16 -8.37
C PRO A 12 13.99 -11.27 -7.76
N SER A 13 13.57 -10.32 -6.93
CA SER A 13 14.50 -9.40 -6.28
C SER A 13 13.91 -8.84 -5.00
N SER A 14 14.74 -8.16 -4.21
CA SER A 14 14.30 -7.56 -2.96
C SER A 14 14.26 -6.04 -3.05
N GLN A 15 13.12 -5.51 -3.48
CA GLN A 15 12.96 -4.07 -3.62
C GLN A 15 11.60 -3.62 -3.09
N ASP A 16 11.58 -2.46 -2.44
CA ASP A 16 10.34 -1.92 -1.87
C ASP A 16 9.33 -1.63 -2.98
N ILE A 17 8.25 -2.40 -3.01
CA ILE A 17 7.21 -2.23 -4.01
C ILE A 17 5.82 -2.44 -3.41
N CYS A 18 4.79 -2.03 -4.15
CA CYS A 18 3.42 -2.18 -3.70
C CYS A 18 3.18 -3.58 -3.12
N ARG A 19 2.15 -3.71 -2.30
CA ARG A 19 1.82 -4.98 -1.69
C ARG A 19 0.46 -5.48 -2.17
N ILE A 20 -0.34 -4.57 -2.73
CA ILE A 20 -1.66 -4.92 -3.23
C ILE A 20 -1.61 -5.32 -4.69
N CYS A 21 -0.66 -4.73 -5.43
CA CYS A 21 -0.51 -5.03 -6.85
C CYS A 21 0.88 -5.61 -7.13
N HIS A 22 1.83 -5.31 -6.25
CA HIS A 22 3.19 -5.80 -6.41
C HIS A 22 3.84 -5.21 -7.65
N CYS A 23 3.81 -3.88 -7.76
CA CYS A 23 4.39 -3.20 -8.91
C CYS A 23 5.27 -2.04 -8.45
N GLU A 24 6.02 -1.46 -9.39
CA GLU A 24 6.91 -0.34 -9.08
C GLU A 24 6.11 0.93 -8.85
N GLY A 25 6.53 1.70 -7.85
CA GLY A 25 5.85 2.95 -7.54
C GLY A 25 6.08 4.02 -8.58
N ASP A 26 5.02 4.73 -8.97
CA ASP A 26 5.13 5.78 -9.96
C ASP A 26 4.90 7.15 -9.32
N ASP A 27 4.87 8.19 -10.15
CA ASP A 27 4.66 9.55 -9.66
C ASP A 27 3.24 9.72 -9.15
N GLU A 28 2.32 8.93 -9.68
CA GLU A 28 0.92 9.00 -9.27
C GLU A 28 0.61 7.94 -8.22
N SER A 29 1.19 6.76 -8.39
CA SER A 29 0.97 5.66 -7.47
C SER A 29 2.28 5.27 -6.78
N PRO A 30 2.95 6.26 -6.20
CA PRO A 30 4.23 6.05 -5.49
C PRO A 30 4.04 5.29 -4.18
N LEU A 31 5.06 4.55 -3.79
CA LEU A 31 5.02 3.77 -2.54
C LEU A 31 5.11 4.69 -1.33
N ILE A 32 3.97 4.98 -0.73
CA ILE A 32 3.93 5.83 0.45
C ILE A 32 3.60 5.03 1.71
N THR A 33 3.76 5.67 2.87
CA THR A 33 3.48 5.01 4.14
C THR A 33 2.07 5.33 4.63
N PRO A 34 1.20 4.31 4.63
CA PRO A 34 -0.19 4.45 5.06
C PRO A 34 -0.30 4.68 6.57
N CYS A 35 0.60 4.03 7.32
CA CYS A 35 0.59 4.17 8.78
C CYS A 35 1.99 3.93 9.34
N HIS A 36 2.15 4.17 10.63
CA HIS A 36 3.43 3.98 11.30
C HIS A 36 4.07 2.65 10.89
N CYS A 37 3.23 1.63 10.71
CA CYS A 37 3.71 0.32 10.31
C CYS A 37 4.61 0.40 9.08
N THR A 38 5.87 0.01 9.26
CA THR A 38 6.83 0.04 8.17
C THR A 38 7.72 -1.20 8.17
N GLY A 39 8.68 -1.24 7.26
CA GLY A 39 9.58 -2.38 7.18
C GLY A 39 9.14 -3.39 6.15
N SER A 40 7.89 -3.83 6.24
CA SER A 40 7.35 -4.81 5.32
C SER A 40 6.88 -4.14 4.02
N LEU A 41 6.24 -4.93 3.16
CA LEU A 41 5.75 -4.41 1.89
C LEU A 41 4.58 -3.44 2.11
N HIS A 42 4.23 -3.23 3.38
CA HIS A 42 3.15 -2.33 3.73
C HIS A 42 3.05 -1.18 2.71
N PHE A 43 4.19 -0.73 2.23
CA PHE A 43 4.24 0.36 1.26
C PHE A 43 3.28 0.09 0.10
N VAL A 44 2.10 0.69 0.15
CA VAL A 44 1.10 0.52 -0.89
C VAL A 44 0.98 1.78 -1.76
N HIS A 45 0.25 1.66 -2.86
CA HIS A 45 0.06 2.79 -3.77
C HIS A 45 -1.11 3.66 -3.31
N GLN A 46 -0.86 4.95 -3.15
CA GLN A 46 -1.89 5.88 -2.73
C GLN A 46 -3.24 5.52 -3.34
N ALA A 47 -3.22 5.05 -4.58
CA ALA A 47 -4.44 4.67 -5.27
C ALA A 47 -4.91 3.28 -4.84
N CYS A 48 -4.09 2.27 -5.10
CA CYS A 48 -4.43 0.90 -4.73
C CYS A 48 -5.13 0.85 -3.38
N LEU A 49 -4.47 1.41 -2.37
CA LEU A 49 -5.03 1.44 -1.01
C LEU A 49 -6.54 1.61 -1.05
N GLN A 50 -7.00 2.59 -1.84
CA GLN A 50 -8.43 2.87 -1.96
C GLN A 50 -9.20 1.58 -2.24
N GLN A 51 -8.86 0.91 -3.32
CA GLN A 51 -9.52 -0.34 -3.69
C GLN A 51 -9.58 -1.30 -2.51
N TRP A 52 -8.43 -1.49 -1.86
CA TRP A 52 -8.35 -2.39 -0.71
C TRP A 52 -9.28 -1.93 0.41
N ILE A 53 -9.32 -0.63 0.65
CA ILE A 53 -10.18 -0.07 1.69
C ILE A 53 -11.62 -0.49 1.49
N LYS A 54 -12.02 -0.67 0.24
CA LYS A 54 -13.38 -1.07 -0.09
C LYS A 54 -13.66 -2.49 0.40
N SER A 55 -12.73 -3.39 0.12
CA SER A 55 -12.88 -4.79 0.53
C SER A 55 -12.74 -4.93 2.04
N SER A 56 -11.54 -4.66 2.55
CA SER A 56 -11.28 -4.76 3.98
C SER A 56 -12.26 -3.90 4.77
N ASP A 57 -12.96 -3.01 4.08
CA ASP A 57 -13.93 -2.13 4.72
C ASP A 57 -13.34 -1.50 5.98
N THR A 58 -12.03 -1.25 5.95
CA THR A 58 -11.35 -0.65 7.09
C THR A 58 -10.46 0.50 6.65
N ARG A 59 -11.00 1.72 6.69
CA ARG A 59 -10.24 2.89 6.31
C ARG A 59 -8.95 3.01 7.10
N CYS A 60 -8.97 2.52 8.33
CA CYS A 60 -7.79 2.57 9.20
C CYS A 60 -7.00 1.28 9.10
N CYS A 61 -5.92 1.19 9.87
CA CYS A 61 -5.07 0.01 9.86
C CYS A 61 -5.77 -1.17 10.51
N GLU A 62 -5.19 -2.36 10.35
CA GLU A 62 -5.78 -3.58 10.92
C GLU A 62 -5.12 -3.92 12.25
N LEU A 63 -3.92 -3.39 12.47
CA LEU A 63 -3.18 -3.64 13.70
C LEU A 63 -3.18 -2.41 14.59
N CYS A 64 -2.64 -1.30 14.07
CA CYS A 64 -2.58 -0.05 14.82
C CYS A 64 -3.88 0.72 14.70
N LYS A 65 -4.76 0.27 13.80
CA LYS A 65 -6.04 0.92 13.58
C LYS A 65 -5.87 2.42 13.37
N TYR A 66 -4.95 2.77 12.48
CA TYR A 66 -4.68 4.18 12.18
C TYR A 66 -5.27 4.57 10.83
N GLU A 67 -6.07 5.63 10.82
CA GLU A 67 -6.69 6.10 9.58
C GLU A 67 -5.64 6.33 8.50
N PHE A 68 -5.86 5.73 7.34
CA PHE A 68 -4.93 5.86 6.22
C PHE A 68 -5.14 7.19 5.50
N ILE A 69 -4.11 7.64 4.79
CA ILE A 69 -4.18 8.90 4.05
C ILE A 69 -4.72 8.67 2.64
N MET A 70 -5.81 9.35 2.32
CA MET A 70 -6.43 9.23 1.01
C MET A 70 -6.87 10.59 0.49
N GLU A 71 -6.55 10.87 -0.77
CA GLU A 71 -6.91 12.15 -1.40
C GLU A 71 -8.27 12.06 -2.06
N THR A 72 -9.32 11.96 -1.25
CA THR A 72 -10.68 11.86 -1.77
C THR A 72 -11.68 12.54 -0.84
N LYS A 73 -12.29 13.63 -1.30
CA LYS A 73 -13.26 14.37 -0.51
C LYS A 73 -14.68 13.91 -0.83
N LEU A 74 -14.87 12.60 -0.93
CA LEU A 74 -16.18 12.04 -1.23
C LEU A 74 -17.16 12.32 -0.10
N SER A 75 -18.39 12.69 -0.47
CA SER A 75 -19.42 12.99 0.52
C SER A 75 -20.59 12.03 0.38
N GLY A 76 -20.57 10.95 1.14
CA GLY A 76 -21.64 9.97 1.09
C GLY A 76 -21.14 8.58 0.71
N PRO A 77 -22.02 7.58 0.82
CA PRO A 77 -21.69 6.19 0.49
C PRO A 77 -21.49 5.98 -1.01
N SER A 78 -20.35 5.41 -1.36
CA SER A 78 -20.03 5.16 -2.77
C SER A 78 -20.65 3.85 -3.24
N SER A 79 -21.20 3.86 -4.46
CA SER A 79 -21.83 2.67 -5.02
C SER A 79 -21.03 2.15 -6.20
N GLY A 80 -21.20 0.86 -6.50
CA GLY A 80 -20.48 0.25 -7.61
C GLY A 80 -19.42 -0.73 -7.15
N GLY A 1 6.75 0.32 -26.88
CA GLY A 1 7.97 0.85 -26.30
C GLY A 1 8.94 -0.25 -25.91
N SER A 2 9.00 -0.56 -24.62
CA SER A 2 9.89 -1.59 -24.12
C SER A 2 9.99 -2.76 -25.10
N SER A 3 11.20 -3.28 -25.28
CA SER A 3 11.43 -4.39 -26.20
C SER A 3 12.51 -5.33 -25.65
N GLY A 4 12.43 -6.60 -26.04
CA GLY A 4 13.40 -7.57 -25.59
C GLY A 4 13.10 -8.08 -24.19
N SER A 5 12.05 -8.88 -24.07
CA SER A 5 11.65 -9.44 -22.77
C SER A 5 12.67 -10.45 -22.28
N SER A 6 13.30 -10.15 -21.14
CA SER A 6 14.30 -11.03 -20.57
C SER A 6 13.95 -11.38 -19.12
N GLY A 7 14.76 -12.25 -18.52
CA GLY A 7 14.52 -12.65 -17.15
C GLY A 7 15.14 -11.69 -16.14
N THR A 8 14.70 -11.78 -14.89
CA THR A 8 15.20 -10.92 -13.83
C THR A 8 16.24 -11.64 -12.98
N SER A 9 17.38 -10.99 -12.74
CA SER A 9 18.44 -11.59 -11.94
C SER A 9 18.14 -11.43 -10.46
N ILE A 10 17.94 -10.18 -10.02
CA ILE A 10 17.65 -9.90 -8.62
C ILE A 10 16.14 -9.89 -8.37
N THR A 11 15.69 -10.80 -7.52
CA THR A 11 14.28 -10.90 -7.18
C THR A 11 13.80 -9.66 -6.42
N PRO A 12 12.50 -9.35 -6.55
CA PRO A 12 11.90 -8.19 -5.89
C PRO A 12 11.81 -8.37 -4.38
N SER A 13 12.40 -9.45 -3.87
CA SER A 13 12.38 -9.75 -2.45
C SER A 13 12.72 -8.50 -1.63
N SER A 14 13.87 -7.90 -1.95
CA SER A 14 14.31 -6.70 -1.24
C SER A 14 13.64 -5.46 -1.81
N GLN A 15 13.58 -5.39 -3.14
CA GLN A 15 12.97 -4.25 -3.82
C GLN A 15 11.59 -3.94 -3.24
N ASP A 16 11.47 -2.79 -2.59
CA ASP A 16 10.21 -2.38 -1.98
C ASP A 16 9.20 -1.96 -3.05
N ILE A 17 8.13 -2.73 -3.19
CA ILE A 17 7.10 -2.45 -4.18
C ILE A 17 5.71 -2.67 -3.59
N CYS A 18 4.70 -2.08 -4.23
CA CYS A 18 3.32 -2.22 -3.78
C CYS A 18 3.07 -3.62 -3.22
N ARG A 19 2.11 -3.72 -2.30
CA ARG A 19 1.78 -4.99 -1.69
C ARG A 19 0.43 -5.51 -2.19
N ILE A 20 -0.38 -4.59 -2.72
CA ILE A 20 -1.69 -4.95 -3.25
C ILE A 20 -1.59 -5.42 -4.70
N CYS A 21 -0.90 -4.64 -5.51
CA CYS A 21 -0.73 -4.96 -6.93
C CYS A 21 0.64 -5.60 -7.18
N HIS A 22 1.62 -5.20 -6.39
CA HIS A 22 2.99 -5.71 -6.51
C HIS A 22 3.66 -5.15 -7.75
N CYS A 23 3.56 -3.84 -7.94
CA CYS A 23 4.16 -3.18 -9.08
C CYS A 23 5.03 -2.00 -8.64
N GLU A 24 5.94 -1.58 -9.51
CA GLU A 24 6.83 -0.46 -9.21
C GLU A 24 6.02 0.78 -8.81
N GLY A 25 6.62 1.60 -7.95
CA GLY A 25 5.95 2.81 -7.50
C GLY A 25 5.83 3.85 -8.60
N ASP A 26 4.61 4.30 -8.87
CA ASP A 26 4.37 5.30 -9.89
C ASP A 26 4.58 6.71 -9.34
N ASP A 27 4.77 7.67 -10.23
CA ASP A 27 4.98 9.06 -9.83
C ASP A 27 3.80 9.58 -9.02
N GLU A 28 2.59 9.28 -9.49
CA GLU A 28 1.38 9.70 -8.80
C GLU A 28 0.92 8.66 -7.79
N SER A 29 1.29 7.41 -8.03
CA SER A 29 0.91 6.32 -7.14
C SER A 29 2.15 5.61 -6.60
N PRO A 30 3.07 6.40 -6.01
CA PRO A 30 4.32 5.87 -5.44
C PRO A 30 4.07 5.05 -4.18
N LEU A 31 5.13 4.41 -3.69
CA LEU A 31 5.02 3.58 -2.49
C LEU A 31 5.10 4.44 -1.23
N ILE A 32 3.94 4.73 -0.65
CA ILE A 32 3.87 5.55 0.56
C ILE A 32 3.34 4.73 1.74
N THR A 33 3.73 5.14 2.95
CA THR A 33 3.30 4.45 4.15
C THR A 33 1.92 4.93 4.60
N PRO A 34 0.94 4.02 4.56
CA PRO A 34 -0.44 4.33 4.96
C PRO A 34 -0.57 4.55 6.46
N CYS A 35 0.45 4.16 7.21
CA CYS A 35 0.45 4.31 8.65
C CYS A 35 1.86 4.17 9.22
N HIS A 36 1.96 4.22 10.54
CA HIS A 36 3.25 4.11 11.21
C HIS A 36 4.02 2.89 10.69
N CYS A 37 3.35 1.75 10.65
CA CYS A 37 3.98 0.51 10.18
C CYS A 37 4.77 0.76 8.90
N THR A 38 6.08 0.56 8.97
CA THR A 38 6.96 0.76 7.82
C THR A 38 7.76 -0.50 7.52
N GLY A 39 8.08 -1.27 8.56
CA GLY A 39 8.84 -2.49 8.38
C GLY A 39 8.01 -3.60 7.76
N SER A 40 7.47 -3.36 6.57
CA SER A 40 6.65 -4.35 5.89
C SER A 40 6.25 -3.85 4.50
N LEU A 41 5.58 -4.71 3.75
CA LEU A 41 5.14 -4.37 2.39
C LEU A 41 4.10 -3.25 2.43
N HIS A 42 3.72 -2.84 3.64
CA HIS A 42 2.73 -1.78 3.81
C HIS A 42 2.81 -0.78 2.67
N PHE A 43 4.03 -0.51 2.20
CA PHE A 43 4.23 0.43 1.12
C PHE A 43 3.29 0.15 -0.04
N VAL A 44 2.11 0.77 0.00
CA VAL A 44 1.11 0.58 -1.04
C VAL A 44 1.01 1.82 -1.93
N HIS A 45 0.24 1.70 -3.02
CA HIS A 45 0.06 2.82 -3.94
C HIS A 45 -1.11 3.70 -3.52
N GLN A 46 -0.85 5.00 -3.42
CA GLN A 46 -1.89 5.96 -3.02
C GLN A 46 -3.25 5.55 -3.58
N ALA A 47 -3.27 5.18 -4.86
CA ALA A 47 -4.51 4.77 -5.51
C ALA A 47 -4.96 3.40 -5.02
N CYS A 48 -4.14 2.38 -5.27
CA CYS A 48 -4.46 1.03 -4.84
C CYS A 48 -5.15 1.02 -3.49
N LEU A 49 -4.52 1.68 -2.52
CA LEU A 49 -5.07 1.75 -1.16
C LEU A 49 -6.59 1.84 -1.20
N GLN A 50 -7.11 2.65 -2.11
CA GLN A 50 -8.55 2.81 -2.25
C GLN A 50 -9.23 1.49 -2.58
N GLN A 51 -8.89 0.92 -3.73
CA GLN A 51 -9.47 -0.34 -4.16
C GLN A 51 -9.54 -1.33 -3.01
N TRP A 52 -8.44 -1.44 -2.27
CA TRP A 52 -8.37 -2.36 -1.13
C TRP A 52 -9.37 -1.95 -0.04
N ILE A 53 -9.32 -0.67 0.34
CA ILE A 53 -10.23 -0.16 1.36
C ILE A 53 -11.66 -0.56 1.08
N LYS A 54 -12.01 -0.69 -0.19
CA LYS A 54 -13.35 -1.08 -0.60
C LYS A 54 -13.66 -2.50 -0.16
N SER A 55 -12.71 -3.41 -0.38
CA SER A 55 -12.89 -4.81 -0.01
C SER A 55 -12.73 -5.00 1.49
N SER A 56 -11.53 -4.74 1.99
CA SER A 56 -11.23 -4.88 3.41
C SER A 56 -12.18 -4.03 4.24
N ASP A 57 -12.90 -3.12 3.58
CA ASP A 57 -13.84 -2.24 4.26
C ASP A 57 -13.22 -1.64 5.51
N THR A 58 -11.91 -1.42 5.47
CA THR A 58 -11.19 -0.85 6.60
C THR A 58 -10.49 0.46 6.21
N ARG A 59 -10.57 1.46 7.08
CA ARG A 59 -9.95 2.74 6.82
C ARG A 59 -8.64 2.88 7.61
N CYS A 60 -8.61 2.30 8.80
CA CYS A 60 -7.42 2.36 9.63
C CYS A 60 -6.64 1.05 9.58
N CYS A 61 -5.51 1.00 10.27
CA CYS A 61 -4.68 -0.19 10.29
C CYS A 61 -5.37 -1.33 11.04
N GLU A 62 -4.82 -2.53 10.90
CA GLU A 62 -5.39 -3.70 11.57
C GLU A 62 -4.78 -3.88 12.97
N LEU A 63 -3.54 -3.44 13.12
CA LEU A 63 -2.86 -3.55 14.41
C LEU A 63 -2.77 -2.19 15.10
N CYS A 64 -2.00 -1.27 14.51
CA CYS A 64 -1.83 0.06 15.06
C CYS A 64 -3.13 0.85 14.96
N LYS A 65 -4.07 0.33 14.19
CA LYS A 65 -5.36 1.00 14.02
C LYS A 65 -5.18 2.47 13.68
N TYR A 66 -4.37 2.74 12.66
CA TYR A 66 -4.12 4.12 12.24
C TYR A 66 -4.84 4.43 10.94
N GLU A 67 -5.62 5.51 10.94
CA GLU A 67 -6.37 5.92 9.75
C GLU A 67 -5.42 6.14 8.57
N PHE A 68 -5.76 5.54 7.44
CA PHE A 68 -4.94 5.67 6.23
C PHE A 68 -5.18 7.03 5.57
N ILE A 69 -4.26 7.41 4.69
CA ILE A 69 -4.35 8.69 3.98
C ILE A 69 -5.35 8.60 2.84
N MET A 70 -6.46 9.31 2.97
CA MET A 70 -7.50 9.31 1.95
C MET A 70 -8.15 10.70 1.84
N GLU A 71 -8.28 11.19 0.61
CA GLU A 71 -8.88 12.50 0.37
C GLU A 71 -10.40 12.40 0.38
N THR A 72 -11.06 13.54 0.54
CA THR A 72 -12.52 13.60 0.57
C THR A 72 -13.09 13.65 -0.84
N LYS A 73 -13.55 12.51 -1.34
CA LYS A 73 -14.13 12.43 -2.68
C LYS A 73 -15.65 12.36 -2.61
N LEU A 74 -16.30 13.31 -3.28
CA LEU A 74 -17.76 13.36 -3.30
C LEU A 74 -18.25 14.31 -4.38
N SER A 75 -19.48 14.08 -4.84
CA SER A 75 -20.07 14.90 -5.90
C SER A 75 -20.94 16.01 -5.29
N GLY A 76 -21.30 16.98 -6.11
CA GLY A 76 -22.13 18.08 -5.64
C GLY A 76 -23.60 17.74 -5.64
N PRO A 77 -24.29 18.03 -6.76
CA PRO A 77 -25.72 17.76 -6.91
C PRO A 77 -26.02 16.26 -7.00
N SER A 78 -25.30 15.57 -7.88
CA SER A 78 -25.49 14.14 -8.05
C SER A 78 -26.98 13.77 -7.94
N SER A 79 -27.83 14.59 -8.55
CA SER A 79 -29.26 14.36 -8.51
C SER A 79 -29.63 13.12 -9.32
N GLY A 80 -29.02 12.98 -10.49
CA GLY A 80 -29.30 11.84 -11.34
C GLY A 80 -28.06 11.35 -12.07
N GLY A 1 -3.11 -12.53 -15.46
CA GLY A 1 -2.52 -13.55 -16.31
C GLY A 1 -1.24 -14.12 -15.74
N SER A 2 -0.88 -15.31 -16.18
CA SER A 2 0.34 -15.97 -15.71
C SER A 2 0.76 -17.09 -16.65
N SER A 3 2.00 -17.01 -17.14
CA SER A 3 2.52 -18.01 -18.05
C SER A 3 3.88 -18.53 -17.57
N GLY A 4 4.17 -19.78 -17.90
CA GLY A 4 5.43 -20.38 -17.49
C GLY A 4 5.25 -21.71 -16.81
N SER A 5 5.32 -22.79 -17.58
CA SER A 5 5.15 -24.13 -17.05
C SER A 5 5.92 -24.29 -15.73
N SER A 6 7.15 -23.80 -15.71
CA SER A 6 7.99 -23.89 -14.51
C SER A 6 7.29 -23.25 -13.32
N GLY A 7 6.79 -22.04 -13.50
CA GLY A 7 6.11 -21.34 -12.42
C GLY A 7 6.97 -20.27 -11.79
N THR A 8 7.97 -20.69 -11.03
CA THR A 8 8.87 -19.76 -10.36
C THR A 8 10.32 -20.01 -10.77
N SER A 9 10.92 -19.05 -11.46
CA SER A 9 12.30 -19.16 -11.91
C SER A 9 13.08 -17.90 -11.57
N ILE A 10 12.67 -16.78 -12.13
CA ILE A 10 13.33 -15.51 -11.90
C ILE A 10 13.77 -15.38 -10.43
N THR A 11 14.91 -14.75 -10.21
CA THR A 11 15.44 -14.56 -8.87
C THR A 11 15.60 -13.08 -8.54
N PRO A 12 14.51 -12.47 -8.05
CA PRO A 12 14.50 -11.05 -7.69
C PRO A 12 15.33 -10.76 -6.44
N SER A 13 15.57 -9.49 -6.18
CA SER A 13 16.37 -9.08 -5.02
C SER A 13 15.64 -8.01 -4.22
N SER A 14 16.26 -7.57 -3.13
CA SER A 14 15.67 -6.55 -2.27
C SER A 14 15.19 -5.36 -3.10
N GLN A 15 13.88 -5.30 -3.34
CA GLN A 15 13.29 -4.22 -4.11
C GLN A 15 12.07 -3.64 -3.40
N ASP A 16 11.94 -2.31 -3.45
CA ASP A 16 10.81 -1.64 -2.82
C ASP A 16 9.70 -1.37 -3.81
N ILE A 17 8.72 -2.27 -3.85
CA ILE A 17 7.59 -2.14 -4.76
C ILE A 17 6.27 -2.40 -4.04
N CYS A 18 5.18 -1.93 -4.65
CA CYS A 18 3.85 -2.11 -4.06
C CYS A 18 3.73 -3.48 -3.39
N ARG A 19 2.82 -3.58 -2.43
CA ARG A 19 2.61 -4.83 -1.71
C ARG A 19 1.25 -5.42 -2.04
N ILE A 20 0.40 -4.64 -2.68
CA ILE A 20 -0.93 -5.08 -3.06
C ILE A 20 -0.95 -5.57 -4.51
N CYS A 21 -0.29 -4.82 -5.39
CA CYS A 21 -0.24 -5.16 -6.80
C CYS A 21 1.16 -5.65 -7.19
N HIS A 22 2.16 -5.22 -6.43
CA HIS A 22 3.54 -5.60 -6.69
C HIS A 22 4.02 -5.04 -8.03
N CYS A 23 3.91 -3.73 -8.18
CA CYS A 23 4.33 -3.06 -9.41
C CYS A 23 5.10 -1.79 -9.10
N GLU A 24 5.97 -1.38 -10.03
CA GLU A 24 6.77 -0.18 -9.85
C GLU A 24 5.91 0.99 -9.39
N GLY A 25 6.51 1.90 -8.64
CA GLY A 25 5.78 3.05 -8.14
C GLY A 25 5.49 4.07 -9.21
N ASP A 26 4.28 4.62 -9.21
CA ASP A 26 3.88 5.60 -10.20
C ASP A 26 4.07 7.03 -9.66
N ASP A 27 4.03 8.00 -10.55
CA ASP A 27 4.19 9.40 -10.17
C ASP A 27 3.05 9.86 -9.28
N GLU A 28 1.83 9.46 -9.64
CA GLU A 28 0.65 9.82 -8.87
C GLU A 28 0.36 8.78 -7.79
N SER A 29 0.77 7.55 -8.03
CA SER A 29 0.56 6.46 -7.09
C SER A 29 1.88 5.86 -6.63
N PRO A 30 2.77 6.73 -6.13
CA PRO A 30 4.09 6.31 -5.64
C PRO A 30 4.01 5.51 -4.35
N LEU A 31 5.14 4.96 -3.92
CA LEU A 31 5.19 4.17 -2.69
C LEU A 31 5.24 5.06 -1.46
N ILE A 32 4.14 5.10 -0.72
CA ILE A 32 4.06 5.92 0.49
C ILE A 32 3.63 5.09 1.69
N THR A 33 3.93 5.59 2.89
CA THR A 33 3.57 4.88 4.11
C THR A 33 2.16 5.24 4.55
N PRO A 34 1.26 4.25 4.50
CA PRO A 34 -0.14 4.43 4.89
C PRO A 34 -0.30 4.62 6.39
N CYS A 35 0.47 3.87 7.17
CA CYS A 35 0.42 3.96 8.62
C CYS A 35 1.80 3.78 9.23
N HIS A 36 1.86 3.73 10.56
CA HIS A 36 3.12 3.57 11.26
C HIS A 36 3.69 2.17 11.04
N CYS A 37 2.82 1.17 11.04
CA CYS A 37 3.23 -0.21 10.84
C CYS A 37 4.43 -0.28 9.90
N THR A 38 5.51 -0.93 10.37
CA THR A 38 6.72 -1.07 9.57
C THR A 38 7.15 -2.53 9.47
N GLY A 39 7.48 -2.96 8.26
CA GLY A 39 7.90 -4.33 8.04
C GLY A 39 8.79 -4.48 6.83
N SER A 40 8.27 -5.17 5.81
CA SER A 40 9.03 -5.39 4.59
C SER A 40 8.39 -4.65 3.42
N LEU A 41 7.20 -5.10 3.03
CA LEU A 41 6.48 -4.47 1.91
C LEU A 41 5.40 -3.53 2.43
N HIS A 42 5.79 -2.64 3.35
CA HIS A 42 4.86 -1.68 3.92
C HIS A 42 4.78 -0.42 3.05
N PHE A 43 4.73 -0.61 1.74
CA PHE A 43 4.66 0.49 0.80
C PHE A 43 3.61 0.24 -0.27
N VAL A 44 2.39 0.67 -0.02
CA VAL A 44 1.29 0.49 -0.97
C VAL A 44 1.08 1.74 -1.82
N HIS A 45 0.46 1.56 -2.97
CA HIS A 45 0.20 2.67 -3.88
C HIS A 45 -0.98 3.50 -3.39
N GLN A 46 -0.80 4.82 -3.36
CA GLN A 46 -1.84 5.73 -2.90
C GLN A 46 -3.21 5.29 -3.42
N ALA A 47 -3.25 4.85 -4.68
CA ALA A 47 -4.50 4.39 -5.28
C ALA A 47 -4.87 3.01 -4.78
N CYS A 48 -4.00 2.03 -5.00
CA CYS A 48 -4.24 0.66 -4.57
C CYS A 48 -4.88 0.64 -3.19
N LEU A 49 -4.39 1.50 -2.30
CA LEU A 49 -4.92 1.57 -0.93
C LEU A 49 -6.44 1.58 -0.93
N GLN A 50 -7.02 2.36 -1.85
CA GLN A 50 -8.48 2.46 -1.95
C GLN A 50 -9.11 1.07 -2.04
N GLN A 51 -8.68 0.30 -3.04
CA GLN A 51 -9.21 -1.04 -3.25
C GLN A 51 -9.23 -1.83 -1.93
N TRP A 52 -8.16 -1.70 -1.16
CA TRP A 52 -8.07 -2.39 0.12
C TRP A 52 -9.08 -1.85 1.11
N ILE A 53 -9.21 -0.52 1.15
CA ILE A 53 -10.15 0.13 2.06
C ILE A 53 -11.53 -0.50 1.96
N LYS A 54 -12.00 -0.69 0.73
CA LYS A 54 -13.32 -1.29 0.50
C LYS A 54 -13.31 -2.77 0.84
N SER A 55 -12.17 -3.42 0.59
CA SER A 55 -12.04 -4.85 0.88
C SER A 55 -12.28 -5.14 2.36
N SER A 56 -11.48 -4.51 3.21
CA SER A 56 -11.61 -4.69 4.66
C SER A 56 -12.69 -3.79 5.22
N ASP A 57 -13.59 -3.33 4.36
CA ASP A 57 -14.68 -2.46 4.79
C ASP A 57 -14.24 -1.55 5.92
N THR A 58 -13.06 -0.94 5.76
CA THR A 58 -12.52 -0.05 6.78
C THR A 58 -11.57 0.97 6.16
N ARG A 59 -11.50 2.15 6.76
CA ARG A 59 -10.63 3.22 6.27
C ARG A 59 -9.30 3.21 7.00
N CYS A 60 -9.34 2.97 8.31
CA CYS A 60 -8.13 2.94 9.13
C CYS A 60 -7.50 1.56 9.11
N CYS A 61 -6.29 1.46 9.66
CA CYS A 61 -5.57 0.19 9.70
C CYS A 61 -6.37 -0.86 10.46
N GLU A 62 -5.95 -2.12 10.36
CA GLU A 62 -6.63 -3.22 11.03
C GLU A 62 -6.05 -3.44 12.44
N LEU A 63 -4.75 -3.18 12.57
CA LEU A 63 -4.08 -3.35 13.86
C LEU A 63 -3.90 -2.02 14.56
N CYS A 64 -3.03 -1.17 14.01
CA CYS A 64 -2.78 0.14 14.60
C CYS A 64 -4.00 1.05 14.47
N LYS A 65 -4.98 0.61 13.67
CA LYS A 65 -6.19 1.37 13.46
C LYS A 65 -5.88 2.83 13.16
N TYR A 66 -4.88 3.06 12.32
CA TYR A 66 -4.48 4.42 11.96
C TYR A 66 -5.09 4.83 10.62
N GLU A 67 -5.79 5.96 10.63
CA GLU A 67 -6.43 6.46 9.42
C GLU A 67 -5.41 6.61 8.30
N PHE A 68 -5.66 5.93 7.18
CA PHE A 68 -4.77 5.98 6.02
C PHE A 68 -4.94 7.29 5.27
N ILE A 69 -3.85 7.81 4.73
CA ILE A 69 -3.88 9.06 3.98
C ILE A 69 -4.34 8.83 2.55
N MET A 70 -5.59 9.17 2.27
CA MET A 70 -6.15 9.01 0.94
C MET A 70 -5.97 10.28 0.11
N GLU A 71 -5.87 11.42 0.79
CA GLU A 71 -5.70 12.69 0.12
C GLU A 71 -7.00 13.13 -0.56
N THR A 72 -8.11 12.93 0.13
CA THR A 72 -9.42 13.30 -0.41
C THR A 72 -10.12 14.31 0.49
N LYS A 73 -9.80 15.59 0.30
CA LYS A 73 -10.39 16.65 1.09
C LYS A 73 -10.96 17.75 0.19
N LEU A 74 -12.24 17.62 -0.15
CA LEU A 74 -12.90 18.60 -1.00
C LEU A 74 -14.19 19.12 -0.35
N SER A 75 -14.33 20.44 -0.31
CA SER A 75 -15.51 21.05 0.30
C SER A 75 -16.75 20.80 -0.56
N GLY A 76 -17.90 20.71 0.09
CA GLY A 76 -19.15 20.47 -0.63
C GLY A 76 -20.37 20.65 0.25
N PRO A 77 -21.09 21.77 0.05
CA PRO A 77 -22.29 22.08 0.82
C PRO A 77 -23.45 21.16 0.49
N SER A 78 -23.46 20.65 -0.75
CA SER A 78 -24.52 19.76 -1.19
C SER A 78 -24.04 18.31 -1.21
N SER A 79 -24.94 17.40 -1.55
CA SER A 79 -24.61 15.97 -1.60
C SER A 79 -23.40 15.73 -2.48
N GLY A 80 -22.70 14.63 -2.23
CA GLY A 80 -21.52 14.30 -3.00
C GLY A 80 -20.24 14.35 -2.18
N GLY A 1 56.99 -6.35 4.22
CA GLY A 1 55.88 -6.23 3.29
C GLY A 1 54.69 -5.52 3.91
N SER A 2 53.50 -6.04 3.65
CA SER A 2 52.27 -5.44 4.17
C SER A 2 51.12 -6.44 4.14
N SER A 3 50.04 -6.12 4.84
CA SER A 3 48.87 -7.00 4.88
C SER A 3 47.58 -6.18 5.00
N GLY A 4 46.46 -6.79 4.65
CA GLY A 4 45.18 -6.11 4.72
C GLY A 4 44.20 -6.61 3.68
N SER A 5 43.04 -7.08 4.14
CA SER A 5 42.02 -7.59 3.23
C SER A 5 40.66 -6.97 3.55
N SER A 6 39.86 -6.75 2.51
CA SER A 6 38.54 -6.15 2.68
C SER A 6 37.45 -7.19 2.41
N GLY A 7 36.50 -7.28 3.35
CA GLY A 7 35.42 -8.23 3.19
C GLY A 7 34.06 -7.55 3.15
N THR A 8 33.45 -7.55 1.97
CA THR A 8 32.13 -6.93 1.79
C THR A 8 31.01 -7.89 2.17
N SER A 9 30.69 -7.94 3.46
CA SER A 9 29.64 -8.83 3.96
C SER A 9 28.44 -8.81 3.02
N ILE A 10 27.79 -9.96 2.89
CA ILE A 10 26.61 -10.07 2.03
C ILE A 10 25.35 -9.59 2.74
N THR A 11 24.73 -8.56 2.19
CA THR A 11 23.51 -8.00 2.78
C THR A 11 22.32 -8.24 1.87
N PRO A 12 21.20 -8.67 2.47
CA PRO A 12 19.95 -8.94 1.73
C PRO A 12 19.30 -7.66 1.20
N SER A 13 19.40 -7.44 -0.11
CA SER A 13 18.83 -6.26 -0.73
C SER A 13 17.42 -6.00 -0.22
N SER A 14 16.93 -4.79 -0.42
CA SER A 14 15.59 -4.42 0.01
C SER A 14 14.84 -3.69 -1.09
N GLN A 15 14.00 -4.42 -1.82
CA GLN A 15 13.22 -3.85 -2.91
C GLN A 15 11.94 -3.21 -2.38
N ASP A 16 11.83 -1.90 -2.52
CA ASP A 16 10.65 -1.17 -2.05
C ASP A 16 9.62 -1.06 -3.17
N ILE A 17 8.63 -1.94 -3.14
CA ILE A 17 7.58 -1.94 -4.15
C ILE A 17 6.21 -2.22 -3.52
N CYS A 18 5.15 -1.82 -4.20
CA CYS A 18 3.79 -2.03 -3.72
C CYS A 18 3.62 -3.43 -3.16
N ARG A 19 2.60 -3.63 -2.34
CA ARG A 19 2.33 -4.93 -1.75
C ARG A 19 1.00 -5.49 -2.25
N ILE A 20 0.06 -4.59 -2.56
CA ILE A 20 -1.25 -4.99 -3.05
C ILE A 20 -1.19 -5.45 -4.50
N CYS A 21 -0.33 -4.78 -5.28
CA CYS A 21 -0.17 -5.12 -6.69
C CYS A 21 1.25 -5.61 -6.98
N HIS A 22 2.20 -5.17 -6.16
CA HIS A 22 3.60 -5.57 -6.32
C HIS A 22 4.16 -5.02 -7.63
N CYS A 23 4.07 -3.72 -7.81
CA CYS A 23 4.57 -3.07 -9.02
C CYS A 23 5.38 -1.83 -8.67
N GLU A 24 6.22 -1.39 -9.61
CA GLU A 24 7.05 -0.20 -9.39
C GLU A 24 6.18 1.00 -9.03
N GLY A 25 6.74 1.89 -8.20
CA GLY A 25 6.01 3.07 -7.78
C GLY A 25 5.76 4.02 -8.93
N ASP A 26 4.49 4.39 -9.14
CA ASP A 26 4.12 5.31 -10.20
C ASP A 26 4.09 6.75 -9.70
N ASP A 27 4.11 7.69 -10.63
CA ASP A 27 4.09 9.11 -10.28
C ASP A 27 2.84 9.46 -9.48
N GLU A 28 1.71 8.91 -9.90
CA GLU A 28 0.44 9.16 -9.22
C GLU A 28 0.18 8.09 -8.16
N SER A 29 0.73 6.91 -8.38
CA SER A 29 0.55 5.80 -7.44
C SER A 29 1.89 5.32 -6.89
N PRO A 30 2.67 6.27 -6.33
CA PRO A 30 3.99 5.97 -5.77
C PRO A 30 3.89 5.16 -4.47
N LEU A 31 5.04 4.82 -3.91
CA LEU A 31 5.08 4.04 -2.68
C LEU A 31 5.14 4.96 -1.46
N ILE A 32 4.00 5.12 -0.80
CA ILE A 32 3.91 5.97 0.39
C ILE A 32 3.60 5.15 1.63
N THR A 33 3.79 5.76 2.79
CA THR A 33 3.53 5.09 4.07
C THR A 33 2.10 5.34 4.54
N PRO A 34 1.29 4.27 4.54
CA PRO A 34 -0.11 4.34 4.98
C PRO A 34 -0.24 4.58 6.48
N CYS A 35 0.61 3.91 7.25
CA CYS A 35 0.58 4.04 8.70
C CYS A 35 1.97 3.84 9.29
N HIS A 36 2.06 3.84 10.61
CA HIS A 36 3.34 3.65 11.30
C HIS A 36 3.92 2.28 10.99
N CYS A 37 3.09 1.25 11.05
CA CYS A 37 3.53 -0.11 10.78
C CYS A 37 4.59 -0.12 9.69
N THR A 38 5.84 -0.40 10.10
CA THR A 38 6.95 -0.44 9.15
C THR A 38 7.35 -1.88 8.85
N GLY A 39 6.58 -2.54 7.99
CA GLY A 39 6.88 -3.92 7.64
C GLY A 39 7.92 -4.02 6.54
N SER A 40 7.63 -4.83 5.52
CA SER A 40 8.54 -5.01 4.41
C SER A 40 8.07 -4.25 3.18
N LEU A 41 6.94 -4.67 2.62
CA LEU A 41 6.39 -4.03 1.44
C LEU A 41 5.23 -3.11 1.82
N HIS A 42 5.13 -2.79 3.11
CA HIS A 42 4.07 -1.91 3.61
C HIS A 42 3.84 -0.74 2.65
N PHE A 43 4.90 -0.34 1.94
CA PHE A 43 4.81 0.75 0.99
C PHE A 43 3.81 0.44 -0.12
N VAL A 44 2.55 0.84 0.09
CA VAL A 44 1.50 0.59 -0.89
C VAL A 44 1.30 1.80 -1.79
N HIS A 45 0.48 1.64 -2.83
CA HIS A 45 0.20 2.73 -3.76
C HIS A 45 -1.00 3.53 -3.29
N GLN A 46 -0.85 4.85 -3.26
CA GLN A 46 -1.93 5.74 -2.84
C GLN A 46 -3.27 5.26 -3.38
N ALA A 47 -3.27 4.84 -4.64
CA ALA A 47 -4.49 4.36 -5.28
C ALA A 47 -4.87 2.98 -4.77
N CYS A 48 -3.99 2.00 -4.98
CA CYS A 48 -4.23 0.64 -4.53
C CYS A 48 -4.85 0.62 -3.14
N LEU A 49 -4.29 1.42 -2.24
CA LEU A 49 -4.78 1.50 -0.87
C LEU A 49 -6.30 1.63 -0.85
N GLN A 50 -6.82 2.53 -1.66
CA GLN A 50 -8.26 2.76 -1.74
C GLN A 50 -9.02 1.45 -1.95
N GLN A 51 -8.63 0.73 -3.01
CA GLN A 51 -9.27 -0.54 -3.32
C GLN A 51 -9.28 -1.46 -2.10
N TRP A 52 -8.18 -1.50 -1.38
CA TRP A 52 -8.06 -2.34 -0.19
C TRP A 52 -8.97 -1.82 0.92
N ILE A 53 -9.06 -0.50 1.05
CA ILE A 53 -9.89 0.12 2.07
C ILE A 53 -11.35 -0.30 1.91
N LYS A 54 -11.88 -0.10 0.71
CA LYS A 54 -13.27 -0.45 0.42
C LYS A 54 -13.49 -1.95 0.56
N SER A 55 -12.62 -2.74 -0.05
CA SER A 55 -12.72 -4.19 0.01
C SER A 55 -12.94 -4.67 1.45
N SER A 56 -11.98 -4.37 2.31
CA SER A 56 -12.07 -4.76 3.71
C SER A 56 -12.91 -3.77 4.51
N ASP A 57 -13.69 -2.97 3.80
CA ASP A 57 -14.55 -1.97 4.43
C ASP A 57 -13.87 -1.40 5.67
N THR A 58 -12.57 -1.16 5.58
CA THR A 58 -11.80 -0.61 6.70
C THR A 58 -10.94 0.56 6.25
N ARG A 59 -11.17 1.72 6.87
CA ARG A 59 -10.40 2.92 6.53
C ARG A 59 -9.09 2.97 7.32
N CYS A 60 -9.15 2.59 8.59
CA CYS A 60 -7.97 2.59 9.44
C CYS A 60 -7.22 1.27 9.33
N CYS A 61 -6.09 1.18 10.02
CA CYS A 61 -5.27 -0.03 9.99
C CYS A 61 -5.96 -1.17 10.72
N GLU A 62 -5.43 -2.38 10.58
CA GLU A 62 -6.00 -3.55 11.23
C GLU A 62 -5.44 -3.72 12.63
N LEU A 63 -4.20 -3.29 12.83
CA LEU A 63 -3.54 -3.40 14.12
C LEU A 63 -3.49 -2.04 14.82
N CYS A 64 -2.64 -1.15 14.33
CA CYS A 64 -2.50 0.18 14.90
C CYS A 64 -3.77 1.00 14.70
N LYS A 65 -4.71 0.44 13.93
CA LYS A 65 -5.97 1.12 13.65
C LYS A 65 -5.74 2.60 13.34
N TYR A 66 -4.81 2.86 12.43
CA TYR A 66 -4.50 4.23 12.04
C TYR A 66 -5.20 4.60 10.72
N GLU A 67 -5.89 5.72 10.72
CA GLU A 67 -6.61 6.19 9.54
C GLU A 67 -5.64 6.43 8.38
N PHE A 68 -5.76 5.63 7.34
CA PHE A 68 -4.90 5.76 6.16
C PHE A 68 -5.23 7.02 5.38
N ILE A 69 -4.30 7.44 4.54
CA ILE A 69 -4.49 8.65 3.72
C ILE A 69 -5.71 8.50 2.81
N MET A 70 -6.85 8.99 3.27
CA MET A 70 -8.08 8.92 2.49
C MET A 70 -8.62 10.32 2.21
N GLU A 71 -7.98 11.01 1.27
CA GLU A 71 -8.39 12.36 0.90
C GLU A 71 -9.03 13.08 2.09
N THR A 72 -8.36 13.03 3.23
CA THR A 72 -8.86 13.67 4.45
C THR A 72 -7.72 14.04 5.39
N LYS A 73 -7.87 15.17 6.08
CA LYS A 73 -6.86 15.63 7.02
C LYS A 73 -7.46 15.86 8.39
N LEU A 74 -8.57 16.59 8.44
CA LEU A 74 -9.25 16.89 9.69
C LEU A 74 -10.74 16.55 9.61
N SER A 75 -11.13 15.49 10.31
CA SER A 75 -12.51 15.05 10.31
C SER A 75 -13.30 15.73 11.42
N GLY A 76 -14.55 16.08 11.15
CA GLY A 76 -15.39 16.73 12.13
C GLY A 76 -16.05 15.74 13.08
N PRO A 77 -17.24 16.10 13.58
CA PRO A 77 -18.00 15.26 14.51
C PRO A 77 -18.56 14.01 13.82
N SER A 78 -18.23 12.85 14.37
CA SER A 78 -18.69 11.58 13.80
C SER A 78 -19.71 10.93 14.73
N SER A 79 -20.96 10.88 14.29
CA SER A 79 -22.04 10.28 15.07
C SER A 79 -22.07 8.77 14.88
N GLY A 80 -21.74 8.04 15.96
CA GLY A 80 -21.74 6.59 15.89
C GLY A 80 -20.66 5.98 16.76
N GLY A 1 25.19 -37.16 16.66
CA GLY A 1 25.41 -37.06 15.23
C GLY A 1 24.87 -35.77 14.64
N SER A 2 25.47 -35.34 13.53
CA SER A 2 25.05 -34.10 12.87
C SER A 2 25.41 -34.13 11.39
N SER A 3 24.60 -33.47 10.58
CA SER A 3 24.83 -33.41 9.14
C SER A 3 25.57 -32.14 8.75
N GLY A 4 26.02 -32.08 7.50
CA GLY A 4 26.74 -30.91 7.03
C GLY A 4 26.01 -30.20 5.91
N SER A 5 24.68 -30.12 6.03
CA SER A 5 23.86 -29.46 5.02
C SER A 5 24.10 -27.95 5.02
N SER A 6 24.92 -27.48 4.08
CA SER A 6 25.22 -26.06 3.99
C SER A 6 23.95 -25.22 4.10
N GLY A 7 24.11 -23.98 4.57
CA GLY A 7 22.97 -23.10 4.72
C GLY A 7 22.77 -22.20 3.52
N THR A 8 21.50 -21.99 3.15
CA THR A 8 21.18 -21.14 2.00
C THR A 8 21.28 -19.67 2.36
N SER A 9 21.76 -18.86 1.41
CA SER A 9 21.91 -17.43 1.63
C SER A 9 21.90 -16.68 0.31
N ILE A 10 20.90 -15.81 0.14
CA ILE A 10 20.78 -15.02 -1.08
C ILE A 10 21.16 -13.57 -0.84
N THR A 11 21.69 -12.92 -1.87
CA THR A 11 22.08 -11.52 -1.77
C THR A 11 20.98 -10.68 -1.14
N PRO A 12 21.40 -9.69 -0.33
CA PRO A 12 20.45 -8.80 0.36
C PRO A 12 19.75 -7.84 -0.61
N SER A 13 20.00 -8.04 -1.90
CA SER A 13 19.40 -7.19 -2.93
C SER A 13 17.88 -7.20 -2.81
N SER A 14 17.29 -6.01 -2.90
CA SER A 14 15.83 -5.87 -2.80
C SER A 14 15.37 -4.54 -3.39
N GLN A 15 14.07 -4.44 -3.66
CA GLN A 15 13.51 -3.23 -4.23
C GLN A 15 12.14 -2.94 -3.63
N ASP A 16 12.00 -1.76 -3.03
CA ASP A 16 10.74 -1.35 -2.42
C ASP A 16 9.66 -1.15 -3.48
N ILE A 17 8.68 -2.05 -3.49
CA ILE A 17 7.58 -1.97 -4.46
C ILE A 17 6.24 -2.24 -3.79
N CYS A 18 5.17 -1.76 -4.41
CA CYS A 18 3.83 -1.95 -3.87
C CYS A 18 3.64 -3.37 -3.36
N ARG A 19 2.62 -3.58 -2.53
CA ARG A 19 2.34 -4.89 -1.96
C ARG A 19 1.00 -5.42 -2.47
N ILE A 20 0.11 -4.50 -2.85
CA ILE A 20 -1.21 -4.87 -3.34
C ILE A 20 -1.14 -5.29 -4.81
N CYS A 21 -0.26 -4.65 -5.56
CA CYS A 21 -0.10 -4.95 -6.98
C CYS A 21 1.30 -5.50 -7.25
N HIS A 22 2.22 -5.26 -6.33
CA HIS A 22 3.59 -5.72 -6.48
C HIS A 22 4.27 -5.07 -7.68
N CYS A 23 4.15 -3.75 -7.77
CA CYS A 23 4.74 -3.00 -8.87
C CYS A 23 5.51 -1.79 -8.36
N GLU A 24 6.45 -1.31 -9.16
CA GLU A 24 7.26 -0.16 -8.77
C GLU A 24 6.37 1.01 -8.32
N GLY A 25 7.01 2.15 -8.07
CA GLY A 25 6.26 3.32 -7.64
C GLY A 25 6.02 4.31 -8.76
N ASP A 26 4.76 4.57 -9.06
CA ASP A 26 4.40 5.51 -10.13
C ASP A 26 4.40 6.94 -9.61
N ASP A 27 4.04 7.87 -10.48
CA ASP A 27 4.00 9.29 -10.12
C ASP A 27 2.75 9.60 -9.30
N GLU A 28 1.61 9.10 -9.77
CA GLU A 28 0.34 9.33 -9.08
C GLU A 28 0.11 8.28 -7.99
N SER A 29 0.63 7.08 -8.22
CA SER A 29 0.49 5.99 -7.26
C SER A 29 1.85 5.54 -6.73
N PRO A 30 2.61 6.51 -6.18
CA PRO A 30 3.94 6.25 -5.63
C PRO A 30 3.87 5.44 -4.33
N LEU A 31 5.01 4.89 -3.94
CA LEU A 31 5.09 4.09 -2.72
C LEU A 31 5.17 4.98 -1.48
N ILE A 32 4.04 5.10 -0.78
CA ILE A 32 3.99 5.92 0.42
C ILE A 32 3.59 5.08 1.64
N THR A 33 3.98 5.55 2.83
CA THR A 33 3.67 4.86 4.06
C THR A 33 2.26 5.17 4.53
N PRO A 34 1.39 4.15 4.52
CA PRO A 34 -0.01 4.30 4.95
C PRO A 34 -0.13 4.53 6.45
N CYS A 35 0.61 3.74 7.23
CA CYS A 35 0.58 3.85 8.69
C CYS A 35 1.97 3.61 9.27
N HIS A 36 2.04 3.60 10.60
CA HIS A 36 3.31 3.37 11.29
C HIS A 36 3.87 1.99 10.98
N CYS A 37 2.97 1.00 10.92
CA CYS A 37 3.38 -0.37 10.62
C CYS A 37 4.44 -0.40 9.53
N THR A 38 5.69 -0.63 9.93
CA THR A 38 6.79 -0.69 8.99
C THR A 38 7.29 -2.12 8.80
N GLY A 39 6.56 -2.90 8.00
CA GLY A 39 6.93 -4.28 7.76
C GLY A 39 8.04 -4.40 6.73
N SER A 40 7.67 -4.80 5.52
CA SER A 40 8.65 -4.96 4.44
C SER A 40 8.21 -4.21 3.19
N LEU A 41 7.10 -4.65 2.61
CA LEU A 41 6.56 -4.02 1.41
C LEU A 41 5.33 -3.17 1.73
N HIS A 42 5.17 -2.84 3.01
CA HIS A 42 4.04 -2.03 3.44
C HIS A 42 3.80 -0.87 2.48
N PHE A 43 4.87 -0.38 1.88
CA PHE A 43 4.77 0.73 0.93
C PHE A 43 3.78 0.41 -0.19
N VAL A 44 2.53 0.82 0.00
CA VAL A 44 1.49 0.58 -0.99
C VAL A 44 1.25 1.82 -1.86
N HIS A 45 0.41 1.66 -2.87
CA HIS A 45 0.09 2.78 -3.77
C HIS A 45 -1.15 3.52 -3.29
N GLN A 46 -1.03 4.84 -3.18
CA GLN A 46 -2.14 5.68 -2.74
C GLN A 46 -3.46 5.18 -3.33
N ALA A 47 -3.42 4.81 -4.60
CA ALA A 47 -4.62 4.32 -5.29
C ALA A 47 -4.98 2.92 -4.82
N CYS A 48 -4.06 1.98 -5.00
CA CYS A 48 -4.29 0.60 -4.60
C CYS A 48 -4.95 0.53 -3.24
N LEU A 49 -4.42 1.31 -2.29
CA LEU A 49 -4.96 1.34 -0.94
C LEU A 49 -6.48 1.40 -0.96
N GLN A 50 -7.03 2.28 -1.80
CA GLN A 50 -8.46 2.43 -1.91
C GLN A 50 -9.15 1.09 -2.14
N GLN A 51 -8.77 0.42 -3.23
CA GLN A 51 -9.34 -0.87 -3.58
C GLN A 51 -9.36 -1.79 -2.36
N TRP A 52 -8.33 -1.68 -1.52
CA TRP A 52 -8.24 -2.50 -0.32
C TRP A 52 -9.22 -2.03 0.74
N ILE A 53 -9.27 -0.72 0.96
CA ILE A 53 -10.17 -0.15 1.95
C ILE A 53 -11.58 -0.70 1.80
N LYS A 54 -12.12 -0.59 0.59
CA LYS A 54 -13.47 -1.08 0.31
C LYS A 54 -13.67 -2.48 0.89
N SER A 55 -12.90 -3.44 0.40
CA SER A 55 -12.99 -4.82 0.88
C SER A 55 -12.76 -4.90 2.37
N SER A 56 -11.56 -4.50 2.80
CA SER A 56 -11.21 -4.53 4.22
C SER A 56 -12.33 -3.92 5.07
N ASP A 57 -13.10 -3.02 4.47
CA ASP A 57 -14.21 -2.36 5.16
C ASP A 57 -13.69 -1.53 6.34
N THR A 58 -12.63 -0.76 6.09
CA THR A 58 -12.04 0.08 7.12
C THR A 58 -11.04 1.07 6.52
N ARG A 59 -11.22 2.35 6.83
CA ARG A 59 -10.34 3.38 6.32
C ARG A 59 -9.00 3.38 7.07
N CYS A 60 -9.05 3.03 8.34
CA CYS A 60 -7.85 2.98 9.17
C CYS A 60 -7.24 1.58 9.17
N CYS A 61 -6.08 1.44 9.80
CA CYS A 61 -5.39 0.17 9.87
C CYS A 61 -6.23 -0.87 10.61
N GLU A 62 -5.79 -2.12 10.56
CA GLU A 62 -6.51 -3.21 11.23
C GLU A 62 -5.92 -3.47 12.62
N LEU A 63 -4.61 -3.24 12.75
CA LEU A 63 -3.93 -3.46 14.02
C LEU A 63 -3.74 -2.14 14.76
N CYS A 64 -3.02 -1.22 14.14
CA CYS A 64 -2.77 0.09 14.74
C CYS A 64 -3.99 1.00 14.61
N LYS A 65 -4.94 0.57 13.79
CA LYS A 65 -6.16 1.35 13.58
C LYS A 65 -5.84 2.81 13.27
N TYR A 66 -4.86 3.03 12.40
CA TYR A 66 -4.45 4.37 12.02
C TYR A 66 -5.02 4.76 10.66
N GLU A 67 -5.75 5.87 10.63
CA GLU A 67 -6.36 6.36 9.40
C GLU A 67 -5.31 6.47 8.29
N PHE A 68 -5.64 5.91 7.13
CA PHE A 68 -4.73 5.95 5.99
C PHE A 68 -4.93 7.23 5.17
N ILE A 69 -3.85 7.70 4.55
CA ILE A 69 -3.91 8.91 3.74
C ILE A 69 -4.89 8.75 2.58
N MET A 70 -5.82 9.69 2.47
CA MET A 70 -6.81 9.66 1.40
C MET A 70 -7.23 11.06 1.00
N GLU A 71 -7.08 11.39 -0.28
CA GLU A 71 -7.44 12.70 -0.79
C GLU A 71 -8.90 12.74 -1.23
N THR A 72 -9.78 13.08 -0.30
CA THR A 72 -11.22 13.15 -0.58
C THR A 72 -11.59 14.52 -1.15
N LYS A 73 -11.90 14.55 -2.45
CA LYS A 73 -12.29 15.79 -3.11
C LYS A 73 -13.80 15.93 -3.17
N LEU A 74 -14.48 14.85 -3.54
CA LEU A 74 -15.93 14.85 -3.63
C LEU A 74 -16.57 14.42 -2.32
N SER A 75 -16.18 13.23 -1.85
CA SER A 75 -16.72 12.70 -0.59
C SER A 75 -16.94 13.83 0.42
N GLY A 76 -18.20 14.06 0.76
CA GLY A 76 -18.53 15.10 1.72
C GLY A 76 -18.82 14.55 3.11
N PRO A 77 -19.74 15.20 3.82
CA PRO A 77 -20.13 14.79 5.17
C PRO A 77 -20.91 13.48 5.18
N SER A 78 -21.06 12.89 6.37
CA SER A 78 -21.78 11.63 6.50
C SER A 78 -23.28 11.89 6.70
N SER A 79 -24.06 11.56 5.67
CA SER A 79 -25.50 11.76 5.73
C SER A 79 -26.23 10.42 5.60
N GLY A 80 -27.56 10.46 5.70
CA GLY A 80 -28.36 9.26 5.60
C GLY A 80 -29.24 9.25 4.36
N GLY A 1 22.59 -37.09 6.20
CA GLY A 1 22.19 -36.51 4.93
C GLY A 1 23.05 -35.31 4.56
N SER A 2 23.65 -35.35 3.37
CA SER A 2 24.49 -34.26 2.91
C SER A 2 23.83 -32.91 3.16
N SER A 3 24.65 -31.87 3.27
CA SER A 3 24.14 -30.52 3.52
C SER A 3 25.16 -29.47 3.10
N GLY A 4 24.67 -28.30 2.70
CA GLY A 4 25.56 -27.23 2.27
C GLY A 4 25.01 -25.86 2.62
N SER A 5 25.58 -25.24 3.65
CA SER A 5 25.13 -23.92 4.08
C SER A 5 26.31 -22.94 4.11
N SER A 6 26.02 -21.70 4.46
CA SER A 6 27.04 -20.66 4.53
C SER A 6 27.76 -20.51 3.18
N GLY A 7 26.99 -20.55 2.11
CA GLY A 7 27.56 -20.42 0.78
C GLY A 7 27.58 -18.98 0.29
N THR A 8 26.85 -18.72 -0.79
CA THR A 8 26.78 -17.38 -1.36
C THR A 8 25.35 -17.02 -1.74
N SER A 9 25.00 -15.75 -1.56
CA SER A 9 23.67 -15.27 -1.89
C SER A 9 23.47 -15.15 -3.40
N ILE A 10 22.67 -16.05 -3.96
CA ILE A 10 22.40 -16.04 -5.40
C ILE A 10 21.30 -15.06 -5.75
N THR A 11 20.17 -15.17 -5.05
CA THR A 11 19.03 -14.29 -5.29
C THR A 11 19.43 -12.82 -5.12
N PRO A 12 18.94 -11.97 -6.03
CA PRO A 12 19.24 -10.53 -6.01
C PRO A 12 18.55 -9.82 -4.85
N SER A 13 18.99 -8.61 -4.55
CA SER A 13 18.43 -7.83 -3.46
C SER A 13 16.91 -7.71 -3.60
N SER A 14 16.26 -7.24 -2.55
CA SER A 14 14.80 -7.08 -2.56
C SER A 14 14.42 -5.63 -2.85
N GLN A 15 13.54 -5.45 -3.83
CA GLN A 15 13.08 -4.11 -4.21
C GLN A 15 11.73 -3.80 -3.57
N ASP A 16 11.66 -2.67 -2.89
CA ASP A 16 10.42 -2.24 -2.23
C ASP A 16 9.38 -1.84 -3.26
N ILE A 17 8.27 -2.58 -3.30
CA ILE A 17 7.20 -2.30 -4.24
C ILE A 17 5.83 -2.50 -3.59
N CYS A 18 4.78 -2.04 -4.27
CA CYS A 18 3.42 -2.16 -3.75
C CYS A 18 3.21 -3.55 -3.14
N ARG A 19 2.21 -3.64 -2.26
CA ARG A 19 1.90 -4.90 -1.61
C ARG A 19 0.56 -5.45 -2.09
N ILE A 20 -0.31 -4.56 -2.55
CA ILE A 20 -1.62 -4.96 -3.05
C ILE A 20 -1.54 -5.36 -4.52
N CYS A 21 -0.81 -4.59 -5.30
CA CYS A 21 -0.66 -4.87 -6.74
C CYS A 21 0.71 -5.47 -7.02
N HIS A 22 1.68 -5.19 -6.15
CA HIS A 22 3.03 -5.71 -6.31
C HIS A 22 3.65 -5.21 -7.62
N CYS A 23 3.57 -3.90 -7.84
CA CYS A 23 4.13 -3.30 -9.04
C CYS A 23 5.01 -2.09 -8.70
N GLU A 24 5.94 -1.78 -9.60
CA GLU A 24 6.84 -0.65 -9.38
C GLU A 24 6.07 0.60 -8.98
N GLY A 25 6.67 1.41 -8.12
CA GLY A 25 6.03 2.63 -7.66
C GLY A 25 5.85 3.64 -8.78
N ASP A 26 4.61 4.09 -8.97
CA ASP A 26 4.31 5.06 -10.01
C ASP A 26 4.49 6.49 -9.50
N ASP A 27 4.66 7.44 -10.43
CA ASP A 27 4.84 8.83 -10.07
C ASP A 27 3.66 9.34 -9.25
N GLU A 28 2.45 9.01 -9.68
CA GLU A 28 1.25 9.45 -8.99
C GLU A 28 0.85 8.43 -7.92
N SER A 29 1.19 7.17 -8.15
CA SER A 29 0.86 6.10 -7.22
C SER A 29 2.13 5.45 -6.66
N PRO A 30 3.03 6.28 -6.12
CA PRO A 30 4.30 5.82 -5.55
C PRO A 30 4.10 5.04 -4.25
N LEU A 31 5.17 4.46 -3.75
CA LEU A 31 5.12 3.68 -2.52
C LEU A 31 5.21 4.59 -1.30
N ILE A 32 4.05 4.90 -0.71
CA ILE A 32 3.99 5.76 0.47
C ILE A 32 3.58 4.97 1.70
N THR A 33 3.90 5.50 2.87
CA THR A 33 3.56 4.85 4.13
C THR A 33 2.15 5.23 4.58
N PRO A 34 1.24 4.25 4.58
CA PRO A 34 -0.15 4.45 4.98
C PRO A 34 -0.29 4.69 6.48
N CYS A 35 0.56 4.03 7.26
CA CYS A 35 0.53 4.17 8.72
C CYS A 35 1.93 3.99 9.30
N HIS A 36 2.02 4.04 10.63
CA HIS A 36 3.29 3.87 11.32
C HIS A 36 3.98 2.58 10.88
N CYS A 37 3.22 1.49 10.83
CA CYS A 37 3.76 0.20 10.43
C CYS A 37 4.61 0.33 9.18
N THR A 38 5.92 0.46 9.37
CA THR A 38 6.85 0.60 8.26
C THR A 38 7.73 -0.63 8.11
N GLY A 39 8.63 -0.60 7.14
CA GLY A 39 9.54 -1.73 6.94
C GLY A 39 8.94 -2.77 6.01
N SER A 40 7.85 -3.39 6.44
CA SER A 40 7.19 -4.42 5.64
C SER A 40 6.74 -3.87 4.30
N LEU A 41 6.00 -4.68 3.55
CA LEU A 41 5.51 -4.26 2.25
C LEU A 41 4.44 -3.18 2.38
N HIS A 42 4.14 -2.81 3.61
CA HIS A 42 3.14 -1.77 3.89
C HIS A 42 3.14 -0.72 2.78
N PHE A 43 4.32 -0.45 2.23
CA PHE A 43 4.45 0.54 1.17
C PHE A 43 3.49 0.25 0.03
N VAL A 44 2.30 0.84 0.10
CA VAL A 44 1.28 0.64 -0.94
C VAL A 44 1.13 1.89 -1.80
N HIS A 45 0.36 1.76 -2.87
CA HIS A 45 0.12 2.88 -3.77
C HIS A 45 -1.03 3.74 -3.29
N GLN A 46 -0.83 5.06 -3.25
CA GLN A 46 -1.86 5.98 -2.80
C GLN A 46 -3.22 5.58 -3.35
N ALA A 47 -3.25 5.13 -4.60
CA ALA A 47 -4.49 4.72 -5.24
C ALA A 47 -4.93 3.34 -4.75
N CYS A 48 -4.11 2.34 -5.00
CA CYS A 48 -4.41 0.98 -4.58
C CYS A 48 -5.05 0.97 -3.20
N LEU A 49 -4.42 1.66 -2.25
CA LEU A 49 -4.94 1.73 -0.88
C LEU A 49 -6.46 1.79 -0.88
N GLN A 50 -7.01 2.61 -1.76
CA GLN A 50 -8.46 2.78 -1.85
C GLN A 50 -9.13 1.43 -2.11
N GLN A 51 -8.79 0.79 -3.22
CA GLN A 51 -9.35 -0.50 -3.57
C GLN A 51 -9.39 -1.43 -2.37
N TRP A 52 -8.30 -1.45 -1.61
CA TRP A 52 -8.22 -2.30 -0.43
C TRP A 52 -9.16 -1.82 0.66
N ILE A 53 -9.16 -0.52 0.91
CA ILE A 53 -10.02 0.07 1.92
C ILE A 53 -11.47 -0.33 1.71
N LYS A 54 -11.96 -0.14 0.49
CA LYS A 54 -13.34 -0.49 0.15
C LYS A 54 -13.55 -1.99 0.21
N SER A 55 -12.60 -2.74 -0.33
CA SER A 55 -12.68 -4.20 -0.34
C SER A 55 -12.84 -4.74 1.08
N SER A 56 -11.84 -4.47 1.92
CA SER A 56 -11.86 -4.94 3.31
C SER A 56 -12.68 -4.00 4.18
N ASP A 57 -13.49 -3.16 3.54
CA ASP A 57 -14.34 -2.21 4.26
C ASP A 57 -13.62 -1.67 5.49
N THR A 58 -12.32 -1.39 5.34
CA THR A 58 -11.53 -0.87 6.44
C THR A 58 -10.70 0.34 6.00
N ARG A 59 -10.82 1.43 6.76
CA ARG A 59 -10.09 2.66 6.45
C ARG A 59 -8.83 2.77 7.29
N CYS A 60 -8.88 2.22 8.50
CA CYS A 60 -7.74 2.27 9.40
C CYS A 60 -6.91 0.99 9.30
N CYS A 61 -5.82 0.93 10.04
CA CYS A 61 -4.94 -0.23 10.04
C CYS A 61 -5.61 -1.42 10.71
N GLU A 62 -5.01 -2.59 10.55
CA GLU A 62 -5.55 -3.82 11.15
C GLU A 62 -4.93 -4.07 12.52
N LEU A 63 -3.74 -3.52 12.73
CA LEU A 63 -3.03 -3.68 14.00
C LEU A 63 -3.05 -2.39 14.81
N CYS A 64 -2.41 -1.36 14.26
CA CYS A 64 -2.36 -0.06 14.93
C CYS A 64 -3.66 0.70 14.76
N LYS A 65 -4.58 0.12 14.00
CA LYS A 65 -5.88 0.74 13.75
C LYS A 65 -5.73 2.24 13.51
N TYR A 66 -4.85 2.59 12.58
CA TYR A 66 -4.61 3.99 12.25
C TYR A 66 -5.24 4.35 10.89
N GLU A 67 -5.99 5.44 10.87
CA GLU A 67 -6.65 5.89 9.65
C GLU A 67 -5.61 6.19 8.55
N PHE A 68 -5.80 5.57 7.39
CA PHE A 68 -4.89 5.76 6.27
C PHE A 68 -5.18 7.08 5.56
N ILE A 69 -4.33 7.42 4.60
CA ILE A 69 -4.49 8.66 3.84
C ILE A 69 -5.26 8.41 2.54
N MET A 70 -6.26 9.25 2.29
CA MET A 70 -7.07 9.12 1.08
C MET A 70 -7.48 10.50 0.56
N GLU A 71 -7.77 10.57 -0.73
CA GLU A 71 -8.17 11.82 -1.36
C GLU A 71 -9.28 11.60 -2.38
N THR A 72 -10.30 12.44 -2.35
CA THR A 72 -11.42 12.33 -3.28
C THR A 72 -12.30 13.57 -3.24
N LYS A 73 -12.93 13.88 -4.37
CA LYS A 73 -13.80 15.05 -4.47
C LYS A 73 -14.88 14.82 -5.51
N LEU A 74 -16.11 15.22 -5.17
CA LEU A 74 -17.24 15.07 -6.08
C LEU A 74 -17.59 16.39 -6.75
N SER A 75 -17.85 16.33 -8.05
CA SER A 75 -18.20 17.54 -8.81
C SER A 75 -18.96 17.18 -10.08
N GLY A 76 -19.92 18.03 -10.45
CA GLY A 76 -20.71 17.78 -11.64
C GLY A 76 -22.12 17.35 -11.32
N PRO A 77 -23.08 17.81 -12.13
CA PRO A 77 -24.50 17.48 -11.94
C PRO A 77 -24.80 16.01 -12.25
N SER A 78 -23.88 15.36 -12.96
CA SER A 78 -24.05 13.96 -13.33
C SER A 78 -22.95 13.11 -12.71
N SER A 79 -23.33 11.95 -12.17
CA SER A 79 -22.37 11.05 -11.55
C SER A 79 -21.64 10.22 -12.60
N GLY A 80 -22.39 9.56 -13.46
CA GLY A 80 -21.81 8.75 -14.51
C GLY A 80 -22.38 7.35 -14.55
N GLY A 1 45.82 -26.53 7.53
CA GLY A 1 44.58 -27.20 7.17
C GLY A 1 43.67 -26.32 6.35
N SER A 2 43.27 -26.81 5.18
CA SER A 2 42.40 -26.06 4.30
C SER A 2 41.09 -26.80 4.05
N SER A 3 39.97 -26.09 4.19
CA SER A 3 38.66 -26.69 4.00
C SER A 3 37.57 -25.62 3.97
N GLY A 4 36.60 -25.79 3.09
CA GLY A 4 35.52 -24.83 2.98
C GLY A 4 35.12 -24.56 1.54
N SER A 5 33.81 -24.55 1.28
CA SER A 5 33.31 -24.31 -0.06
C SER A 5 33.82 -22.98 -0.61
N SER A 6 34.24 -22.98 -1.87
CA SER A 6 34.75 -21.78 -2.51
C SER A 6 33.62 -20.96 -3.12
N GLY A 7 33.06 -20.05 -2.33
CA GLY A 7 31.97 -19.21 -2.81
C GLY A 7 31.05 -18.75 -1.69
N THR A 8 30.83 -17.45 -1.61
CA THR A 8 29.97 -16.88 -0.58
C THR A 8 28.53 -16.81 -1.05
N SER A 9 27.61 -17.33 -0.24
CA SER A 9 26.19 -17.34 -0.58
C SER A 9 25.69 -15.91 -0.80
N ILE A 10 25.53 -15.54 -2.07
CA ILE A 10 25.05 -14.20 -2.42
C ILE A 10 23.68 -13.94 -1.81
N THR A 11 23.67 -13.31 -0.64
CA THR A 11 22.42 -12.99 0.05
C THR A 11 21.37 -12.49 -0.93
N PRO A 12 20.09 -12.73 -0.61
CA PRO A 12 18.96 -12.32 -1.44
C PRO A 12 18.78 -10.80 -1.45
N SER A 13 18.27 -10.27 -2.56
CA SER A 13 18.05 -8.84 -2.70
C SER A 13 16.55 -8.54 -2.84
N SER A 14 16.10 -7.51 -2.12
CA SER A 14 14.69 -7.12 -2.15
C SER A 14 14.53 -5.75 -2.79
N GLN A 15 13.34 -5.46 -3.29
CA GLN A 15 13.05 -4.18 -3.92
C GLN A 15 11.83 -3.52 -3.28
N ASP A 16 11.92 -2.22 -3.05
CA ASP A 16 10.82 -1.47 -2.45
C ASP A 16 9.73 -1.20 -3.48
N ILE A 17 8.72 -2.04 -3.49
CA ILE A 17 7.61 -1.90 -4.43
C ILE A 17 6.28 -2.25 -3.77
N CYS A 18 5.18 -1.83 -4.39
CA CYS A 18 3.85 -2.11 -3.87
C CYS A 18 3.77 -3.53 -3.31
N ARG A 19 2.78 -3.77 -2.47
CA ARG A 19 2.59 -5.09 -1.86
C ARG A 19 1.26 -5.70 -2.29
N ILE A 20 0.34 -4.85 -2.74
CA ILE A 20 -0.97 -5.31 -3.18
C ILE A 20 -0.94 -5.75 -4.64
N CYS A 21 -0.17 -5.01 -5.45
CA CYS A 21 -0.05 -5.33 -6.87
C CYS A 21 1.38 -5.71 -7.23
N HIS A 22 2.32 -5.27 -6.40
CA HIS A 22 3.73 -5.57 -6.63
C HIS A 22 4.22 -4.94 -7.93
N CYS A 23 4.04 -3.63 -8.05
CA CYS A 23 4.45 -2.91 -9.24
C CYS A 23 5.21 -1.64 -8.87
N GLU A 24 5.97 -1.10 -9.82
CA GLU A 24 6.74 0.11 -9.59
C GLU A 24 5.83 1.26 -9.16
N GLY A 25 6.38 2.17 -8.35
CA GLY A 25 5.61 3.30 -7.88
C GLY A 25 5.45 4.37 -8.94
N ASP A 26 4.22 4.84 -9.11
CA ASP A 26 3.94 5.89 -10.09
C ASP A 26 3.73 7.23 -9.41
N ASP A 27 3.80 8.31 -10.20
CA ASP A 27 3.63 9.65 -9.68
C ASP A 27 2.39 9.73 -8.79
N GLU A 28 1.26 9.23 -9.30
CA GLU A 28 0.01 9.25 -8.55
C GLU A 28 -0.10 8.01 -7.66
N SER A 29 0.58 6.94 -8.04
CA SER A 29 0.55 5.70 -7.29
C SER A 29 1.95 5.35 -6.77
N PRO A 30 2.60 6.32 -6.13
CA PRO A 30 3.95 6.15 -5.57
C PRO A 30 3.95 5.21 -4.37
N LEU A 31 5.14 4.81 -3.94
CA LEU A 31 5.29 3.92 -2.79
C LEU A 31 5.44 4.71 -1.49
N ILE A 32 4.31 5.02 -0.86
CA ILE A 32 4.31 5.77 0.39
C ILE A 32 3.81 4.91 1.54
N THR A 33 3.99 5.41 2.76
CA THR A 33 3.56 4.69 3.95
C THR A 33 2.12 5.06 4.33
N PRO A 34 1.22 4.06 4.28
CA PRO A 34 -0.19 4.25 4.61
C PRO A 34 -0.41 4.49 6.10
N CYS A 35 0.38 3.80 6.92
CA CYS A 35 0.26 3.94 8.38
C CYS A 35 1.64 3.77 9.04
N HIS A 36 1.64 3.79 10.37
CA HIS A 36 2.88 3.64 11.12
C HIS A 36 3.51 2.27 10.87
N CYS A 37 2.68 1.24 10.92
CA CYS A 37 3.16 -0.13 10.71
C CYS A 37 4.22 -0.17 9.62
N THR A 38 5.44 -0.52 10.00
CA THR A 38 6.55 -0.60 9.05
C THR A 38 7.08 -2.02 8.92
N GLY A 39 6.35 -2.84 8.16
CA GLY A 39 6.75 -4.23 7.97
C GLY A 39 7.91 -4.36 6.98
N SER A 40 7.59 -4.77 5.77
CA SER A 40 8.60 -4.95 4.72
C SER A 40 8.20 -4.22 3.45
N LEU A 41 7.13 -4.71 2.81
CA LEU A 41 6.65 -4.10 1.57
C LEU A 41 5.47 -3.17 1.85
N HIS A 42 5.30 -2.80 3.11
CA HIS A 42 4.21 -1.92 3.51
C HIS A 42 3.98 -0.84 2.45
N PHE A 43 5.06 -0.35 1.86
CA PHE A 43 4.99 0.69 0.84
C PHE A 43 3.98 0.30 -0.24
N VAL A 44 2.75 0.78 -0.10
CA VAL A 44 1.70 0.48 -1.08
C VAL A 44 1.47 1.67 -2.01
N HIS A 45 0.64 1.45 -3.02
CA HIS A 45 0.32 2.50 -4.00
C HIS A 45 -0.81 3.39 -3.49
N GLN A 46 -0.58 4.71 -3.50
CA GLN A 46 -1.58 5.65 -3.05
C GLN A 46 -2.97 5.26 -3.53
N ALA A 47 -3.03 4.73 -4.75
CA ALA A 47 -4.29 4.31 -5.33
C ALA A 47 -4.73 2.96 -4.79
N CYS A 48 -3.93 1.93 -5.03
CA CYS A 48 -4.23 0.59 -4.55
C CYS A 48 -4.88 0.63 -3.18
N LEU A 49 -4.30 1.44 -2.29
CA LEU A 49 -4.83 1.57 -0.93
C LEU A 49 -6.35 1.74 -0.94
N GLN A 50 -6.83 2.61 -1.82
CA GLN A 50 -8.26 2.86 -1.93
C GLN A 50 -9.03 1.56 -2.16
N GLN A 51 -8.46 0.68 -2.98
CA GLN A 51 -9.09 -0.60 -3.28
C GLN A 51 -9.18 -1.47 -2.04
N TRP A 52 -8.08 -1.52 -1.29
CA TRP A 52 -8.04 -2.33 -0.07
C TRP A 52 -8.97 -1.75 1.00
N ILE A 53 -8.97 -0.43 1.12
CA ILE A 53 -9.82 0.25 2.10
C ILE A 53 -11.27 -0.23 2.00
N LYS A 54 -11.75 -0.40 0.78
CA LYS A 54 -13.11 -0.86 0.55
C LYS A 54 -13.24 -2.35 0.83
N SER A 55 -12.21 -3.11 0.47
CA SER A 55 -12.20 -4.55 0.69
C SER A 55 -12.28 -4.88 2.18
N SER A 56 -11.45 -4.20 2.97
CA SER A 56 -11.42 -4.42 4.41
C SER A 56 -12.51 -3.61 5.11
N ASP A 57 -13.46 -3.13 4.33
CA ASP A 57 -14.57 -2.34 4.86
C ASP A 57 -14.11 -1.51 6.05
N THR A 58 -12.95 -0.88 5.92
CA THR A 58 -12.40 -0.05 6.98
C THR A 58 -11.39 0.94 6.43
N ARG A 59 -11.46 2.19 6.91
CA ARG A 59 -10.55 3.23 6.47
C ARG A 59 -9.27 3.21 7.28
N CYS A 60 -9.39 2.93 8.57
CA CYS A 60 -8.23 2.88 9.46
C CYS A 60 -7.56 1.51 9.40
N CYS A 61 -6.38 1.40 10.02
CA CYS A 61 -5.65 0.14 10.03
C CYS A 61 -6.41 -0.92 10.83
N GLU A 62 -5.96 -2.17 10.73
CA GLU A 62 -6.60 -3.27 11.43
C GLU A 62 -5.94 -3.51 12.78
N LEU A 63 -4.64 -3.27 12.85
CA LEU A 63 -3.88 -3.46 14.09
C LEU A 63 -3.68 -2.13 14.82
N CYS A 64 -2.95 -1.23 14.19
CA CYS A 64 -2.69 0.09 14.78
C CYS A 64 -3.94 0.96 14.75
N LYS A 65 -4.92 0.55 13.94
CA LYS A 65 -6.17 1.29 13.81
C LYS A 65 -5.91 2.76 13.52
N TYR A 66 -5.02 3.02 12.57
CA TYR A 66 -4.68 4.39 12.20
C TYR A 66 -5.12 4.69 10.76
N GLU A 67 -5.77 5.83 10.58
CA GLU A 67 -6.23 6.23 9.26
C GLU A 67 -5.13 6.05 8.21
N PHE A 68 -5.54 5.91 6.95
CA PHE A 68 -4.59 5.72 5.86
C PHE A 68 -4.52 6.97 4.99
N ILE A 69 -3.48 7.03 4.16
CA ILE A 69 -3.29 8.18 3.27
C ILE A 69 -4.21 8.09 2.05
N MET A 70 -5.06 9.10 1.88
CA MET A 70 -5.98 9.14 0.76
C MET A 70 -6.30 10.57 0.36
N GLU A 71 -6.27 10.84 -0.94
CA GLU A 71 -6.56 12.17 -1.45
C GLU A 71 -8.06 12.39 -1.61
N THR A 72 -8.60 13.37 -0.88
CA THR A 72 -10.03 13.67 -0.95
C THR A 72 -10.26 15.18 -0.98
N LYS A 73 -11.26 15.61 -1.76
CA LYS A 73 -11.59 17.02 -1.87
C LYS A 73 -12.94 17.32 -1.22
N LEU A 74 -12.93 17.65 0.06
CA LEU A 74 -14.16 17.96 0.78
C LEU A 74 -15.24 16.94 0.47
N SER A 75 -14.86 15.67 0.41
CA SER A 75 -15.80 14.59 0.13
C SER A 75 -16.69 14.32 1.33
N GLY A 76 -17.98 14.09 1.07
CA GLY A 76 -18.92 13.82 2.13
C GLY A 76 -19.20 12.33 2.30
N PRO A 77 -19.19 11.87 3.55
CA PRO A 77 -19.44 10.46 3.88
C PRO A 77 -20.88 10.06 3.63
N SER A 78 -21.08 8.84 3.13
CA SER A 78 -22.42 8.33 2.85
C SER A 78 -22.37 6.86 2.45
N SER A 79 -23.46 6.15 2.70
CA SER A 79 -23.54 4.73 2.36
C SER A 79 -24.87 4.40 1.70
N GLY A 80 -24.81 3.85 0.48
CA GLY A 80 -26.01 3.50 -0.23
C GLY A 80 -25.71 2.82 -1.55
N GLY A 1 -11.41 -11.65 -12.72
CA GLY A 1 -10.36 -12.46 -12.12
C GLY A 1 -9.36 -11.64 -11.36
N SER A 2 -8.25 -12.27 -10.96
CA SER A 2 -7.20 -11.58 -10.22
C SER A 2 -5.83 -12.14 -10.57
N SER A 3 -4.78 -11.43 -10.14
CA SER A 3 -3.41 -11.85 -10.42
C SER A 3 -2.79 -12.52 -9.20
N GLY A 4 -2.58 -13.83 -9.28
CA GLY A 4 -2.00 -14.56 -8.17
C GLY A 4 -1.56 -15.95 -8.57
N SER A 5 -0.23 -16.16 -8.63
CA SER A 5 0.31 -17.45 -9.01
C SER A 5 -0.07 -18.52 -8.00
N SER A 6 -0.30 -19.73 -8.49
CA SER A 6 -0.68 -20.85 -7.63
C SER A 6 0.51 -21.35 -6.83
N GLY A 7 0.59 -20.94 -5.57
CA GLY A 7 1.69 -21.36 -4.71
C GLY A 7 2.14 -20.26 -3.77
N THR A 8 3.45 -20.19 -3.53
CA THR A 8 4.00 -19.18 -2.64
C THR A 8 5.52 -19.10 -2.79
N SER A 9 6.04 -17.88 -2.90
CA SER A 9 7.48 -17.67 -3.05
C SER A 9 8.16 -17.61 -1.69
N ILE A 10 9.45 -17.93 -1.66
CA ILE A 10 10.22 -17.91 -0.42
C ILE A 10 10.91 -16.57 -0.22
N THR A 11 11.68 -16.16 -1.23
CA THR A 11 12.40 -14.89 -1.17
C THR A 11 12.21 -14.09 -2.46
N PRO A 12 11.22 -13.19 -2.45
CA PRO A 12 10.91 -12.33 -3.60
C PRO A 12 11.99 -11.29 -3.87
N SER A 13 12.04 -10.80 -5.10
CA SER A 13 13.05 -9.80 -5.47
C SER A 13 13.17 -8.73 -4.40
N SER A 14 14.40 -8.46 -3.99
CA SER A 14 14.66 -7.45 -2.96
C SER A 14 14.51 -6.05 -3.53
N GLN A 15 13.27 -5.56 -3.59
CA GLN A 15 12.98 -4.24 -4.11
C GLN A 15 11.77 -3.63 -3.42
N ASP A 16 11.81 -2.31 -3.22
CA ASP A 16 10.72 -1.60 -2.57
C ASP A 16 9.62 -1.26 -3.57
N ILE A 17 8.60 -2.11 -3.65
CA ILE A 17 7.49 -1.89 -4.56
C ILE A 17 6.15 -2.20 -3.89
N CYS A 18 5.07 -1.83 -4.56
CA CYS A 18 3.73 -2.06 -4.03
C CYS A 18 3.64 -3.43 -3.37
N ARG A 19 2.67 -3.60 -2.49
CA ARG A 19 2.46 -4.87 -1.79
C ARG A 19 1.15 -5.51 -2.19
N ILE A 20 0.27 -4.73 -2.83
CA ILE A 20 -1.02 -5.22 -3.26
C ILE A 20 -0.97 -5.68 -4.72
N CYS A 21 -0.32 -4.87 -5.55
CA CYS A 21 -0.20 -5.18 -6.97
C CYS A 21 1.21 -5.64 -7.31
N HIS A 22 2.17 -5.25 -6.48
CA HIS A 22 3.57 -5.62 -6.69
C HIS A 22 4.10 -5.03 -7.99
N CYS A 23 3.94 -3.73 -8.16
CA CYS A 23 4.40 -3.04 -9.36
C CYS A 23 5.22 -1.81 -9.00
N GLU A 24 6.05 -1.36 -9.93
CA GLU A 24 6.89 -0.19 -9.73
C GLU A 24 6.05 1.01 -9.28
N GLY A 25 6.64 1.86 -8.46
CA GLY A 25 5.93 3.04 -7.98
C GLY A 25 5.67 4.05 -9.08
N ASP A 26 4.43 4.51 -9.18
CA ASP A 26 4.05 5.48 -10.19
C ASP A 26 4.14 6.91 -9.64
N ASP A 27 4.11 7.88 -10.54
CA ASP A 27 4.18 9.29 -10.15
C ASP A 27 2.98 9.67 -9.29
N GLU A 28 1.80 9.22 -9.70
CA GLU A 28 0.58 9.53 -8.96
C GLU A 28 0.27 8.43 -7.94
N SER A 29 0.76 7.22 -8.20
CA SER A 29 0.53 6.09 -7.31
C SER A 29 1.86 5.54 -6.79
N PRO A 30 2.69 6.44 -6.24
CA PRO A 30 4.00 6.06 -5.69
C PRO A 30 3.89 5.23 -4.42
N LEU A 31 5.02 4.80 -3.88
CA LEU A 31 5.05 4.00 -2.67
C LEU A 31 5.12 4.89 -1.43
N ILE A 32 4.02 4.97 -0.69
CA ILE A 32 3.96 5.79 0.51
C ILE A 32 3.59 4.94 1.73
N THR A 33 3.74 5.53 2.92
CA THR A 33 3.42 4.83 4.16
C THR A 33 2.01 5.19 4.63
N PRO A 34 1.11 4.19 4.63
CA PRO A 34 -0.28 4.39 5.06
C PRO A 34 -0.39 4.61 6.56
N CYS A 35 0.48 3.95 7.32
CA CYS A 35 0.49 4.08 8.77
C CYS A 35 1.89 3.89 9.34
N HIS A 36 2.00 3.88 10.66
CA HIS A 36 3.28 3.71 11.32
C HIS A 36 3.60 2.22 11.51
N CYS A 37 3.35 1.44 10.46
CA CYS A 37 3.62 0.00 10.50
C CYS A 37 4.65 -0.40 9.44
N THR A 38 5.92 -0.13 9.74
CA THR A 38 6.99 -0.46 8.82
C THR A 38 7.55 -1.86 9.08
N GLY A 39 7.36 -2.76 8.12
CA GLY A 39 7.84 -4.12 8.28
C GLY A 39 8.65 -4.59 7.09
N SER A 40 7.96 -5.03 6.05
CA SER A 40 8.61 -5.51 4.84
C SER A 40 8.06 -4.82 3.60
N LEU A 41 6.82 -5.16 3.24
CA LEU A 41 6.18 -4.56 2.08
C LEU A 41 5.09 -3.57 2.49
N HIS A 42 5.42 -2.73 3.47
CA HIS A 42 4.47 -1.74 3.97
C HIS A 42 4.48 -0.49 3.08
N PHE A 43 4.54 -0.70 1.77
CA PHE A 43 4.56 0.41 0.82
C PHE A 43 3.53 0.19 -0.29
N VAL A 44 2.30 0.61 -0.03
CA VAL A 44 1.23 0.46 -1.00
C VAL A 44 1.06 1.73 -1.84
N HIS A 45 0.40 1.60 -2.98
CA HIS A 45 0.17 2.73 -3.86
C HIS A 45 -1.01 3.57 -3.37
N GLN A 46 -0.83 4.89 -3.38
CA GLN A 46 -1.88 5.81 -2.92
C GLN A 46 -3.25 5.36 -3.43
N ALA A 47 -3.30 4.93 -4.69
CA ALA A 47 -4.54 4.47 -5.30
C ALA A 47 -4.92 3.08 -4.80
N CYS A 48 -4.05 2.11 -5.06
CA CYS A 48 -4.29 0.73 -4.64
C CYS A 48 -4.93 0.69 -3.26
N LEU A 49 -4.42 1.52 -2.35
CA LEU A 49 -4.93 1.59 -0.99
C LEU A 49 -6.45 1.76 -0.99
N GLN A 50 -6.93 2.71 -1.79
CA GLN A 50 -8.36 2.98 -1.89
C GLN A 50 -9.13 1.70 -2.19
N GLN A 51 -8.58 0.87 -3.07
CA GLN A 51 -9.22 -0.39 -3.44
C GLN A 51 -9.32 -1.33 -2.24
N TRP A 52 -8.20 -1.50 -1.54
CA TRP A 52 -8.17 -2.36 -0.36
C TRP A 52 -9.08 -1.85 0.74
N ILE A 53 -9.10 -0.53 0.92
CA ILE A 53 -9.93 0.10 1.93
C ILE A 53 -11.38 -0.34 1.79
N LYS A 54 -11.88 -0.37 0.55
CA LYS A 54 -13.25 -0.77 0.28
C LYS A 54 -13.40 -2.28 0.34
N SER A 55 -12.36 -2.99 -0.12
CA SER A 55 -12.38 -4.45 -0.11
C SER A 55 -12.92 -4.99 1.21
N SER A 56 -12.22 -4.67 2.30
CA SER A 56 -12.63 -5.13 3.62
C SER A 56 -13.28 -3.99 4.41
N ASP A 57 -13.88 -3.05 3.69
CA ASP A 57 -14.53 -1.91 4.33
C ASP A 57 -13.74 -1.43 5.54
N THR A 58 -12.43 -1.29 5.36
CA THR A 58 -11.56 -0.85 6.44
C THR A 58 -10.79 0.41 6.04
N ARG A 59 -11.00 1.49 6.80
CA ARG A 59 -10.32 2.76 6.51
C ARG A 59 -9.06 2.89 7.35
N CYS A 60 -9.14 2.48 8.61
CA CYS A 60 -7.99 2.56 9.51
C CYS A 60 -7.25 1.23 9.55
N CYS A 61 -6.11 1.22 10.24
CA CYS A 61 -5.29 0.02 10.36
C CYS A 61 -6.00 -1.04 11.19
N GLU A 62 -5.47 -2.26 11.17
CA GLU A 62 -6.06 -3.36 11.93
C GLU A 62 -5.40 -3.50 13.30
N LEU A 63 -4.17 -3.02 13.40
CA LEU A 63 -3.42 -3.08 14.65
C LEU A 63 -3.29 -1.71 15.27
N CYS A 64 -2.67 -0.78 14.54
CA CYS A 64 -2.48 0.58 15.01
C CYS A 64 -3.74 1.42 14.80
N LYS A 65 -4.74 0.81 14.18
CA LYS A 65 -6.00 1.50 13.92
C LYS A 65 -5.76 2.94 13.50
N TYR A 66 -4.81 3.14 12.60
CA TYR A 66 -4.48 4.48 12.12
C TYR A 66 -5.16 4.77 10.78
N GLU A 67 -5.92 5.85 10.73
CA GLU A 67 -6.63 6.24 9.52
C GLU A 67 -5.65 6.44 8.36
N PHE A 68 -5.86 5.69 7.29
CA PHE A 68 -5.00 5.77 6.12
C PHE A 68 -5.31 7.03 5.31
N ILE A 69 -4.32 7.51 4.58
CA ILE A 69 -4.48 8.70 3.75
C ILE A 69 -5.52 8.48 2.66
N MET A 70 -6.44 9.43 2.52
CA MET A 70 -7.48 9.33 1.50
C MET A 70 -7.99 10.71 1.11
N GLU A 71 -7.77 11.08 -0.16
CA GLU A 71 -8.20 12.37 -0.66
C GLU A 71 -9.71 12.55 -0.51
N THR A 72 -10.10 13.45 0.38
CA THR A 72 -11.53 13.71 0.62
C THR A 72 -12.26 13.98 -0.69
N LYS A 73 -13.29 13.17 -0.95
CA LYS A 73 -14.07 13.33 -2.17
C LYS A 73 -15.52 13.63 -1.84
N LEU A 74 -16.31 13.94 -2.87
CA LEU A 74 -17.73 14.26 -2.68
C LEU A 74 -18.45 14.31 -4.02
N SER A 75 -19.65 13.73 -4.06
CA SER A 75 -20.44 13.70 -5.28
C SER A 75 -21.65 14.64 -5.16
N GLY A 76 -21.43 15.92 -5.41
CA GLY A 76 -22.50 16.89 -5.33
C GLY A 76 -23.12 16.96 -3.94
N PRO A 77 -23.40 18.19 -3.48
CA PRO A 77 -23.99 18.41 -2.16
C PRO A 77 -25.44 17.94 -2.08
N SER A 78 -25.83 17.41 -0.92
CA SER A 78 -27.18 16.92 -0.72
C SER A 78 -27.52 15.83 -1.74
N SER A 79 -26.58 14.91 -1.95
CA SER A 79 -26.77 13.82 -2.89
C SER A 79 -25.70 12.75 -2.72
N GLY A 80 -26.06 11.51 -3.00
CA GLY A 80 -25.12 10.41 -2.87
C GLY A 80 -25.21 9.72 -1.52
N GLY A 1 1.61 0.55 -15.01
CA GLY A 1 1.29 -0.75 -15.55
C GLY A 1 2.47 -1.38 -16.27
N SER A 2 3.06 -2.41 -15.67
CA SER A 2 4.21 -3.09 -16.26
C SER A 2 3.77 -3.94 -17.45
N SER A 3 4.13 -3.50 -18.65
CA SER A 3 3.76 -4.23 -19.87
C SER A 3 5.01 -4.71 -20.59
N GLY A 4 5.04 -6.00 -20.91
CA GLY A 4 6.19 -6.56 -21.61
C GLY A 4 6.38 -8.03 -21.32
N SER A 5 7.55 -8.40 -20.82
CA SER A 5 7.85 -9.79 -20.51
C SER A 5 8.01 -9.99 -19.00
N SER A 6 7.18 -10.86 -18.43
CA SER A 6 7.21 -11.13 -17.01
C SER A 6 7.95 -12.44 -16.72
N GLY A 7 8.55 -12.53 -15.55
CA GLY A 7 9.29 -13.73 -15.17
C GLY A 7 10.78 -13.60 -15.42
N THR A 8 11.35 -12.48 -14.99
CA THR A 8 12.78 -12.23 -15.17
C THR A 8 13.45 -11.92 -13.84
N SER A 9 14.27 -12.85 -13.36
CA SER A 9 14.97 -12.68 -12.10
C SER A 9 16.38 -13.26 -12.17
N ILE A 10 17.36 -12.51 -11.67
CA ILE A 10 18.74 -12.96 -11.69
C ILE A 10 19.34 -12.92 -10.29
N THR A 11 18.67 -12.22 -9.37
CA THR A 11 19.14 -12.11 -8.00
C THR A 11 17.99 -11.76 -7.06
N PRO A 12 17.73 -12.64 -6.07
CA PRO A 12 16.66 -12.43 -5.09
C PRO A 12 16.98 -11.29 -4.13
N SER A 13 16.59 -10.08 -4.49
CA SER A 13 16.82 -8.91 -3.66
C SER A 13 15.55 -8.48 -2.96
N SER A 14 15.63 -7.37 -2.23
CA SER A 14 14.47 -6.86 -1.49
C SER A 14 14.09 -5.46 -1.98
N GLN A 15 13.40 -5.41 -3.11
CA GLN A 15 12.98 -4.14 -3.70
C GLN A 15 11.64 -3.69 -3.12
N ASP A 16 11.62 -2.52 -2.50
CA ASP A 16 10.40 -1.99 -1.90
C ASP A 16 9.39 -1.62 -2.98
N ILE A 17 8.35 -2.43 -3.11
CA ILE A 17 7.31 -2.19 -4.11
C ILE A 17 5.92 -2.48 -3.54
N CYS A 18 4.90 -1.97 -4.21
CA CYS A 18 3.52 -2.18 -3.78
C CYS A 18 3.33 -3.59 -3.23
N ARG A 19 2.36 -3.73 -2.32
CA ARG A 19 2.08 -5.03 -1.72
C ARG A 19 0.74 -5.58 -2.21
N ILE A 20 -0.06 -4.70 -2.84
CA ILE A 20 -1.36 -5.11 -3.36
C ILE A 20 -1.26 -5.55 -4.80
N CYS A 21 -0.50 -4.81 -5.60
CA CYS A 21 -0.32 -5.12 -7.01
C CYS A 21 1.09 -5.63 -7.28
N HIS A 22 2.01 -5.30 -6.38
CA HIS A 22 3.41 -5.72 -6.51
C HIS A 22 4.03 -5.11 -7.78
N CYS A 23 3.87 -3.80 -7.94
CA CYS A 23 4.42 -3.10 -9.09
C CYS A 23 5.21 -1.88 -8.67
N GLU A 24 6.15 -1.46 -9.51
CA GLU A 24 6.98 -0.30 -9.22
C GLU A 24 6.11 0.91 -8.85
N GLY A 25 6.67 1.79 -8.03
CA GLY A 25 5.93 2.98 -7.61
C GLY A 25 5.72 3.97 -8.75
N ASP A 26 4.47 4.34 -8.98
CA ASP A 26 4.15 5.28 -10.04
C ASP A 26 4.30 6.72 -9.56
N ASP A 27 4.38 7.65 -10.51
CA ASP A 27 4.53 9.07 -10.18
C ASP A 27 3.35 9.55 -9.34
N GLU A 28 2.15 9.17 -9.75
CA GLU A 28 0.93 9.57 -9.05
C GLU A 28 0.57 8.57 -7.96
N SER A 29 1.02 7.32 -8.15
CA SER A 29 0.75 6.26 -7.18
C SER A 29 2.04 5.67 -6.64
N PRO A 30 2.93 6.54 -6.13
CA PRO A 30 4.22 6.13 -5.58
C PRO A 30 4.06 5.37 -4.27
N LEU A 31 5.14 4.72 -3.84
CA LEU A 31 5.13 3.96 -2.58
C LEU A 31 5.19 4.88 -1.38
N ILE A 32 4.05 5.04 -0.71
CA ILE A 32 3.97 5.88 0.47
C ILE A 32 3.54 5.10 1.71
N THR A 33 3.85 5.63 2.88
CA THR A 33 3.50 4.97 4.13
C THR A 33 2.07 5.30 4.55
N PRO A 34 1.19 4.29 4.49
CA PRO A 34 -0.22 4.45 4.86
C PRO A 34 -0.42 4.67 6.35
N CYS A 35 0.43 4.02 7.16
CA CYS A 35 0.35 4.14 8.60
C CYS A 35 1.73 3.99 9.23
N HIS A 36 1.77 4.02 10.56
CA HIS A 36 3.03 3.88 11.29
C HIS A 36 3.74 2.59 10.91
N CYS A 37 2.99 1.49 10.89
CA CYS A 37 3.55 0.19 10.56
C CYS A 37 4.65 0.33 9.52
N THR A 38 5.85 -0.15 9.86
CA THR A 38 6.99 -0.07 8.98
C THR A 38 7.82 -1.35 9.03
N GLY A 39 8.71 -1.52 8.06
CA GLY A 39 9.55 -2.71 8.02
C GLY A 39 8.90 -3.85 7.27
N SER A 40 8.27 -3.54 6.13
CA SER A 40 7.60 -4.55 5.32
C SER A 40 7.10 -3.96 4.01
N LEU A 41 6.39 -4.77 3.23
CA LEU A 41 5.86 -4.32 1.96
C LEU A 41 4.73 -3.31 2.16
N HIS A 42 4.46 -2.98 3.42
CA HIS A 42 3.41 -2.02 3.75
C HIS A 42 3.33 -0.93 2.68
N PHE A 43 4.46 -0.61 2.08
CA PHE A 43 4.51 0.42 1.04
C PHE A 43 3.50 0.12 -0.07
N VAL A 44 2.29 0.67 0.08
CA VAL A 44 1.24 0.46 -0.90
C VAL A 44 1.03 1.71 -1.76
N HIS A 45 0.32 1.55 -2.88
CA HIS A 45 0.05 2.65 -3.78
C HIS A 45 -1.16 3.46 -3.30
N GLN A 46 -0.98 4.77 -3.19
CA GLN A 46 -2.06 5.65 -2.75
C GLN A 46 -3.40 5.19 -3.30
N ALA A 47 -3.45 4.91 -4.59
CA ALA A 47 -4.67 4.44 -5.24
C ALA A 47 -5.04 3.04 -4.77
N CYS A 48 -4.17 2.08 -5.05
CA CYS A 48 -4.41 0.69 -4.66
C CYS A 48 -5.08 0.63 -3.29
N LEU A 49 -4.41 1.17 -2.28
CA LEU A 49 -4.95 1.16 -0.92
C LEU A 49 -6.44 1.47 -0.92
N GLN A 50 -6.83 2.51 -1.63
CA GLN A 50 -8.23 2.90 -1.71
C GLN A 50 -9.11 1.70 -2.06
N GLN A 51 -8.80 1.06 -3.18
CA GLN A 51 -9.56 -0.10 -3.62
C GLN A 51 -9.67 -1.15 -2.52
N TRP A 52 -8.56 -1.42 -1.86
CA TRP A 52 -8.53 -2.39 -0.77
C TRP A 52 -9.42 -1.94 0.38
N ILE A 53 -9.40 -0.65 0.65
CA ILE A 53 -10.21 -0.09 1.74
C ILE A 53 -11.69 -0.38 1.53
N LYS A 54 -12.10 -0.47 0.26
CA LYS A 54 -13.49 -0.75 -0.07
C LYS A 54 -13.89 -2.15 0.37
N SER A 55 -13.03 -3.13 0.07
CA SER A 55 -13.30 -4.51 0.43
C SER A 55 -13.15 -4.71 1.94
N SER A 56 -11.93 -4.56 2.43
CA SER A 56 -11.65 -4.73 3.85
C SER A 56 -12.56 -3.82 4.70
N ASP A 57 -13.19 -2.86 4.04
CA ASP A 57 -14.07 -1.93 4.73
C ASP A 57 -13.42 -1.39 5.99
N THR A 58 -12.11 -1.20 5.94
CA THR A 58 -11.37 -0.70 7.10
C THR A 58 -10.49 0.49 6.71
N ARG A 59 -11.08 1.67 6.63
CA ARG A 59 -10.35 2.87 6.26
C ARG A 59 -9.03 2.95 7.02
N CYS A 60 -9.05 2.57 8.29
CA CYS A 60 -7.86 2.59 9.13
C CYS A 60 -7.10 1.28 9.04
N CYS A 61 -6.04 1.15 9.83
CA CYS A 61 -5.22 -0.06 9.83
C CYS A 61 -5.91 -1.18 10.59
N GLU A 62 -5.38 -2.39 10.48
CA GLU A 62 -5.95 -3.54 11.16
C GLU A 62 -5.17 -3.86 12.44
N LEU A 63 -3.90 -3.47 12.47
CA LEU A 63 -3.06 -3.71 13.63
C LEU A 63 -3.00 -2.47 14.52
N CYS A 64 -2.45 -1.39 13.98
CA CYS A 64 -2.34 -0.14 14.73
C CYS A 64 -3.65 0.62 14.71
N LYS A 65 -4.55 0.22 13.83
CA LYS A 65 -5.85 0.87 13.71
C LYS A 65 -5.70 2.38 13.52
N TYR A 66 -4.88 2.76 12.54
CA TYR A 66 -4.64 4.17 12.26
C TYR A 66 -5.12 4.53 10.85
N GLU A 67 -5.88 5.62 10.75
CA GLU A 67 -6.40 6.06 9.47
C GLU A 67 -5.31 6.06 8.40
N PHE A 68 -5.70 5.93 7.14
CA PHE A 68 -4.76 5.92 6.03
C PHE A 68 -4.76 7.26 5.30
N ILE A 69 -3.79 7.44 4.41
CA ILE A 69 -3.68 8.67 3.64
C ILE A 69 -4.79 8.76 2.59
N MET A 70 -5.96 9.22 3.02
CA MET A 70 -7.10 9.36 2.11
C MET A 70 -7.34 10.82 1.76
N GLU A 71 -6.89 11.72 2.64
CA GLU A 71 -7.05 13.15 2.42
C GLU A 71 -8.52 13.54 2.53
N THR A 72 -9.20 13.01 3.53
CA THR A 72 -10.62 13.30 3.74
C THR A 72 -10.93 14.75 3.39
N LYS A 73 -11.75 14.95 2.36
CA LYS A 73 -12.13 16.29 1.93
C LYS A 73 -13.36 16.25 1.04
N LEU A 74 -14.26 17.21 1.23
CA LEU A 74 -15.49 17.27 0.44
C LEU A 74 -15.54 18.58 -0.36
N SER A 75 -15.25 18.48 -1.66
CA SER A 75 -15.26 19.66 -2.52
C SER A 75 -16.52 19.67 -3.39
N GLY A 76 -16.68 18.62 -4.20
CA GLY A 76 -17.84 18.52 -5.07
C GLY A 76 -18.32 17.10 -5.24
N PRO A 77 -19.02 16.59 -4.22
CA PRO A 77 -19.56 15.21 -4.24
C PRO A 77 -20.70 15.05 -5.24
N SER A 78 -20.40 14.45 -6.38
CA SER A 78 -21.40 14.24 -7.41
C SER A 78 -21.96 12.82 -7.35
N SER A 79 -23.28 12.70 -7.30
CA SER A 79 -23.94 11.41 -7.23
C SER A 79 -23.54 10.53 -8.41
N GLY A 80 -23.27 9.26 -8.14
CA GLY A 80 -22.87 8.34 -9.18
C GLY A 80 -23.00 6.89 -8.76
N GLY A 1 44.01 12.14 16.77
CA GLY A 1 42.85 12.93 16.36
C GLY A 1 41.75 12.08 15.76
N SER A 2 41.16 12.56 14.68
CA SER A 2 40.08 11.85 14.01
C SER A 2 40.56 11.30 12.66
N SER A 3 41.04 10.07 12.66
CA SER A 3 41.53 9.43 11.43
C SER A 3 40.42 8.63 10.77
N GLY A 4 40.39 8.68 9.44
CA GLY A 4 39.37 7.94 8.70
C GLY A 4 38.87 8.72 7.49
N SER A 5 38.31 8.00 6.52
CA SER A 5 37.80 8.62 5.31
C SER A 5 36.46 8.03 4.92
N SER A 6 35.86 8.56 3.85
CA SER A 6 34.56 8.07 3.38
C SER A 6 34.69 6.66 2.83
N GLY A 7 34.20 5.68 3.60
CA GLY A 7 34.26 4.30 3.17
C GLY A 7 32.93 3.81 2.63
N THR A 8 32.67 2.51 2.80
CA THR A 8 31.44 1.92 2.32
C THR A 8 31.03 0.73 3.19
N SER A 9 29.72 0.54 3.35
CA SER A 9 29.20 -0.55 4.17
C SER A 9 27.97 -1.17 3.51
N ILE A 10 28.14 -2.37 2.96
CA ILE A 10 27.04 -3.06 2.31
C ILE A 10 25.80 -3.12 3.21
N THR A 11 24.63 -2.91 2.62
CA THR A 11 23.38 -2.94 3.37
C THR A 11 22.29 -3.65 2.58
N PRO A 12 21.52 -4.51 3.26
CA PRO A 12 20.43 -5.27 2.65
C PRO A 12 19.25 -4.37 2.27
N SER A 13 19.34 -3.75 1.10
CA SER A 13 18.29 -2.86 0.62
C SER A 13 17.55 -3.49 -0.56
N SER A 14 16.47 -4.21 -0.26
CA SER A 14 15.67 -4.86 -1.29
C SER A 14 14.87 -3.84 -2.09
N GLN A 15 14.29 -4.30 -3.20
CA GLN A 15 13.48 -3.41 -4.04
C GLN A 15 12.15 -3.08 -3.38
N ASP A 16 11.97 -1.82 -3.02
CA ASP A 16 10.74 -1.38 -2.39
C ASP A 16 9.65 -1.11 -3.42
N ILE A 17 8.67 -2.00 -3.50
CA ILE A 17 7.59 -1.86 -4.45
C ILE A 17 6.23 -2.15 -3.79
N CYS A 18 5.16 -1.72 -4.43
CA CYS A 18 3.82 -1.93 -3.91
C CYS A 18 3.70 -3.30 -3.24
N ARG A 19 2.73 -3.44 -2.35
CA ARG A 19 2.51 -4.70 -1.65
C ARG A 19 1.17 -5.32 -2.03
N ILE A 20 0.32 -4.52 -2.66
CA ILE A 20 -0.99 -4.98 -3.09
C ILE A 20 -0.97 -5.49 -4.53
N CYS A 21 -0.29 -4.74 -5.39
CA CYS A 21 -0.17 -5.11 -6.80
C CYS A 21 1.23 -5.58 -7.13
N HIS A 22 2.19 -5.17 -6.31
CA HIS A 22 3.59 -5.54 -6.52
C HIS A 22 4.12 -5.00 -7.84
N CYS A 23 4.00 -3.69 -8.02
CA CYS A 23 4.45 -3.04 -9.24
C CYS A 23 5.23 -1.76 -8.93
N GLU A 24 6.09 -1.36 -9.85
CA GLU A 24 6.90 -0.15 -9.66
C GLU A 24 6.03 1.02 -9.23
N GLY A 25 6.59 1.91 -8.42
CA GLY A 25 5.85 3.06 -7.94
C GLY A 25 5.56 4.06 -9.04
N ASP A 26 4.30 4.43 -9.20
CA ASP A 26 3.89 5.38 -10.22
C ASP A 26 4.00 6.82 -9.72
N ASP A 27 4.05 7.77 -10.64
CA ASP A 27 4.15 9.18 -10.28
C ASP A 27 2.97 9.61 -9.42
N GLU A 28 1.77 9.25 -9.85
CA GLU A 28 0.56 9.60 -9.12
C GLU A 28 0.24 8.56 -8.05
N SER A 29 0.71 7.33 -8.27
CA SER A 29 0.48 6.24 -7.33
C SER A 29 1.80 5.69 -6.81
N PRO A 30 2.65 6.59 -6.28
CA PRO A 30 3.96 6.20 -5.73
C PRO A 30 3.84 5.41 -4.44
N LEU A 31 4.97 4.91 -3.95
CA LEU A 31 5.00 4.13 -2.72
C LEU A 31 5.04 5.04 -1.50
N ILE A 32 3.92 5.12 -0.78
CA ILE A 32 3.84 5.94 0.41
C ILE A 32 3.42 5.12 1.63
N THR A 33 3.90 5.53 2.80
CA THR A 33 3.57 4.83 4.04
C THR A 33 2.16 5.19 4.52
N PRO A 34 1.26 4.21 4.47
CA PRO A 34 -0.13 4.39 4.90
C PRO A 34 -0.25 4.57 6.41
N CYS A 35 0.54 3.82 7.16
CA CYS A 35 0.52 3.89 8.61
C CYS A 35 1.91 3.64 9.20
N HIS A 36 1.99 3.58 10.51
CA HIS A 36 3.27 3.36 11.19
C HIS A 36 3.82 1.98 10.86
N CYS A 37 2.94 0.98 10.88
CA CYS A 37 3.35 -0.40 10.58
C CYS A 37 4.47 -0.42 9.55
N THR A 38 5.68 -0.71 10.02
CA THR A 38 6.84 -0.76 9.13
C THR A 38 7.47 -2.15 9.13
N GLY A 39 6.85 -3.08 8.41
CA GLY A 39 7.37 -4.44 8.33
C GLY A 39 8.32 -4.63 7.18
N SER A 40 7.79 -5.08 6.04
CA SER A 40 8.60 -5.32 4.86
C SER A 40 8.07 -4.54 3.66
N LEU A 41 6.87 -4.89 3.23
CA LEU A 41 6.24 -4.22 2.09
C LEU A 41 5.13 -3.28 2.56
N HIS A 42 5.46 -2.42 3.52
CA HIS A 42 4.49 -1.47 4.05
C HIS A 42 4.43 -0.21 3.18
N PHE A 43 4.47 -0.41 1.87
CA PHE A 43 4.41 0.71 0.92
C PHE A 43 3.42 0.42 -0.20
N VAL A 44 2.17 0.80 0.02
CA VAL A 44 1.12 0.59 -0.97
C VAL A 44 0.93 1.82 -1.84
N HIS A 45 0.29 1.63 -3.00
CA HIS A 45 0.06 2.73 -3.93
C HIS A 45 -1.16 3.54 -3.50
N GLN A 46 -1.00 4.86 -3.46
CA GLN A 46 -2.08 5.75 -3.06
C GLN A 46 -3.41 5.28 -3.63
N ALA A 47 -3.38 4.81 -4.89
CA ALA A 47 -4.58 4.33 -5.54
C ALA A 47 -4.97 2.94 -5.04
N CYS A 48 -4.05 1.99 -5.16
CA CYS A 48 -4.30 0.62 -4.72
C CYS A 48 -4.97 0.61 -3.35
N LEU A 49 -4.47 1.46 -2.45
CA LEU A 49 -5.02 1.54 -1.10
C LEU A 49 -6.55 1.54 -1.14
N GLN A 50 -7.12 2.24 -2.10
CA GLN A 50 -8.57 2.31 -2.24
C GLN A 50 -9.18 0.92 -2.30
N GLN A 51 -8.54 0.02 -3.06
CA GLN A 51 -9.02 -1.34 -3.20
C GLN A 51 -9.02 -2.07 -1.86
N TRP A 52 -7.93 -1.89 -1.11
CA TRP A 52 -7.80 -2.53 0.20
C TRP A 52 -8.81 -1.95 1.19
N ILE A 53 -9.05 -0.64 1.08
CA ILE A 53 -9.99 0.03 1.97
C ILE A 53 -11.43 -0.36 1.65
N LYS A 54 -11.74 -0.45 0.37
CA LYS A 54 -13.08 -0.82 -0.07
C LYS A 54 -13.39 -2.27 0.28
N SER A 55 -12.39 -3.13 0.13
CA SER A 55 -12.55 -4.55 0.45
C SER A 55 -12.47 -4.80 1.94
N SER A 56 -11.41 -4.28 2.57
CA SER A 56 -11.21 -4.45 4.00
C SER A 56 -12.38 -3.85 4.78
N ASP A 57 -13.02 -2.85 4.18
CA ASP A 57 -14.15 -2.18 4.83
C ASP A 57 -13.69 -1.41 6.05
N THR A 58 -12.59 -0.68 5.91
CA THR A 58 -12.04 0.11 7.02
C THR A 58 -11.01 1.12 6.51
N ARG A 59 -11.22 2.39 6.85
CA ARG A 59 -10.30 3.44 6.43
C ARG A 59 -9.02 3.41 7.25
N CYS A 60 -9.13 2.95 8.49
CA CYS A 60 -7.98 2.86 9.38
C CYS A 60 -7.35 1.47 9.33
N CYS A 61 -6.16 1.34 9.92
CA CYS A 61 -5.46 0.07 9.93
C CYS A 61 -6.27 -1.00 10.68
N GLU A 62 -5.83 -2.25 10.57
CA GLU A 62 -6.50 -3.36 11.23
C GLU A 62 -5.88 -3.65 12.59
N LEU A 63 -4.58 -3.39 12.71
CA LEU A 63 -3.86 -3.63 13.96
C LEU A 63 -3.64 -2.33 14.71
N CYS A 64 -2.93 -1.39 14.08
CA CYS A 64 -2.65 -0.10 14.69
C CYS A 64 -3.86 0.83 14.60
N LYS A 65 -4.85 0.40 13.81
CA LYS A 65 -6.07 1.19 13.64
C LYS A 65 -5.74 2.67 13.37
N TYR A 66 -4.80 2.90 12.46
CA TYR A 66 -4.40 4.26 12.12
C TYR A 66 -5.03 4.71 10.81
N GLU A 67 -5.70 5.85 10.85
CA GLU A 67 -6.36 6.38 9.66
C GLU A 67 -5.37 6.58 8.53
N PHE A 68 -5.63 5.94 7.39
CA PHE A 68 -4.76 6.03 6.23
C PHE A 68 -4.95 7.36 5.51
N ILE A 69 -4.00 7.71 4.65
CA ILE A 69 -4.07 8.95 3.90
C ILE A 69 -5.01 8.83 2.71
N MET A 70 -6.21 9.37 2.86
CA MET A 70 -7.21 9.32 1.80
C MET A 70 -7.53 10.73 1.28
N GLU A 71 -7.38 10.91 -0.03
CA GLU A 71 -7.64 12.21 -0.65
C GLU A 71 -9.14 12.49 -0.70
N THR A 72 -9.51 13.71 -0.33
CA THR A 72 -10.92 14.12 -0.33
C THR A 72 -11.19 15.16 -1.40
N LYS A 73 -10.26 16.11 -1.56
CA LYS A 73 -10.40 17.15 -2.56
C LYS A 73 -9.04 17.61 -3.06
N LEU A 74 -8.89 17.63 -4.38
CA LEU A 74 -7.63 18.04 -5.01
C LEU A 74 -7.85 19.17 -5.99
N SER A 75 -6.76 19.73 -6.51
CA SER A 75 -6.85 20.83 -7.47
C SER A 75 -6.35 20.39 -8.84
N GLY A 76 -7.25 20.38 -9.81
CA GLY A 76 -6.89 19.97 -11.15
C GLY A 76 -7.96 19.13 -11.82
N PRO A 77 -7.64 18.57 -12.99
CA PRO A 77 -8.57 17.73 -13.76
C PRO A 77 -8.83 16.39 -13.08
N SER A 78 -10.08 15.96 -13.08
CA SER A 78 -10.47 14.70 -12.46
C SER A 78 -10.59 13.60 -13.51
N SER A 79 -9.51 12.84 -13.69
CA SER A 79 -9.50 11.75 -14.66
C SER A 79 -9.65 10.41 -13.98
N GLY A 80 -8.88 10.20 -12.91
CA GLY A 80 -8.93 8.95 -12.18
C GLY A 80 -7.59 8.53 -11.63
N GLY A 1 37.12 2.12 21.35
CA GLY A 1 36.24 1.42 20.43
C GLY A 1 35.79 2.28 19.28
N SER A 2 36.75 2.95 18.63
CA SER A 2 36.45 3.83 17.51
C SER A 2 36.75 3.14 16.18
N SER A 3 35.78 2.36 15.69
CA SER A 3 35.94 1.65 14.43
C SER A 3 35.17 2.34 13.31
N GLY A 4 35.60 2.08 12.07
CA GLY A 4 34.95 2.69 10.93
C GLY A 4 34.55 1.67 9.88
N SER A 5 34.44 2.11 8.63
CA SER A 5 34.07 1.24 7.53
C SER A 5 35.25 0.38 7.10
N SER A 6 35.09 -0.94 7.23
CA SER A 6 36.15 -1.87 6.86
C SER A 6 35.63 -3.30 6.86
N GLY A 7 35.56 -3.91 5.68
CA GLY A 7 35.08 -5.27 5.57
C GLY A 7 33.56 -5.36 5.56
N THR A 8 32.95 -4.78 4.53
CA THR A 8 31.50 -4.79 4.41
C THR A 8 31.07 -5.11 2.98
N SER A 9 30.50 -6.30 2.79
CA SER A 9 30.05 -6.73 1.47
C SER A 9 28.71 -6.10 1.13
N ILE A 10 28.40 -6.04 -0.16
CA ILE A 10 27.15 -5.46 -0.63
C ILE A 10 25.96 -6.28 -0.16
N THR A 11 24.87 -5.60 0.17
CA THR A 11 23.66 -6.27 0.63
C THR A 11 22.51 -6.05 -0.34
N PRO A 12 22.03 -7.15 -0.95
CA PRO A 12 20.92 -7.10 -1.91
C PRO A 12 19.59 -6.78 -1.24
N SER A 13 19.22 -5.50 -1.25
CA SER A 13 17.98 -5.06 -0.64
C SER A 13 16.80 -5.30 -1.58
N SER A 14 15.72 -5.86 -1.04
CA SER A 14 14.53 -6.15 -1.82
C SER A 14 13.88 -4.86 -2.33
N GLN A 15 13.84 -4.71 -3.65
CA GLN A 15 13.25 -3.52 -4.26
C GLN A 15 11.88 -3.23 -3.66
N ASP A 16 11.82 -2.20 -2.83
CA ASP A 16 10.56 -1.81 -2.19
C ASP A 16 9.50 -1.47 -3.24
N ILE A 17 8.46 -2.28 -3.30
CA ILE A 17 7.38 -2.06 -4.26
C ILE A 17 6.02 -2.39 -3.64
N CYS A 18 4.96 -1.91 -4.28
CA CYS A 18 3.60 -2.16 -3.79
C CYS A 18 3.47 -3.56 -3.22
N ARG A 19 2.48 -3.75 -2.36
CA ARG A 19 2.25 -5.04 -1.73
C ARG A 19 0.90 -5.62 -2.17
N ILE A 20 0.03 -4.76 -2.66
CA ILE A 20 -1.30 -5.18 -3.12
C ILE A 20 -1.25 -5.65 -4.58
N CYS A 21 -0.46 -4.96 -5.39
CA CYS A 21 -0.33 -5.31 -6.79
C CYS A 21 1.08 -5.81 -7.11
N HIS A 22 2.05 -5.31 -6.36
CA HIS A 22 3.45 -5.71 -6.55
C HIS A 22 4.03 -5.07 -7.82
N CYS A 23 3.78 -3.78 -7.98
CA CYS A 23 4.28 -3.05 -9.16
C CYS A 23 5.14 -1.87 -8.73
N GLU A 24 5.93 -1.36 -9.68
CA GLU A 24 6.81 -0.22 -9.40
C GLU A 24 5.99 1.00 -8.97
N GLY A 25 6.59 1.83 -8.12
CA GLY A 25 5.90 3.02 -7.64
C GLY A 25 5.67 4.03 -8.75
N ASP A 26 4.41 4.42 -8.95
CA ASP A 26 4.07 5.39 -9.98
C ASP A 26 4.23 6.81 -9.46
N ASP A 27 4.35 7.76 -10.39
CA ASP A 27 4.52 9.16 -10.03
C ASP A 27 3.34 9.66 -9.19
N GLU A 28 2.13 9.27 -9.58
CA GLU A 28 0.93 9.67 -8.86
C GLU A 28 0.57 8.65 -7.79
N SER A 29 0.95 7.40 -8.01
CA SER A 29 0.67 6.33 -7.07
C SER A 29 1.96 5.70 -6.56
N PRO A 30 2.88 6.53 -6.06
CA PRO A 30 4.17 6.07 -5.54
C PRO A 30 4.02 5.28 -4.24
N LEU A 31 5.13 4.70 -3.78
CA LEU A 31 5.12 3.92 -2.55
C LEU A 31 5.19 4.83 -1.33
N ILE A 32 4.03 5.09 -0.72
CA ILE A 32 3.96 5.95 0.46
C ILE A 32 3.55 5.16 1.69
N THR A 33 3.96 5.63 2.86
CA THR A 33 3.62 4.97 4.12
C THR A 33 2.21 5.32 4.55
N PRO A 34 1.31 4.31 4.51
CA PRO A 34 -0.09 4.49 4.90
C PRO A 34 -0.25 4.69 6.41
N CYS A 35 0.53 3.95 7.19
CA CYS A 35 0.48 4.05 8.64
C CYS A 35 1.85 3.80 9.25
N HIS A 36 1.92 3.85 10.58
CA HIS A 36 3.17 3.62 11.29
C HIS A 36 3.83 2.32 10.84
N CYS A 37 3.03 1.26 10.75
CA CYS A 37 3.53 -0.05 10.32
C CYS A 37 4.66 0.12 9.30
N THR A 38 5.90 -0.08 9.77
CA THR A 38 7.06 0.03 8.91
C THR A 38 7.99 -1.17 9.07
N GLY A 39 8.61 -1.58 7.96
CA GLY A 39 9.50 -2.73 7.99
C GLY A 39 9.02 -3.88 7.14
N SER A 40 8.39 -3.56 6.02
CA SER A 40 7.88 -4.57 5.11
C SER A 40 7.32 -3.95 3.83
N LEU A 41 6.73 -4.78 2.98
CA LEU A 41 6.16 -4.29 1.73
C LEU A 41 4.99 -3.35 1.99
N HIS A 42 4.66 -3.16 3.26
CA HIS A 42 3.56 -2.27 3.63
C HIS A 42 3.39 -1.15 2.61
N PHE A 43 4.50 -0.63 2.12
CA PHE A 43 4.48 0.45 1.13
C PHE A 43 3.49 0.12 0.00
N VAL A 44 2.29 0.70 0.09
CA VAL A 44 1.27 0.47 -0.92
C VAL A 44 1.09 1.69 -1.81
N HIS A 45 0.37 1.53 -2.91
CA HIS A 45 0.13 2.62 -3.85
C HIS A 45 -1.06 3.47 -3.39
N GLN A 46 -0.83 4.78 -3.29
CA GLN A 46 -1.88 5.70 -2.86
C GLN A 46 -3.24 5.27 -3.41
N ALA A 47 -3.24 4.77 -4.65
CA ALA A 47 -4.47 4.33 -5.29
C ALA A 47 -4.90 2.95 -4.78
N CYS A 48 -4.07 1.94 -5.06
CA CYS A 48 -4.36 0.58 -4.63
C CYS A 48 -4.99 0.57 -3.23
N LEU A 49 -4.38 1.32 -2.31
CA LEU A 49 -4.88 1.40 -0.94
C LEU A 49 -6.41 1.48 -0.92
N GLN A 50 -6.96 2.36 -1.74
CA GLN A 50 -8.41 2.53 -1.81
C GLN A 50 -9.10 1.19 -2.00
N GLN A 51 -8.73 0.48 -3.06
CA GLN A 51 -9.32 -0.82 -3.35
C GLN A 51 -9.36 -1.70 -2.10
N TRP A 52 -8.29 -1.65 -1.32
CA TRP A 52 -8.20 -2.44 -0.09
C TRP A 52 -9.15 -1.89 0.97
N ILE A 53 -9.19 -0.58 1.11
CA ILE A 53 -10.06 0.06 2.09
C ILE A 53 -11.50 -0.40 1.92
N LYS A 54 -12.02 -0.26 0.70
CA LYS A 54 -13.39 -0.66 0.41
C LYS A 54 -13.59 -2.15 0.62
N SER A 55 -12.65 -2.95 0.10
CA SER A 55 -12.73 -4.40 0.24
C SER A 55 -12.96 -4.80 1.70
N SER A 56 -12.01 -4.43 2.56
CA SER A 56 -12.11 -4.75 3.98
C SER A 56 -12.96 -3.72 4.71
N ASP A 57 -13.74 -2.96 3.95
CA ASP A 57 -14.61 -1.94 4.52
C ASP A 57 -13.96 -1.30 5.74
N THR A 58 -12.66 -1.04 5.65
CA THR A 58 -11.92 -0.44 6.76
C THR A 58 -10.99 0.65 6.26
N ARG A 59 -11.23 1.88 6.70
CA ARG A 59 -10.41 3.02 6.30
C ARG A 59 -9.09 3.03 7.07
N CYS A 60 -9.14 2.67 8.35
CA CYS A 60 -7.95 2.64 9.18
C CYS A 60 -7.26 1.28 9.10
N CYS A 61 -6.10 1.18 9.73
CA CYS A 61 -5.33 -0.06 9.73
C CYS A 61 -6.10 -1.17 10.45
N GLU A 62 -5.61 -2.40 10.33
CA GLU A 62 -6.25 -3.54 10.98
C GLU A 62 -5.59 -3.84 12.33
N LEU A 63 -4.33 -3.47 12.46
CA LEU A 63 -3.58 -3.70 13.68
C LEU A 63 -3.45 -2.41 14.49
N CYS A 64 -2.73 -1.44 13.94
CA CYS A 64 -2.53 -0.16 14.59
C CYS A 64 -3.76 0.73 14.44
N LYS A 65 -4.70 0.29 13.62
CA LYS A 65 -5.93 1.04 13.38
C LYS A 65 -5.61 2.52 13.14
N TYR A 66 -4.66 2.79 12.26
CA TYR A 66 -4.26 4.15 11.95
C TYR A 66 -4.92 4.63 10.66
N GLU A 67 -5.61 5.76 10.74
CA GLU A 67 -6.29 6.32 9.58
C GLU A 67 -5.31 6.55 8.43
N PHE A 68 -5.57 5.89 7.30
CA PHE A 68 -4.71 6.00 6.13
C PHE A 68 -4.95 7.34 5.42
N ILE A 69 -4.08 7.66 4.48
CA ILE A 69 -4.20 8.90 3.72
C ILE A 69 -5.28 8.79 2.66
N MET A 70 -6.50 9.18 3.01
CA MET A 70 -7.62 9.13 2.09
C MET A 70 -8.17 10.53 1.81
N GLU A 71 -8.35 10.85 0.54
CA GLU A 71 -8.87 12.16 0.15
C GLU A 71 -10.33 12.31 0.56
N THR A 72 -10.65 13.43 1.21
CA THR A 72 -12.00 13.70 1.66
C THR A 72 -12.98 13.68 0.49
N LYS A 73 -12.73 14.52 -0.51
CA LYS A 73 -13.59 14.58 -1.69
C LYS A 73 -12.78 14.43 -2.97
N LEU A 74 -12.97 13.31 -3.65
CA LEU A 74 -12.26 13.05 -4.90
C LEU A 74 -13.08 13.46 -6.10
N SER A 75 -12.48 13.40 -7.29
CA SER A 75 -13.16 13.77 -8.52
C SER A 75 -13.18 12.60 -9.50
N GLY A 76 -14.16 11.72 -9.34
CA GLY A 76 -14.27 10.56 -10.22
C GLY A 76 -15.17 10.83 -11.41
N PRO A 77 -14.56 10.98 -12.60
CA PRO A 77 -15.29 11.23 -13.84
C PRO A 77 -16.11 10.03 -14.30
N SER A 78 -16.09 8.98 -13.49
CA SER A 78 -16.84 7.76 -13.81
C SER A 78 -18.25 8.09 -14.29
N SER A 79 -18.38 8.27 -15.60
CA SER A 79 -19.68 8.60 -16.19
C SER A 79 -20.22 7.42 -17.02
N GLY A 80 -20.06 6.21 -16.48
CA GLY A 80 -20.54 5.03 -17.18
C GLY A 80 -20.16 3.76 -16.46
#